data_9D45
#
_entry.id   9D45
#
_cell.length_a   1.00
_cell.length_b   1.00
_cell.length_c   1.00
_cell.angle_alpha   90.00
_cell.angle_beta   90.00
_cell.angle_gamma   90.00
#
_symmetry.space_group_name_H-M   'P 1'
#
loop_
_entity.id
_entity.type
_entity.pdbx_description
1 polymer 'Protein MSN5'
2 polymer 'GTP-binding nuclear protein GSP1/CNR1'
3 polymer 'Phosphate system positive regulatory protein PHO4'
4 non-polymer "GUANOSINE-5'-TRIPHOSPHATE"
5 non-polymer 'MAGNESIUM ION'
#
loop_
_entity_poly.entity_id
_entity_poly.type
_entity_poly.pdbx_seq_one_letter_code
_entity_poly.pdbx_strand_id
1 'polypeptide(L)'
;MDSTGASQIVSALDVIYSPKSNNSQRQEAQKFLDEVKLCSESPFWGYEIALQNPTNSILKYFGLGLLDHAVKKNWNDYDE
GKRVALRKWVMELNFGVQDYDTRYIKEKLATLWVEVAKRTWGEALKQTNPTEEQLLTSWVDMDNNLFELWNINQSSRELA
LIIFRILFEDVFLLDDLIVLKRMTVIQPLCVMIVCPIEVFAIKYKFSDKWTKFKANEEGWFSVWIPELNNALQQNNSEYI
IRLLETLKTCLNWPLTEVIVRNDVLSSLLTCLSSNIPRAQSMALDSIHILLTRPYSNESHYQMTIDRVFDNMDLLDSVYE
SLLFDPTDDIDETKYPIIKKFVDMISCLYVCVPKIKETNGQIQKYFKLVLKTTYNPSLIVSGLTLDLWCTCLRNDEYLPK
LEKYVIPDLLQFAADALVYYEQIDGHISKKFAEIDFQSKSEFQTFCSTYRKRIRDIIRLISCVELDLTYDWLNNRLNNYF
SSPFGQQVLSSTFLDHKLEPYLGALSQYMIVECFINGCIRWKIWYPTGDDYDEKLDSILQKLEILSNQLIALNLREPLLL
KKQIQNFALFLTMLKDNVLFTLLEKIITSATMDYPEINLEERGAESDAVRDLRYACGIELNRMALLMPESLKKIYPDLES
VIARIMPNLSYHEKISFKSFLLIIVLKSSLDMKEERFAAIVDPELLAWSDKTTVVGLSDLHWFMERLGIVQIAEYFQRRD
IDENSDLLSIPIDDEGKELKSELTKRWQSLFPVRATRMFIHYSMQSIKTDEEFKMLQDLWRPRIVPILPYITRLLYQLQS
YHDPDNWKGLPTVVQSFVKYSTIERFWEAGASNKSKDEFIDEHMKAMQTLRDFADSVGHIIRYTREYTLLVLSAISSLGS
VFYLLDESPDLLLNSIAIFKPGSNEISPGVSTHGWKHIMNIAIRPILKGCPKDCLGKFMPAFLPKLFEILDLLLCQKWSS
HMNDMDMNPVPTDDDQMTEEILEENLLRQLTTVVVRIVIDCVGQGNANPNSAKSRLNNHQMEMRKIIFNDLNTLAPFLKL
LNHLISFKDTKCSFNSILVMKCCLTSVLNQNNTVDEYFTFEVMKNLLLNVLCNSAFKDSFHEALYAFTVIFLTLCKEYPS
ARAFLFEISNGYNIDELYRNLRSVDEYKTQRALMIDFIDWVKSTSGKEDGNVDHAGDERKRQEKREAILKKANERLIKKN
KENGDMLDDPNIEDGAVGNLFDDNENLYFQ
;
A
2 'polypeptide(L)'
;MASAPAANGEVPTFKLVLVGDGGTGKTTFVKRHLTGEFEKKYIATIGVEVHPLSFYTNFGEIKFDVWDTAGLEKFGGLRD
GYYINAQCAIIMFDVTSRITYKNVPNWHRDLVRVCENIPIVLCGNKVDVKERKVKAKTITFHRKKNLQYYDISAKSNYNF
EKPFLWLARKLAGNPQLEFVENLYFQ
;
B
3 'polypeptide(L)'
;GSMGRTTSEGIHGFVDDLEPKSSILDKVGDFITVNTKRHDGREDFNEQNDELNSQENHNSSENGNENENEQDSLALDDLD
RAFELVEGMDMDWMMPSHAHH(SEP)PATTATIKPRLLY(SEP)PLIHTQSAVPVTI(SEP)PNLVATATSTTSANKVTK
NKSNS(SEP)PYLNKRRGKPGPDSATSLFELPDSVIPTPKPKPKPKQYPKVILPSNST
;
C
#
loop_
_chem_comp.id
_chem_comp.type
_chem_comp.name
_chem_comp.formula
GTP non-polymer GUANOSINE-5'-TRIPHOSPHATE 'C10 H16 N5 O14 P3'
MG non-polymer 'MAGNESIUM ION' 'Mg 2'
#
# COMPACT_ATOMS: atom_id res chain seq x y z
N GLY A 5 -27.17 -5.49 47.12
CA GLY A 5 -28.55 -5.59 46.72
C GLY A 5 -28.76 -5.52 45.22
N ALA A 6 -29.77 -6.26 44.73
CA ALA A 6 -30.03 -6.27 43.29
C ALA A 6 -30.63 -4.95 42.81
N SER A 7 -31.35 -4.24 43.68
CA SER A 7 -31.96 -2.98 43.28
C SER A 7 -30.90 -1.94 42.91
N GLN A 8 -29.78 -1.93 43.65
CA GLN A 8 -28.69 -1.02 43.29
C GLN A 8 -28.13 -1.35 41.92
N ILE A 9 -28.00 -2.64 41.60
CA ILE A 9 -27.50 -3.04 40.29
C ILE A 9 -28.48 -2.61 39.19
N VAL A 10 -29.78 -2.78 39.45
CA VAL A 10 -30.78 -2.37 38.46
C VAL A 10 -30.71 -0.86 38.24
N SER A 11 -30.60 -0.08 39.31
CA SER A 11 -30.50 1.36 39.18
C SER A 11 -29.25 1.77 38.43
N ALA A 12 -28.12 1.11 38.72
CA ALA A 12 -26.88 1.42 38.02
C ALA A 12 -26.99 1.11 36.53
N LEU A 13 -27.62 -0.02 36.19
CA LEU A 13 -27.81 -0.36 34.78
C LEU A 13 -28.71 0.64 34.09
N ASP A 14 -29.79 1.06 34.76
CA ASP A 14 -30.68 2.06 34.18
C ASP A 14 -29.95 3.38 33.96
N VAL A 15 -29.09 3.77 34.91
CA VAL A 15 -28.32 5.00 34.75
C VAL A 15 -27.35 4.87 33.58
N ILE A 16 -26.64 3.75 33.49
CA ILE A 16 -25.60 3.60 32.47
C ILE A 16 -26.19 3.36 31.08
N TYR A 17 -27.46 2.95 30.99
CA TYR A 17 -28.08 2.69 29.69
C TYR A 17 -28.98 3.80 29.21
N SER A 18 -29.56 4.59 30.11
CA SER A 18 -30.43 5.69 29.70
C SER A 18 -29.61 6.76 28.98
N PRO A 19 -30.14 7.33 27.88
CA PRO A 19 -29.40 8.37 27.17
C PRO A 19 -29.40 9.71 27.87
N LYS A 20 -30.36 9.97 28.77
CA LYS A 20 -30.43 11.26 29.44
C LYS A 20 -29.35 11.44 30.50
N SER A 21 -28.75 10.34 30.97
CA SER A 21 -27.74 10.43 32.02
C SER A 21 -26.47 11.09 31.48
N ASN A 22 -25.89 11.96 32.29
CA ASN A 22 -24.65 12.62 31.93
C ASN A 22 -23.48 11.64 32.06
N ASN A 23 -22.33 12.06 31.52
CA ASN A 23 -21.17 11.16 31.50
C ASN A 23 -20.65 10.87 32.90
N SER A 24 -20.66 11.86 33.79
CA SER A 24 -20.16 11.64 35.15
C SER A 24 -21.03 10.63 35.91
N GLN A 25 -22.35 10.75 35.78
CA GLN A 25 -23.25 9.79 36.42
C GLN A 25 -23.05 8.39 35.84
N ARG A 26 -22.87 8.31 34.52
CA ARG A 26 -22.59 7.03 33.89
C ARG A 26 -21.30 6.43 34.42
N GLN A 27 -20.27 7.25 34.60
CA GLN A 27 -18.99 6.75 35.10
C GLN A 27 -19.11 6.28 36.54
N GLU A 28 -19.89 7.00 37.36
CA GLU A 28 -20.12 6.56 38.74
C GLU A 28 -20.85 5.22 38.78
N ALA A 29 -21.88 5.06 37.94
CA ALA A 29 -22.60 3.79 37.88
C ALA A 29 -21.69 2.67 37.41
N GLN A 30 -20.83 2.96 36.42
CA GLN A 30 -19.90 1.94 35.94
C GLN A 30 -18.90 1.56 37.01
N LYS A 31 -18.42 2.53 37.80
CA LYS A 31 -17.52 2.23 38.90
C LYS A 31 -18.20 1.35 39.94
N PHE A 32 -19.46 1.63 40.25
CA PHE A 32 -20.20 0.78 41.18
C PHE A 32 -20.34 -0.64 40.63
N LEU A 33 -20.65 -0.76 39.34
CA LEU A 33 -20.76 -2.10 38.74
C LEU A 33 -19.43 -2.82 38.76
N ASP A 34 -18.33 -2.11 38.51
CA ASP A 34 -17.01 -2.73 38.55
C ASP A 34 -16.67 -3.23 39.95
N GLU A 35 -16.97 -2.42 40.98
CA GLU A 35 -16.70 -2.88 42.34
C GLU A 35 -17.61 -4.03 42.73
N VAL A 36 -18.80 -4.09 42.14
CA VAL A 36 -19.67 -5.25 42.34
C VAL A 36 -19.06 -6.50 41.70
N LYS A 37 -18.46 -6.33 40.53
CA LYS A 37 -17.89 -7.48 39.81
C LYS A 37 -16.76 -8.14 40.58
N LEU A 38 -15.97 -7.35 41.33
CA LEU A 38 -14.82 -7.90 42.06
C LEU A 38 -15.22 -8.64 43.32
N CYS A 39 -16.48 -8.61 43.71
CA CYS A 39 -16.92 -9.31 44.90
C CYS A 39 -16.71 -10.82 44.76
N SER A 40 -16.38 -11.47 45.87
CA SER A 40 -16.12 -12.91 45.85
C SER A 40 -17.38 -13.72 45.56
N GLU A 41 -18.56 -13.11 45.68
CA GLU A 41 -19.82 -13.79 45.37
C GLU A 41 -20.35 -13.41 44.00
N SER A 42 -19.51 -12.83 43.14
CA SER A 42 -19.96 -12.43 41.81
C SER A 42 -20.53 -13.58 40.97
N PRO A 43 -19.95 -14.79 40.95
CA PRO A 43 -20.58 -15.85 40.13
C PRO A 43 -21.97 -16.24 40.62
N PHE A 44 -22.14 -16.45 41.93
CA PHE A 44 -23.44 -16.81 42.46
C PHE A 44 -24.44 -15.68 42.27
N TRP A 45 -23.99 -14.43 42.48
CA TRP A 45 -24.87 -13.28 42.26
C TRP A 45 -25.31 -13.20 40.81
N GLY A 46 -24.38 -13.42 39.87
CA GLY A 46 -24.75 -13.41 38.47
C GLY A 46 -25.72 -14.51 38.10
N TYR A 47 -25.51 -15.71 38.64
CA TYR A 47 -26.43 -16.81 38.39
C TYR A 47 -27.82 -16.49 38.93
N GLU A 48 -27.89 -15.95 40.15
CA GLU A 48 -29.18 -15.57 40.72
C GLU A 48 -29.85 -14.49 39.91
N ILE A 49 -29.07 -13.51 39.45
CA ILE A 49 -29.62 -12.42 38.64
C ILE A 49 -30.20 -12.97 37.33
N ALA A 50 -29.46 -13.87 36.69
CA ALA A 50 -29.93 -14.44 35.43
C ALA A 50 -31.15 -15.34 35.62
N LEU A 51 -31.25 -16.01 36.77
CA LEU A 51 -32.33 -16.97 36.98
C LEU A 51 -33.62 -16.33 37.48
N GLN A 52 -33.52 -15.35 38.39
CA GLN A 52 -34.70 -14.85 39.09
C GLN A 52 -35.66 -14.14 38.14
N ASN A 53 -35.15 -13.20 37.33
CA ASN A 53 -35.99 -12.36 36.48
C ASN A 53 -35.51 -12.44 35.03
N PRO A 54 -36.02 -13.41 34.28
CA PRO A 54 -35.71 -13.46 32.84
C PRO A 54 -36.37 -12.35 32.02
N THR A 55 -37.34 -11.63 32.59
CA THR A 55 -38.02 -10.58 31.85
C THR A 55 -37.07 -9.44 31.47
N ASN A 56 -36.20 -9.05 32.39
CA ASN A 56 -35.26 -7.96 32.14
C ASN A 56 -34.06 -8.53 31.38
N SER A 57 -34.02 -8.29 30.07
CA SER A 57 -32.96 -8.83 29.23
C SER A 57 -31.60 -8.24 29.59
N ILE A 58 -31.56 -6.93 29.85
CA ILE A 58 -30.28 -6.28 30.15
C ILE A 58 -29.71 -6.78 31.47
N LEU A 59 -30.56 -6.91 32.49
CA LEU A 59 -30.08 -7.41 33.78
C LEU A 59 -29.62 -8.85 33.67
N LYS A 60 -30.35 -9.67 32.92
CA LYS A 60 -29.93 -11.06 32.72
C LYS A 60 -28.59 -11.11 31.98
N TYR A 61 -28.40 -10.25 30.99
CA TYR A 61 -27.12 -10.19 30.29
C TYR A 61 -26.00 -9.76 31.22
N PHE A 62 -26.28 -8.84 32.14
CA PHE A 62 -25.27 -8.44 33.11
C PHE A 62 -24.90 -9.60 34.04
N GLY A 63 -25.89 -10.36 34.47
CA GLY A 63 -25.60 -11.54 35.29
C GLY A 63 -24.77 -12.57 34.54
N LEU A 64 -25.11 -12.81 33.27
CA LEU A 64 -24.33 -13.72 32.45
C LEU A 64 -22.91 -13.20 32.25
N GLY A 65 -22.76 -11.88 32.13
CA GLY A 65 -21.43 -11.31 32.04
C GLY A 65 -20.63 -11.48 33.32
N LEU A 66 -21.30 -11.38 34.47
CA LEU A 66 -20.64 -11.68 35.73
C LEU A 66 -20.17 -13.13 35.77
N LEU A 67 -21.01 -14.05 35.30
CA LEU A 67 -20.61 -15.45 35.23
C LEU A 67 -19.44 -15.64 34.27
N ASP A 68 -19.46 -14.93 33.15
CA ASP A 68 -18.35 -15.02 32.19
C ASP A 68 -17.05 -14.53 32.80
N HIS A 69 -17.11 -13.41 33.53
CA HIS A 69 -15.91 -12.91 34.19
C HIS A 69 -15.41 -13.90 35.24
N ALA A 70 -16.33 -14.53 35.97
CA ALA A 70 -15.94 -15.52 36.97
C ALA A 70 -15.25 -16.71 36.32
N VAL A 71 -15.79 -17.17 35.18
CA VAL A 71 -15.24 -18.36 34.52
C VAL A 71 -14.03 -18.07 33.67
N LYS A 72 -13.76 -16.80 33.35
CA LYS A 72 -12.66 -16.44 32.46
C LYS A 72 -11.43 -15.93 33.20
N LYS A 73 -11.61 -15.19 34.30
CA LYS A 73 -10.50 -14.60 35.02
C LYS A 73 -10.16 -15.36 36.31
N ASN A 74 -11.18 -15.71 37.09
CA ASN A 74 -10.97 -16.36 38.38
C ASN A 74 -11.06 -17.88 38.30
N TRP A 75 -10.93 -18.45 37.10
CA TRP A 75 -11.06 -19.90 36.95
C TRP A 75 -9.94 -20.64 37.66
N ASN A 76 -8.70 -20.13 37.58
CA ASN A 76 -7.57 -20.83 38.19
C ASN A 76 -7.67 -20.85 39.71
N ASP A 77 -8.28 -19.82 40.31
CA ASP A 77 -8.36 -19.76 41.76
C ASP A 77 -9.38 -20.75 42.31
N TYR A 78 -10.43 -21.04 41.56
CA TYR A 78 -11.50 -21.91 42.06
C TYR A 78 -11.01 -23.34 42.22
N ASP A 79 -11.52 -24.00 43.26
CA ASP A 79 -11.22 -25.41 43.48
C ASP A 79 -12.15 -26.28 42.63
N GLU A 80 -12.03 -27.60 42.81
CA GLU A 80 -12.82 -28.52 42.01
C GLU A 80 -14.31 -28.36 42.29
N GLY A 81 -14.69 -28.22 43.56
CA GLY A 81 -16.10 -28.05 43.90
C GLY A 81 -16.67 -26.78 43.33
N LYS A 82 -15.94 -25.67 43.43
CA LYS A 82 -16.40 -24.41 42.87
C LYS A 82 -16.55 -24.50 41.35
N ARG A 83 -15.60 -25.15 40.69
CA ARG A 83 -15.70 -25.32 39.24
C ARG A 83 -16.90 -26.16 38.86
N VAL A 84 -17.17 -27.23 39.61
CA VAL A 84 -18.33 -28.07 39.32
C VAL A 84 -19.62 -27.29 39.55
N ALA A 85 -19.68 -26.50 40.61
CA ALA A 85 -20.86 -25.69 40.88
C ALA A 85 -21.08 -24.66 39.77
N LEU A 86 -20.00 -24.03 39.31
CA LEU A 86 -20.12 -23.07 38.21
C LEU A 86 -20.61 -23.75 36.93
N ARG A 87 -20.09 -24.94 36.64
CA ARG A 87 -20.55 -25.69 35.48
C ARG A 87 -22.03 -26.03 35.60
N LYS A 88 -22.46 -26.43 36.81
CA LYS A 88 -23.87 -26.75 37.01
C LYS A 88 -24.75 -25.53 36.84
N TRP A 89 -24.30 -24.37 37.32
CA TRP A 89 -25.07 -23.14 37.12
C TRP A 89 -25.19 -22.81 35.64
N VAL A 90 -24.08 -22.92 34.90
CA VAL A 90 -24.12 -22.63 33.46
C VAL A 90 -25.06 -23.59 32.76
N MET A 91 -24.99 -24.88 33.09
CA MET A 91 -25.86 -25.86 32.47
C MET A 91 -27.32 -25.60 32.78
N GLU A 92 -27.63 -25.24 34.03
CA GLU A 92 -29.01 -24.95 34.41
C GLU A 92 -29.54 -23.73 33.66
N LEU A 93 -28.71 -22.69 33.54
CA LEU A 93 -29.15 -21.51 32.79
C LEU A 93 -29.36 -21.82 31.31
N ASN A 94 -28.48 -22.66 30.73
CA ASN A 94 -28.65 -23.03 29.34
C ASN A 94 -29.91 -23.86 29.13
N PHE A 95 -30.22 -24.77 30.06
CA PHE A 95 -31.41 -25.59 29.94
C PHE A 95 -32.70 -24.79 30.12
N GLY A 96 -32.61 -23.59 30.70
CA GLY A 96 -33.78 -22.80 30.97
C GLY A 96 -34.15 -21.82 29.86
N VAL A 97 -33.59 -22.03 28.67
CA VAL A 97 -33.84 -21.11 27.55
C VAL A 97 -35.27 -21.26 27.08
N GLN A 98 -35.96 -20.13 26.94
CA GLN A 98 -37.33 -20.08 26.46
C GLN A 98 -37.40 -19.23 25.20
N ASP A 99 -38.62 -19.00 24.70
CA ASP A 99 -38.79 -18.25 23.47
C ASP A 99 -38.55 -16.75 23.66
N TYR A 100 -38.82 -16.23 24.85
CA TYR A 100 -38.68 -14.79 25.08
C TYR A 100 -37.22 -14.34 25.14
N ASP A 101 -36.28 -15.26 25.29
CA ASP A 101 -34.87 -14.89 25.35
C ASP A 101 -34.41 -14.32 24.01
N THR A 102 -33.73 -13.18 24.05
CA THR A 102 -33.24 -12.56 22.84
C THR A 102 -32.05 -13.34 22.28
N ARG A 103 -31.63 -12.96 21.08
CA ARG A 103 -30.54 -13.65 20.41
C ARG A 103 -29.23 -13.51 21.19
N TYR A 104 -28.94 -12.31 21.69
CA TYR A 104 -27.68 -12.11 22.41
C TYR A 104 -27.66 -12.84 23.74
N ILE A 105 -28.82 -13.03 24.37
CA ILE A 105 -28.86 -13.84 25.58
C ILE A 105 -28.45 -15.27 25.27
N LYS A 106 -28.98 -15.83 24.17
CA LYS A 106 -28.60 -17.17 23.76
C LYS A 106 -27.11 -17.24 23.43
N GLU A 107 -26.59 -16.22 22.75
CA GLU A 107 -25.17 -16.19 22.42
C GLU A 107 -24.31 -16.16 23.68
N LYS A 108 -24.72 -15.38 24.68
CA LYS A 108 -23.95 -15.31 25.92
C LYS A 108 -24.00 -16.64 26.67
N LEU A 109 -25.17 -17.29 26.70
CA LEU A 109 -25.27 -18.60 27.35
C LEU A 109 -24.40 -19.63 26.64
N ALA A 110 -24.39 -19.59 25.30
CA ALA A 110 -23.52 -20.48 24.54
C ALA A 110 -22.05 -20.18 24.83
N THR A 111 -21.71 -18.90 24.98
CA THR A 111 -20.33 -18.54 25.32
C THR A 111 -19.94 -19.10 26.68
N LEU A 112 -20.85 -19.02 27.66
CA LEU A 112 -20.57 -19.59 28.98
C LEU A 112 -20.34 -21.10 28.87
N TRP A 113 -21.23 -21.79 28.13
CA TRP A 113 -21.09 -23.23 27.98
C TRP A 113 -19.77 -23.59 27.31
N VAL A 114 -19.40 -22.85 26.27
CA VAL A 114 -18.18 -23.16 25.53
C VAL A 114 -16.94 -22.88 26.38
N GLU A 115 -16.96 -21.81 27.18
CA GLU A 115 -15.84 -21.53 28.06
C GLU A 115 -15.67 -22.63 29.10
N VAL A 116 -16.78 -23.05 29.72
CA VAL A 116 -16.71 -24.12 30.72
C VAL A 116 -16.21 -25.41 30.08
N ALA A 117 -16.67 -25.70 28.86
CA ALA A 117 -16.21 -26.90 28.17
C ALA A 117 -14.72 -26.84 27.87
N LYS A 118 -14.26 -25.72 27.30
CA LYS A 118 -12.85 -25.58 26.97
C LYS A 118 -11.97 -25.69 28.21
N ARG A 119 -12.47 -25.26 29.36
CA ARG A 119 -11.69 -25.34 30.58
C ARG A 119 -11.92 -26.61 31.38
N THR A 120 -12.85 -27.47 30.97
CA THR A 120 -13.10 -28.70 31.72
C THR A 120 -13.07 -29.97 30.87
N TRP A 121 -13.54 -29.90 29.62
CA TRP A 121 -13.75 -31.10 28.84
C TRP A 121 -12.43 -31.80 28.52
N GLY A 122 -12.38 -33.10 28.73
CA GLY A 122 -11.23 -33.91 28.35
C GLY A 122 -10.10 -33.95 29.35
N GLU A 123 -10.28 -33.45 30.57
CA GLU A 123 -9.19 -33.44 31.53
C GLU A 123 -8.79 -34.85 31.93
N ALA A 124 -9.76 -35.74 32.17
CA ALA A 124 -9.48 -37.08 32.64
C ALA A 124 -8.96 -38.02 31.55
N LEU A 125 -9.02 -37.60 30.28
CA LEU A 125 -8.58 -38.45 29.19
C LEU A 125 -7.07 -38.58 29.08
N LYS A 126 -6.31 -37.77 29.82
CA LYS A 126 -4.86 -37.86 29.83
C LYS A 126 -4.33 -38.86 30.84
N GLN A 127 -5.20 -39.54 31.57
CA GLN A 127 -4.81 -40.51 32.58
C GLN A 127 -5.41 -41.87 32.24
N THR A 128 -4.67 -42.93 32.54
CA THR A 128 -5.16 -44.29 32.32
C THR A 128 -6.34 -44.58 33.25
N ASN A 129 -7.33 -45.31 32.70
CA ASN A 129 -8.55 -45.80 33.33
C ASN A 129 -9.05 -44.88 34.45
N PRO A 130 -9.39 -43.63 34.14
CA PRO A 130 -9.79 -42.69 35.19
C PRO A 130 -11.05 -43.13 35.92
N THR A 131 -11.10 -42.79 37.20
CA THR A 131 -12.26 -43.14 38.02
C THR A 131 -13.44 -42.23 37.67
N GLU A 132 -14.60 -42.57 38.24
CA GLU A 132 -15.81 -41.81 37.95
C GLU A 132 -15.71 -40.38 38.46
N GLU A 133 -14.96 -40.15 39.54
CA GLU A 133 -14.77 -38.79 40.03
C GLU A 133 -14.05 -37.92 39.00
N GLN A 134 -12.98 -38.45 38.41
CA GLN A 134 -12.25 -37.70 37.40
C GLN A 134 -13.08 -37.50 36.13
N LEU A 135 -13.87 -38.52 35.76
CA LEU A 135 -14.74 -38.39 34.60
C LEU A 135 -15.79 -37.30 34.83
N LEU A 136 -16.39 -37.27 36.02
CA LEU A 136 -17.35 -36.23 36.33
C LEU A 136 -16.70 -34.86 36.36
N THR A 137 -15.46 -34.78 36.86
CA THR A 137 -14.72 -33.52 36.82
C THR A 137 -14.47 -33.08 35.39
N SER A 138 -14.16 -34.02 34.50
CA SER A 138 -13.83 -33.72 33.12
C SER A 138 -15.05 -33.54 32.24
N TRP A 139 -16.26 -33.49 32.81
CA TRP A 139 -17.50 -33.29 32.07
C TRP A 139 -17.69 -34.38 31.00
N VAL A 140 -17.80 -35.62 31.48
CA VAL A 140 -17.99 -36.74 30.57
C VAL A 140 -19.34 -36.66 29.86
N ASP A 141 -20.36 -36.12 30.53
CA ASP A 141 -21.71 -36.11 30.01
C ASP A 141 -22.01 -34.88 29.14
N MET A 142 -20.99 -34.22 28.60
CA MET A 142 -21.22 -33.09 27.72
C MET A 142 -22.06 -33.48 26.52
N ASP A 143 -21.64 -34.53 25.80
CA ASP A 143 -22.37 -34.93 24.60
C ASP A 143 -23.79 -35.37 24.94
N ASN A 144 -23.96 -36.09 26.04
CA ASN A 144 -25.30 -36.49 26.47
C ASN A 144 -26.13 -35.27 26.85
N ASN A 145 -25.56 -34.33 27.60
CA ASN A 145 -26.29 -33.12 27.96
C ASN A 145 -26.58 -32.27 26.73
N LEU A 146 -25.62 -32.15 25.81
CA LEU A 146 -25.84 -31.35 24.62
C LEU A 146 -26.92 -31.95 23.73
N PHE A 147 -26.96 -33.27 23.62
CA PHE A 147 -28.05 -33.93 22.91
C PHE A 147 -29.38 -33.76 23.64
N GLU A 148 -29.34 -33.75 24.97
CA GLU A 148 -30.56 -33.48 25.75
C GLU A 148 -31.07 -32.08 25.48
N LEU A 149 -30.16 -31.10 25.40
CA LEU A 149 -30.56 -29.73 25.06
C LEU A 149 -31.13 -29.65 23.65
N TRP A 150 -30.70 -30.56 22.78
CA TRP A 150 -31.18 -30.57 21.39
C TRP A 150 -32.66 -30.88 21.28
N ASN A 151 -33.26 -31.48 22.32
CA ASN A 151 -34.64 -31.93 22.26
C ASN A 151 -35.57 -31.22 23.22
N ILE A 152 -35.08 -30.25 24.00
CA ILE A 152 -35.94 -29.57 24.97
C ILE A 152 -37.02 -28.77 24.26
N ASN A 153 -36.62 -27.94 23.30
CA ASN A 153 -37.54 -27.16 22.48
C ASN A 153 -36.75 -26.55 21.32
N GLN A 154 -37.46 -25.84 20.44
CA GLN A 154 -36.81 -25.21 19.30
C GLN A 154 -35.89 -24.06 19.70
N SER A 155 -36.21 -23.35 20.77
CA SER A 155 -35.29 -22.34 21.28
C SER A 155 -34.02 -22.99 21.82
N SER A 156 -34.18 -24.11 22.54
CA SER A 156 -33.02 -24.89 22.94
C SER A 156 -32.29 -25.47 21.73
N ARG A 157 -33.02 -25.76 20.65
CA ARG A 157 -32.40 -26.19 19.41
C ARG A 157 -31.45 -25.13 18.88
N GLU A 158 -31.94 -23.88 18.80
CA GLU A 158 -31.09 -22.78 18.35
C GLU A 158 -29.91 -22.57 19.30
N LEU A 159 -30.16 -22.70 20.61
CA LEU A 159 -29.07 -22.54 21.58
C LEU A 159 -27.99 -23.60 21.37
N ALA A 160 -28.40 -24.86 21.14
CA ALA A 160 -27.42 -25.92 20.90
C ALA A 160 -26.65 -25.67 19.61
N LEU A 161 -27.34 -25.18 18.58
CA LEU A 161 -26.62 -24.85 17.35
C LEU A 161 -25.58 -23.76 17.57
N ILE A 162 -25.93 -22.73 18.35
CA ILE A 162 -24.98 -21.67 18.65
C ILE A 162 -23.81 -22.23 19.47
N ILE A 163 -24.10 -23.14 20.40
CA ILE A 163 -23.05 -23.74 21.21
C ILE A 163 -22.06 -24.48 20.33
N PHE A 164 -22.58 -25.29 19.39
CA PHE A 164 -21.71 -26.02 18.48
C PHE A 164 -20.89 -25.07 17.62
N ARG A 165 -21.53 -24.01 17.10
CA ARG A 165 -20.81 -23.05 16.28
C ARG A 165 -19.65 -22.42 17.03
N ILE A 166 -19.92 -21.92 18.25
CA ILE A 166 -18.89 -21.25 19.02
C ILE A 166 -17.78 -22.23 19.39
N LEU A 167 -18.16 -23.45 19.82
CA LEU A 167 -17.16 -24.43 20.22
C LEU A 167 -16.23 -24.77 19.07
N PHE A 168 -16.79 -25.13 17.92
CA PHE A 168 -15.95 -25.50 16.78
C PHE A 168 -15.12 -24.34 16.29
N GLU A 169 -15.71 -23.13 16.26
CA GLU A 169 -14.97 -21.95 15.83
C GLU A 169 -13.75 -21.72 16.72
N ASP A 170 -13.96 -21.72 18.04
CA ASP A 170 -12.85 -21.50 18.96
C ASP A 170 -11.81 -22.60 18.87
N VAL A 171 -12.25 -23.85 18.74
CA VAL A 171 -11.30 -24.97 18.76
C VAL A 171 -10.44 -24.99 17.49
N PHE A 172 -11.06 -24.78 16.33
CA PHE A 172 -10.35 -24.94 15.06
C PHE A 172 -10.07 -23.64 14.35
N LEU A 173 -11.08 -22.81 14.10
CA LEU A 173 -10.89 -21.64 13.26
C LEU A 173 -10.03 -20.58 13.95
N LEU A 174 -10.25 -20.37 15.25
CA LEU A 174 -9.55 -19.35 16.00
C LEU A 174 -8.38 -19.94 16.77
N ASP A 175 -7.33 -19.14 16.94
CA ASP A 175 -6.14 -19.56 17.69
C ASP A 175 -6.28 -19.16 19.16
N ASP A 176 -7.30 -19.73 19.80
CA ASP A 176 -7.54 -19.45 21.21
C ASP A 176 -6.43 -20.07 22.07
N LEU A 177 -6.08 -19.36 23.16
CA LEU A 177 -4.94 -19.79 23.97
C LEU A 177 -5.28 -21.01 24.82
N ILE A 178 -6.49 -21.06 25.39
CA ILE A 178 -6.86 -22.13 26.30
C ILE A 178 -6.89 -23.47 25.58
N VAL A 179 -7.51 -23.49 24.39
CA VAL A 179 -7.58 -24.74 23.63
C VAL A 179 -6.19 -25.15 23.13
N LEU A 180 -5.34 -24.17 22.80
CA LEU A 180 -3.99 -24.48 22.35
C LEU A 180 -3.20 -25.25 23.40
N LYS A 181 -3.48 -25.01 24.68
CA LYS A 181 -2.79 -25.74 25.73
C LYS A 181 -3.23 -27.20 25.79
N ARG A 182 -4.46 -27.48 25.40
CA ARG A 182 -5.03 -28.83 25.47
C ARG A 182 -5.63 -29.23 24.13
N MET A 183 -4.94 -28.90 23.03
CA MET A 183 -5.44 -29.21 21.71
C MET A 183 -5.55 -30.72 21.49
N THR A 184 -4.56 -31.48 21.94
CA THR A 184 -4.44 -32.89 21.63
C THR A 184 -5.54 -33.73 22.25
N VAL A 185 -6.33 -33.17 23.17
CA VAL A 185 -7.47 -33.86 23.74
C VAL A 185 -8.79 -33.26 23.25
N ILE A 186 -8.82 -31.93 23.07
CA ILE A 186 -10.05 -31.27 22.67
C ILE A 186 -10.41 -31.62 21.23
N GLN A 187 -9.44 -31.51 20.31
CA GLN A 187 -9.74 -31.74 18.90
C GLN A 187 -10.22 -33.16 18.60
N PRO A 188 -9.53 -34.22 19.05
CA PRO A 188 -10.07 -35.57 18.82
C PRO A 188 -11.42 -35.78 19.49
N LEU A 189 -11.72 -35.09 20.59
CA LEU A 189 -13.05 -35.19 21.18
C LEU A 189 -14.11 -34.62 20.26
N CYS A 190 -13.83 -33.49 19.61
CA CYS A 190 -14.76 -32.95 18.62
C CYS A 190 -14.93 -33.90 17.45
N VAL A 191 -13.82 -34.48 16.98
CA VAL A 191 -13.93 -35.46 15.89
C VAL A 191 -14.77 -36.65 16.33
N MET A 192 -14.63 -37.07 17.59
CA MET A 192 -15.47 -38.12 18.14
C MET A 192 -16.95 -37.75 18.09
N ILE A 193 -17.29 -36.55 18.60
CA ILE A 193 -18.70 -36.21 18.74
C ILE A 193 -19.35 -35.99 17.37
N VAL A 194 -18.61 -35.52 16.38
CA VAL A 194 -19.22 -35.29 15.08
C VAL A 194 -19.18 -36.51 14.16
N CYS A 195 -18.33 -37.50 14.44
CA CYS A 195 -18.21 -38.63 13.54
C CYS A 195 -18.76 -39.91 14.17
N PRO A 196 -19.24 -40.85 13.35
CA PRO A 196 -19.67 -42.13 13.89
C PRO A 196 -18.49 -42.91 14.45
N ILE A 197 -18.80 -43.81 15.40
CA ILE A 197 -17.73 -44.53 16.10
C ILE A 197 -16.97 -45.43 15.13
N GLU A 198 -17.67 -46.10 14.21
CA GLU A 198 -16.99 -46.96 13.26
C GLU A 198 -16.08 -46.16 12.33
N VAL A 199 -16.53 -44.98 11.91
CA VAL A 199 -15.69 -44.12 11.07
C VAL A 199 -14.50 -43.60 11.89
N PHE A 200 -14.74 -43.23 13.14
CA PHE A 200 -13.67 -42.70 13.98
C PHE A 200 -12.57 -43.72 14.21
N ALA A 201 -12.94 -44.97 14.46
CA ALA A 201 -11.96 -46.02 14.77
C ALA A 201 -11.05 -46.32 13.59
N ILE A 202 -11.47 -46.01 12.36
CA ILE A 202 -10.61 -46.25 11.20
C ILE A 202 -9.38 -45.35 11.27
N LYS A 203 -9.57 -44.09 11.63
CA LYS A 203 -8.47 -43.13 11.65
C LYS A 203 -7.77 -43.06 13.00
N TYR A 204 -8.52 -43.14 14.09
CA TYR A 204 -7.98 -43.02 15.44
C TYR A 204 -8.10 -44.34 16.18
N LYS A 205 -7.29 -44.50 17.24
CA LYS A 205 -7.08 -45.79 17.87
C LYS A 205 -7.24 -45.77 19.39
N PHE A 206 -7.87 -44.73 19.94
CA PHE A 206 -7.99 -44.65 21.39
C PHE A 206 -9.00 -45.67 21.93
N SER A 207 -8.93 -45.89 23.23
CA SER A 207 -9.64 -46.98 23.90
C SER A 207 -11.07 -46.56 24.26
N ASP A 208 -11.72 -47.38 25.09
CA ASP A 208 -13.13 -47.16 25.44
C ASP A 208 -13.33 -45.96 26.36
N LYS A 209 -12.29 -45.51 27.06
CA LYS A 209 -12.43 -44.31 27.88
C LYS A 209 -12.81 -43.11 27.04
N TRP A 210 -12.41 -43.10 25.77
CA TRP A 210 -12.86 -42.06 24.85
C TRP A 210 -14.31 -42.30 24.43
N THR A 211 -14.69 -43.56 24.21
CA THR A 211 -16.05 -43.88 23.82
C THR A 211 -17.04 -43.52 24.91
N LYS A 212 -16.59 -43.47 26.17
CA LYS A 212 -17.48 -43.05 27.26
C LYS A 212 -17.97 -41.63 27.05
N PHE A 213 -17.10 -40.75 26.57
CA PHE A 213 -17.48 -39.35 26.36
C PHE A 213 -18.56 -39.23 25.28
N LYS A 214 -18.47 -40.03 24.23
CA LYS A 214 -19.44 -39.95 23.14
C LYS A 214 -20.75 -40.60 23.55
N ALA A 215 -21.84 -39.84 23.44
CA ALA A 215 -23.17 -40.32 23.83
C ALA A 215 -23.94 -40.89 22.64
N ASN A 216 -24.18 -40.07 21.62
CA ASN A 216 -24.91 -40.52 20.44
C ASN A 216 -23.96 -41.30 19.55
N GLU A 217 -24.24 -42.60 19.38
CA GLU A 217 -23.33 -43.47 18.65
C GLU A 217 -23.23 -43.07 17.19
N GLU A 218 -24.35 -42.70 16.57
CA GLU A 218 -24.37 -42.39 15.15
C GLU A 218 -23.65 -41.09 14.81
N GLY A 219 -23.33 -40.26 15.80
CA GLY A 219 -22.66 -38.99 15.54
C GLY A 219 -23.64 -37.85 15.43
N TRP A 220 -23.07 -36.66 15.18
CA TRP A 220 -23.86 -35.43 15.11
C TRP A 220 -24.21 -35.02 13.69
N PHE A 221 -23.39 -35.40 12.71
CA PHE A 221 -23.73 -35.08 11.32
C PHE A 221 -25.00 -35.79 10.88
N SER A 222 -25.19 -37.03 11.34
CA SER A 222 -26.37 -37.81 11.01
C SER A 222 -27.63 -37.20 11.64
N VAL A 223 -27.45 -36.15 12.43
CA VAL A 223 -28.56 -35.38 12.99
C VAL A 223 -28.73 -34.05 12.27
N TRP A 224 -27.62 -33.34 12.04
CA TRP A 224 -27.72 -32.04 11.39
C TRP A 224 -28.15 -32.17 9.93
N ILE A 225 -27.50 -33.06 9.17
CA ILE A 225 -27.78 -33.13 7.73
C ILE A 225 -29.22 -33.53 7.44
N PRO A 226 -29.78 -34.57 8.07
CA PRO A 226 -31.23 -34.81 7.86
C PRO A 226 -32.10 -33.65 8.28
N GLU A 227 -31.73 -32.96 9.37
CA GLU A 227 -32.49 -31.79 9.79
C GLU A 227 -32.40 -30.68 8.76
N LEU A 228 -31.21 -30.47 8.18
CA LEU A 228 -31.05 -29.46 7.15
C LEU A 228 -31.87 -29.80 5.91
N ASN A 229 -31.87 -31.08 5.51
CA ASN A 229 -32.67 -31.50 4.36
C ASN A 229 -34.16 -31.31 4.63
N ASN A 230 -34.62 -31.65 5.83
CA ASN A 230 -36.02 -31.46 6.17
C ASN A 230 -36.39 -29.99 6.17
N ALA A 231 -35.51 -29.13 6.69
CA ALA A 231 -35.76 -27.70 6.69
C ALA A 231 -35.82 -27.16 5.26
N LEU A 232 -34.95 -27.65 4.39
CA LEU A 232 -35.00 -27.25 2.98
C LEU A 232 -36.31 -27.69 2.35
N GLN A 233 -36.82 -28.87 2.65
CA GLN A 233 -38.09 -29.23 1.99
C GLN A 233 -39.16 -28.31 2.56
N GLN A 234 -39.18 -28.15 3.89
CA GLN A 234 -40.22 -27.33 4.46
C GLN A 234 -40.04 -25.84 4.20
N ASN A 235 -38.93 -25.45 3.57
CA ASN A 235 -38.64 -24.05 3.24
C ASN A 235 -38.66 -23.17 4.49
N ASN A 236 -38.05 -23.65 5.57
CA ASN A 236 -37.92 -22.89 6.81
C ASN A 236 -36.63 -22.08 6.73
N SER A 237 -36.76 -20.80 6.39
CA SER A 237 -35.58 -19.98 6.11
C SER A 237 -34.72 -19.79 7.36
N GLU A 238 -35.35 -19.48 8.50
CA GLU A 238 -34.58 -19.20 9.71
C GLU A 238 -33.83 -20.44 10.18
N TYR A 239 -34.50 -21.60 10.17
CA TYR A 239 -33.83 -22.83 10.57
C TYR A 239 -32.69 -23.18 9.62
N ILE A 240 -32.90 -22.99 8.33
CA ILE A 240 -31.84 -23.25 7.35
C ILE A 240 -30.65 -22.34 7.61
N ILE A 241 -30.90 -21.06 7.88
CA ILE A 241 -29.82 -20.11 8.13
C ILE A 241 -29.05 -20.50 9.39
N ARG A 242 -29.76 -20.87 10.46
CA ARG A 242 -29.08 -21.26 11.68
C ARG A 242 -28.24 -22.53 11.47
N LEU A 243 -28.81 -23.53 10.79
CA LEU A 243 -28.09 -24.76 10.54
C LEU A 243 -26.85 -24.52 9.69
N LEU A 244 -26.96 -23.67 8.66
CA LEU A 244 -25.81 -23.35 7.83
C LEU A 244 -24.76 -22.57 8.61
N GLU A 245 -25.19 -21.70 9.53
CA GLU A 245 -24.23 -21.03 10.40
C GLU A 245 -23.46 -22.02 11.24
N THR A 246 -24.16 -23.01 11.81
CA THR A 246 -23.48 -24.05 12.58
C THR A 246 -22.67 -24.97 11.67
N LEU A 247 -23.24 -25.35 10.52
CA LEU A 247 -22.58 -26.32 9.65
C LEU A 247 -21.35 -25.73 8.96
N LYS A 248 -21.31 -24.41 8.77
CA LYS A 248 -20.21 -23.79 8.04
C LYS A 248 -18.88 -23.97 8.76
N THR A 249 -18.89 -24.03 10.09
CA THR A 249 -17.67 -24.10 10.87
C THR A 249 -17.21 -25.51 11.17
N CYS A 250 -17.98 -26.54 10.78
CA CYS A 250 -17.67 -27.92 11.11
C CYS A 250 -17.49 -28.77 9.85
N LEU A 251 -16.74 -28.26 8.88
CA LEU A 251 -16.50 -29.00 7.64
C LEU A 251 -15.05 -29.04 7.20
N ASN A 252 -14.20 -28.11 7.63
CA ASN A 252 -12.80 -28.15 7.24
C ASN A 252 -12.06 -29.27 7.96
N TRP A 253 -12.27 -29.41 9.26
CA TRP A 253 -11.55 -30.35 10.11
C TRP A 253 -12.05 -31.80 10.08
N PRO A 254 -13.37 -32.07 10.09
CA PRO A 254 -13.82 -33.44 10.33
C PRO A 254 -13.37 -34.41 9.25
N LEU A 255 -13.41 -35.70 9.59
CA LEU A 255 -13.02 -36.74 8.66
C LEU A 255 -13.91 -36.71 7.42
N THR A 256 -13.27 -36.85 6.25
CA THR A 256 -13.99 -36.73 4.99
C THR A 256 -15.00 -37.86 4.77
N GLU A 257 -14.81 -39.01 5.44
CA GLU A 257 -15.78 -40.09 5.31
C GLU A 257 -17.15 -39.66 5.79
N VAL A 258 -17.21 -38.82 6.83
CA VAL A 258 -18.49 -38.31 7.31
C VAL A 258 -19.11 -37.38 6.29
N ILE A 259 -18.29 -36.55 5.64
CA ILE A 259 -18.80 -35.63 4.62
C ILE A 259 -19.37 -36.41 3.45
N VAL A 260 -18.68 -37.45 3.02
CA VAL A 260 -19.14 -38.25 1.88
C VAL A 260 -20.38 -39.05 2.25
N ARG A 261 -20.40 -39.64 3.45
CA ARG A 261 -21.48 -40.53 3.84
C ARG A 261 -22.82 -39.81 3.89
N ASN A 262 -22.84 -38.60 4.45
CA ASN A 262 -24.08 -37.86 4.63
C ASN A 262 -24.45 -37.03 3.41
N ASP A 263 -23.63 -37.04 2.36
CA ASP A 263 -23.87 -36.27 1.14
C ASP A 263 -24.07 -34.79 1.46
N VAL A 264 -23.07 -34.22 2.15
CA VAL A 264 -23.14 -32.83 2.56
C VAL A 264 -23.19 -31.91 1.35
N LEU A 265 -22.42 -32.25 0.30
CA LEU A 265 -22.36 -31.40 -0.88
C LEU A 265 -23.72 -31.30 -1.57
N SER A 266 -24.47 -32.40 -1.59
CA SER A 266 -25.81 -32.37 -2.17
C SER A 266 -26.72 -31.42 -1.38
N SER A 267 -26.63 -31.46 -0.05
CA SER A 267 -27.41 -30.55 0.77
C SER A 267 -27.01 -29.10 0.53
N LEU A 268 -25.71 -28.84 0.39
CA LEU A 268 -25.25 -27.49 0.10
C LEU A 268 -25.77 -27.00 -1.24
N LEU A 269 -25.74 -27.86 -2.26
CA LEU A 269 -26.27 -27.47 -3.56
C LEU A 269 -27.77 -27.22 -3.50
N THR A 270 -28.49 -28.02 -2.72
CA THR A 270 -29.92 -27.77 -2.53
C THR A 270 -30.17 -26.44 -1.85
N CYS A 271 -29.33 -26.10 -0.85
CA CYS A 271 -29.43 -24.77 -0.22
C CYS A 271 -29.16 -23.68 -1.23
N LEU A 272 -28.21 -23.90 -2.14
CA LEU A 272 -27.89 -22.88 -3.14
C LEU A 272 -29.03 -22.68 -4.12
N SER A 273 -29.75 -23.74 -4.45
CA SER A 273 -30.88 -23.61 -5.37
C SER A 273 -32.09 -22.93 -4.75
N SER A 274 -31.99 -22.48 -3.50
CA SER A 274 -33.05 -21.74 -2.84
C SER A 274 -32.86 -20.25 -3.06
N ASN A 275 -33.96 -19.50 -2.91
CA ASN A 275 -33.95 -18.07 -3.13
C ASN A 275 -33.56 -17.28 -1.89
N ILE A 276 -33.26 -17.94 -0.78
CA ILE A 276 -32.85 -17.27 0.45
C ILE A 276 -31.44 -16.71 0.26
N PRO A 277 -31.23 -15.41 0.43
CA PRO A 277 -29.89 -14.83 0.21
C PRO A 277 -28.84 -15.32 1.18
N ARG A 278 -29.17 -15.29 2.48
CA ARG A 278 -28.21 -15.72 3.49
C ARG A 278 -27.86 -17.19 3.34
N ALA A 279 -28.87 -18.03 3.05
CA ALA A 279 -28.61 -19.44 2.82
C ALA A 279 -27.69 -19.64 1.62
N GLN A 280 -27.91 -18.87 0.55
CA GLN A 280 -27.02 -18.96 -0.61
C GLN A 280 -25.60 -18.56 -0.26
N SER A 281 -25.43 -17.48 0.50
CA SER A 281 -24.09 -17.03 0.86
C SER A 281 -23.37 -18.07 1.70
N MET A 282 -24.06 -18.64 2.69
CA MET A 282 -23.43 -19.65 3.53
C MET A 282 -23.17 -20.94 2.75
N ALA A 283 -24.04 -21.29 1.79
CA ALA A 283 -23.77 -22.45 0.95
C ALA A 283 -22.53 -22.22 0.08
N LEU A 284 -22.36 -20.98 -0.41
CA LEU A 284 -21.16 -20.64 -1.17
C LEU A 284 -19.91 -20.79 -0.31
N ASP A 285 -19.94 -20.24 0.91
CA ASP A 285 -18.78 -20.37 1.80
C ASP A 285 -18.51 -21.83 2.13
N SER A 286 -19.56 -22.61 2.36
CA SER A 286 -19.40 -24.03 2.68
C SER A 286 -18.81 -24.79 1.51
N ILE A 287 -19.27 -24.50 0.28
CA ILE A 287 -18.74 -25.19 -0.89
C ILE A 287 -17.28 -24.84 -1.09
N HIS A 288 -16.91 -23.56 -0.91
CA HIS A 288 -15.50 -23.20 -1.03
C HIS A 288 -14.66 -23.88 0.04
N ILE A 289 -15.19 -23.98 1.26
CA ILE A 289 -14.47 -24.66 2.34
C ILE A 289 -14.26 -26.14 1.99
N LEU A 290 -15.29 -26.78 1.46
CA LEU A 290 -15.16 -28.18 1.06
C LEU A 290 -14.14 -28.34 -0.06
N LEU A 291 -14.13 -27.42 -1.01
CA LEU A 291 -13.19 -27.51 -2.12
C LEU A 291 -11.76 -27.32 -1.65
N THR A 292 -11.52 -26.36 -0.74
CA THR A 292 -10.16 -26.01 -0.36
C THR A 292 -9.65 -26.73 0.89
N ARG A 293 -10.49 -27.52 1.55
CA ARG A 293 -10.03 -28.22 2.75
C ARG A 293 -9.07 -29.35 2.37
N PRO A 294 -8.18 -29.74 3.27
CA PRO A 294 -7.30 -30.88 2.99
C PRO A 294 -8.07 -32.18 2.93
N TYR A 295 -7.60 -33.09 2.08
CA TYR A 295 -8.22 -34.40 1.89
C TYR A 295 -7.17 -35.48 2.11
N SER A 296 -7.31 -36.26 3.18
CA SER A 296 -6.45 -37.42 3.35
C SER A 296 -6.74 -38.47 2.30
N ASN A 297 -8.01 -38.63 1.92
CA ASN A 297 -8.42 -39.58 0.89
C ASN A 297 -8.61 -38.81 -0.42
N GLU A 298 -7.83 -39.16 -1.44
CA GLU A 298 -7.95 -38.48 -2.72
C GLU A 298 -9.25 -38.84 -3.45
N SER A 299 -9.78 -40.03 -3.20
CA SER A 299 -11.02 -40.44 -3.84
C SER A 299 -12.17 -39.54 -3.43
N HIS A 300 -12.24 -39.17 -2.15
CA HIS A 300 -13.30 -38.28 -1.70
C HIS A 300 -13.20 -36.90 -2.34
N TYR A 301 -11.98 -36.39 -2.50
CA TYR A 301 -11.79 -35.13 -3.21
C TYR A 301 -12.23 -35.27 -4.67
N GLN A 302 -11.94 -36.41 -5.29
CA GLN A 302 -12.39 -36.65 -6.65
C GLN A 302 -13.92 -36.62 -6.74
N MET A 303 -14.59 -37.28 -5.80
CA MET A 303 -16.06 -37.25 -5.79
C MET A 303 -16.58 -35.83 -5.59
N THR A 304 -15.94 -35.06 -4.71
CA THR A 304 -16.38 -33.69 -4.47
C THR A 304 -16.27 -32.86 -5.73
N ILE A 305 -15.10 -32.90 -6.39
CA ILE A 305 -14.90 -32.08 -7.59
C ILE A 305 -15.76 -32.61 -8.74
N ASP A 306 -16.09 -33.90 -8.75
CA ASP A 306 -16.97 -34.43 -9.78
C ASP A 306 -18.39 -33.93 -9.59
N ARG A 307 -18.90 -33.99 -8.36
CA ARG A 307 -20.26 -33.54 -8.10
C ARG A 307 -20.39 -32.03 -8.28
N VAL A 308 -19.36 -31.26 -7.94
CA VAL A 308 -19.40 -29.83 -8.18
C VAL A 308 -19.45 -29.54 -9.67
N PHE A 309 -18.62 -30.23 -10.46
CA PHE A 309 -18.57 -30.00 -11.89
C PHE A 309 -19.73 -30.62 -12.64
N ASP A 310 -20.41 -31.61 -12.05
CA ASP A 310 -21.59 -32.19 -12.69
C ASP A 310 -22.83 -31.31 -12.52
N ASN A 311 -22.76 -30.27 -11.70
CA ASN A 311 -23.87 -29.37 -11.44
C ASN A 311 -23.61 -27.97 -12.00
N MET A 312 -22.97 -27.91 -13.17
CA MET A 312 -22.69 -26.62 -13.78
C MET A 312 -23.98 -25.93 -14.21
N ASP A 313 -24.99 -26.69 -14.63
CA ASP A 313 -26.28 -26.10 -14.98
C ASP A 313 -26.92 -25.43 -13.76
N LEU A 314 -26.85 -26.08 -12.61
CA LEU A 314 -27.39 -25.49 -11.39
C LEU A 314 -26.66 -24.21 -11.01
N LEU A 315 -25.34 -24.20 -11.14
CA LEU A 315 -24.57 -23.00 -10.84
C LEU A 315 -24.90 -21.88 -11.81
N ASP A 316 -25.06 -22.20 -13.10
CA ASP A 316 -25.46 -21.19 -14.07
C ASP A 316 -26.83 -20.62 -13.75
N SER A 317 -27.77 -21.49 -13.36
CA SER A 317 -29.10 -21.01 -12.97
C SER A 317 -29.03 -20.11 -11.74
N VAL A 318 -28.19 -20.48 -10.77
CA VAL A 318 -28.03 -19.66 -9.58
C VAL A 318 -27.47 -18.29 -9.94
N TYR A 319 -26.45 -18.27 -10.82
CA TYR A 319 -25.88 -16.99 -11.23
C TYR A 319 -26.91 -16.14 -11.97
N GLU A 320 -27.70 -16.75 -12.84
CA GLU A 320 -28.72 -16.00 -13.57
C GLU A 320 -29.77 -15.44 -12.61
N SER A 321 -30.15 -16.22 -11.59
CA SER A 321 -31.09 -15.73 -10.59
C SER A 321 -30.49 -14.56 -9.80
N LEU A 322 -29.20 -14.65 -9.47
CA LEU A 322 -28.55 -13.59 -8.70
C LEU A 322 -28.42 -12.29 -9.48
N LEU A 323 -28.46 -12.35 -10.81
CA LEU A 323 -28.28 -11.16 -11.62
C LEU A 323 -29.44 -10.18 -11.44
N PHE A 324 -29.16 -8.90 -11.71
CA PHE A 324 -30.14 -7.85 -11.55
C PHE A 324 -29.79 -6.71 -12.49
N ASP A 325 -30.76 -5.81 -12.68
CA ASP A 325 -30.57 -4.64 -13.52
C ASP A 325 -30.05 -3.50 -12.66
N PRO A 326 -28.82 -3.01 -12.87
CA PRO A 326 -28.28 -1.93 -12.04
C PRO A 326 -28.53 -0.53 -12.55
N THR A 327 -29.37 -0.36 -13.58
CA THR A 327 -29.62 0.98 -14.11
C THR A 327 -30.27 1.89 -13.07
N ASP A 328 -31.24 1.35 -12.33
CA ASP A 328 -31.91 2.15 -11.31
C ASP A 328 -31.10 2.18 -10.01
N ASP A 329 -30.89 1.02 -9.40
CA ASP A 329 -30.12 0.92 -8.18
C ASP A 329 -29.66 -0.52 -8.01
N ILE A 330 -28.42 -0.69 -7.53
CA ILE A 330 -27.90 -2.03 -7.31
C ILE A 330 -28.57 -2.65 -6.09
N ASP A 331 -28.70 -3.97 -6.12
CA ASP A 331 -29.34 -4.71 -5.03
C ASP A 331 -28.27 -5.16 -4.05
N GLU A 332 -28.23 -4.50 -2.88
CA GLU A 332 -27.24 -4.84 -1.87
C GLU A 332 -27.51 -6.20 -1.23
N THR A 333 -28.69 -6.78 -1.44
CA THR A 333 -29.00 -8.08 -0.83
C THR A 333 -28.29 -9.23 -1.52
N LYS A 334 -28.03 -9.13 -2.83
CA LYS A 334 -27.43 -10.23 -3.57
C LYS A 334 -26.21 -9.84 -4.40
N TYR A 335 -25.85 -8.56 -4.45
CA TYR A 335 -24.58 -8.18 -5.08
C TYR A 335 -23.38 -8.78 -4.37
N PRO A 336 -23.27 -8.73 -3.03
CA PRO A 336 -22.18 -9.48 -2.37
C PRO A 336 -22.25 -10.96 -2.64
N ILE A 337 -23.45 -11.52 -2.79
CA ILE A 337 -23.58 -12.92 -3.15
C ILE A 337 -23.04 -13.16 -4.56
N ILE A 338 -23.26 -12.21 -5.47
CA ILE A 338 -22.69 -12.32 -6.81
C ILE A 338 -21.17 -12.32 -6.75
N LYS A 339 -20.60 -11.41 -5.96
CA LYS A 339 -19.15 -11.36 -5.82
C LYS A 339 -18.61 -12.66 -5.23
N LYS A 340 -19.29 -13.18 -4.20
CA LYS A 340 -18.87 -14.44 -3.60
C LYS A 340 -18.95 -15.60 -4.58
N PHE A 341 -20.01 -15.62 -5.39
CA PHE A 341 -20.17 -16.69 -6.38
C PHE A 341 -19.07 -16.65 -7.43
N VAL A 342 -18.75 -15.44 -7.90
CA VAL A 342 -17.68 -15.33 -8.91
C VAL A 342 -16.34 -15.68 -8.29
N ASP A 343 -16.11 -15.31 -7.03
CA ASP A 343 -14.87 -15.68 -6.36
C ASP A 343 -14.76 -17.20 -6.20
N MET A 344 -15.86 -17.86 -5.83
CA MET A 344 -15.85 -19.31 -5.69
C MET A 344 -15.64 -20.00 -7.02
N ILE A 345 -16.28 -19.49 -8.08
CA ILE A 345 -16.14 -20.09 -9.40
C ILE A 345 -14.72 -19.95 -9.90
N SER A 346 -14.07 -18.82 -9.60
CA SER A 346 -12.72 -18.57 -10.06
C SER A 346 -11.69 -19.52 -9.45
N CYS A 347 -12.03 -20.19 -8.35
CA CYS A 347 -11.13 -21.14 -7.71
C CYS A 347 -11.31 -22.56 -8.22
N LEU A 348 -12.28 -22.81 -9.10
CA LEU A 348 -12.56 -24.15 -9.58
C LEU A 348 -11.68 -24.58 -10.75
N TYR A 349 -10.94 -23.67 -11.36
CA TYR A 349 -10.13 -24.03 -12.52
C TYR A 349 -8.96 -24.93 -12.16
N VAL A 350 -8.57 -24.96 -10.88
CA VAL A 350 -7.46 -25.83 -10.47
C VAL A 350 -7.83 -27.29 -10.66
N CYS A 351 -9.09 -27.63 -10.40
CA CYS A 351 -9.55 -29.02 -10.51
C CYS A 351 -9.81 -29.45 -11.95
N VAL A 352 -9.77 -28.53 -12.91
CA VAL A 352 -10.14 -28.87 -14.28
C VAL A 352 -9.34 -30.04 -14.84
N PRO A 353 -8.01 -30.11 -14.70
CA PRO A 353 -7.27 -31.25 -15.27
C PRO A 353 -7.58 -32.59 -14.62
N LYS A 354 -8.49 -32.65 -13.65
CA LYS A 354 -8.83 -33.91 -13.00
C LYS A 354 -10.26 -34.37 -13.28
N ILE A 355 -11.10 -33.53 -13.86
CA ILE A 355 -12.46 -33.94 -14.23
C ILE A 355 -12.40 -34.72 -15.53
N LYS A 356 -12.96 -35.93 -15.52
CA LYS A 356 -13.09 -36.75 -16.72
C LYS A 356 -14.31 -36.26 -17.49
N GLU A 357 -14.08 -35.42 -18.49
CA GLU A 357 -15.18 -34.81 -19.24
C GLU A 357 -15.99 -35.85 -19.98
N THR A 358 -17.24 -36.04 -19.56
CA THR A 358 -18.15 -36.99 -20.18
C THR A 358 -19.40 -36.33 -20.75
N ASN A 359 -19.94 -35.33 -20.06
CA ASN A 359 -21.12 -34.59 -20.52
C ASN A 359 -20.79 -33.13 -20.83
N GLY A 360 -19.55 -32.86 -21.20
CA GLY A 360 -19.13 -31.49 -21.47
C GLY A 360 -19.11 -30.61 -20.24
N GLN A 361 -18.67 -31.15 -19.10
CA GLN A 361 -18.64 -30.36 -17.87
C GLN A 361 -17.64 -29.21 -17.97
N ILE A 362 -16.48 -29.45 -18.58
CA ILE A 362 -15.46 -28.41 -18.67
C ILE A 362 -15.90 -27.28 -19.58
N GLN A 363 -16.54 -27.63 -20.71
CA GLN A 363 -17.05 -26.60 -21.61
C GLN A 363 -18.09 -25.73 -20.92
N LYS A 364 -19.01 -26.34 -20.18
CA LYS A 364 -20.02 -25.58 -19.46
C LYS A 364 -19.38 -24.71 -18.38
N TYR A 365 -18.36 -25.24 -17.69
CA TYR A 365 -17.68 -24.46 -16.67
C TYR A 365 -17.01 -23.23 -17.27
N PHE A 366 -16.32 -23.40 -18.39
CA PHE A 366 -15.66 -22.26 -19.03
C PHE A 366 -16.66 -21.27 -19.59
N LYS A 367 -17.80 -21.76 -20.12
CA LYS A 367 -18.84 -20.85 -20.56
C LYS A 367 -19.39 -20.04 -19.39
N LEU A 368 -19.59 -20.69 -18.24
CA LEU A 368 -20.07 -19.98 -17.05
C LEU A 368 -19.05 -18.94 -16.58
N VAL A 369 -17.77 -19.29 -16.61
CA VAL A 369 -16.74 -18.33 -16.21
C VAL A 369 -16.73 -17.13 -17.16
N LEU A 370 -16.84 -17.38 -18.46
CA LEU A 370 -16.90 -16.28 -19.41
C LEU A 370 -18.14 -15.42 -19.19
N LYS A 371 -19.28 -16.05 -18.89
CA LYS A 371 -20.49 -15.30 -18.62
C LYS A 371 -20.33 -14.42 -17.39
N THR A 372 -19.70 -14.94 -16.33
CA THR A 372 -19.43 -14.13 -15.15
C THR A 372 -18.45 -13.01 -15.45
N THR A 373 -17.53 -13.24 -16.40
CA THR A 373 -16.59 -12.19 -16.78
C THR A 373 -17.29 -11.03 -17.48
N TYR A 374 -18.43 -11.29 -18.12
CA TYR A 374 -19.21 -10.26 -18.78
C TYR A 374 -20.03 -9.41 -17.82
N ASN A 375 -19.86 -9.60 -16.51
CA ASN A 375 -20.65 -8.85 -15.55
C ASN A 375 -20.32 -7.36 -15.65
N PRO A 376 -21.32 -6.48 -15.59
CA PRO A 376 -21.04 -5.05 -15.71
C PRO A 376 -20.11 -4.51 -14.63
N SER A 377 -20.16 -5.05 -13.43
CA SER A 377 -19.30 -4.58 -12.35
C SER A 377 -17.86 -4.99 -12.63
N LEU A 378 -16.94 -4.04 -12.50
CA LEU A 378 -15.53 -4.34 -12.74
C LEU A 378 -14.94 -5.20 -11.64
N ILE A 379 -15.39 -5.03 -10.40
CA ILE A 379 -14.94 -5.89 -9.30
C ILE A 379 -15.35 -7.32 -9.56
N VAL A 380 -16.60 -7.53 -9.97
CA VAL A 380 -17.09 -8.87 -10.29
C VAL A 380 -16.37 -9.42 -11.51
N SER A 381 -16.22 -8.61 -12.55
CA SER A 381 -15.57 -9.06 -13.77
C SER A 381 -14.09 -9.34 -13.54
N GLY A 382 -13.42 -8.51 -12.73
CA GLY A 382 -11.99 -8.64 -12.54
C GLY A 382 -11.56 -9.84 -11.72
N LEU A 383 -12.50 -10.59 -11.16
CA LEU A 383 -12.13 -11.76 -10.37
C LEU A 383 -11.67 -12.92 -11.26
N THR A 384 -12.21 -13.03 -12.47
CA THR A 384 -11.88 -14.12 -13.37
C THR A 384 -10.73 -13.80 -14.31
N LEU A 385 -10.24 -12.55 -14.32
CA LEU A 385 -9.13 -12.19 -15.19
C LEU A 385 -7.86 -12.93 -14.78
N ASP A 386 -7.64 -13.09 -13.47
CA ASP A 386 -6.52 -13.91 -13.01
C ASP A 386 -6.67 -15.34 -13.46
N LEU A 387 -7.89 -15.88 -13.41
CA LEU A 387 -8.14 -17.24 -13.89
C LEU A 387 -7.78 -17.36 -15.36
N TRP A 388 -8.21 -16.40 -16.18
CA TRP A 388 -7.91 -16.46 -17.61
C TRP A 388 -6.41 -16.34 -17.87
N CYS A 389 -5.73 -15.45 -17.14
CA CYS A 389 -4.29 -15.33 -17.28
C CYS A 389 -3.59 -16.64 -16.95
N THR A 390 -3.94 -17.25 -15.81
CA THR A 390 -3.29 -18.48 -15.40
C THR A 390 -3.58 -19.61 -16.39
N CYS A 391 -4.81 -19.71 -16.87
CA CYS A 391 -5.15 -20.75 -17.83
C CYS A 391 -4.40 -20.58 -19.14
N LEU A 392 -4.26 -19.33 -19.61
CA LEU A 392 -3.54 -19.10 -20.85
C LEU A 392 -2.04 -19.37 -20.69
N ARG A 393 -1.48 -19.02 -19.53
CA ARG A 393 -0.06 -19.27 -19.31
C ARG A 393 0.25 -20.76 -19.29
N ASN A 394 -0.58 -21.55 -18.63
CA ASN A 394 -0.33 -22.97 -18.50
C ASN A 394 -0.70 -23.70 -19.78
N ASP A 395 -0.21 -24.94 -19.91
CA ASP A 395 -0.50 -25.79 -21.04
C ASP A 395 -1.45 -26.94 -20.70
N GLU A 396 -1.74 -27.17 -19.42
CA GLU A 396 -2.68 -28.22 -19.05
C GLU A 396 -4.09 -27.88 -19.50
N TYR A 397 -4.41 -26.59 -19.59
CA TYR A 397 -5.76 -26.15 -19.96
C TYR A 397 -5.86 -25.66 -21.40
N LEU A 398 -4.73 -25.36 -22.04
CA LEU A 398 -4.77 -24.76 -23.37
C LEU A 398 -5.52 -25.60 -24.39
N PRO A 399 -5.27 -26.91 -24.54
CA PRO A 399 -6.11 -27.69 -25.48
C PRO A 399 -7.56 -27.73 -25.07
N LYS A 400 -7.85 -27.70 -23.77
CA LYS A 400 -9.22 -27.74 -23.28
C LYS A 400 -9.89 -26.36 -23.29
N LEU A 401 -9.12 -25.29 -23.48
CA LEU A 401 -9.65 -23.94 -23.47
C LEU A 401 -9.77 -23.33 -24.86
N GLU A 402 -8.85 -23.66 -25.77
CA GLU A 402 -8.91 -23.13 -27.12
C GLU A 402 -10.14 -23.62 -27.86
N LYS A 403 -10.64 -24.80 -27.51
CA LYS A 403 -11.74 -25.41 -28.25
C LYS A 403 -13.07 -24.70 -28.04
N TYR A 404 -13.22 -23.91 -26.97
CA TYR A 404 -14.55 -23.39 -26.66
C TYR A 404 -14.62 -21.88 -26.51
N VAL A 405 -13.64 -21.24 -25.87
CA VAL A 405 -13.81 -19.89 -25.36
C VAL A 405 -12.76 -18.90 -25.87
N ILE A 406 -11.74 -19.35 -26.60
CA ILE A 406 -10.68 -18.43 -27.03
C ILE A 406 -11.22 -17.29 -27.90
N PRO A 407 -11.99 -17.55 -28.97
CA PRO A 407 -12.50 -16.42 -29.76
C PRO A 407 -13.42 -15.50 -28.97
N ASP A 408 -14.33 -16.06 -28.18
CA ASP A 408 -15.25 -15.23 -27.40
C ASP A 408 -14.50 -14.44 -26.33
N LEU A 409 -13.53 -15.07 -25.67
CA LEU A 409 -12.74 -14.35 -24.67
C LEU A 409 -11.95 -13.22 -25.31
N LEU A 410 -11.37 -13.47 -26.49
CA LEU A 410 -10.64 -12.41 -27.19
C LEU A 410 -11.57 -11.26 -27.57
N GLN A 411 -12.76 -11.58 -28.07
CA GLN A 411 -13.72 -10.54 -28.43
C GLN A 411 -14.12 -9.72 -27.21
N PHE A 412 -14.38 -10.38 -26.09
CA PHE A 412 -14.73 -9.66 -24.86
C PHE A 412 -13.60 -8.76 -24.42
N ALA A 413 -12.38 -9.29 -24.39
CA ALA A 413 -11.24 -8.51 -23.90
C ALA A 413 -10.99 -7.30 -24.80
N ALA A 414 -11.18 -7.46 -26.11
CA ALA A 414 -11.10 -6.30 -26.99
C ALA A 414 -12.20 -5.30 -26.69
N ASP A 415 -13.42 -5.78 -26.46
CA ASP A 415 -14.53 -4.88 -26.17
C ASP A 415 -14.45 -4.25 -24.79
N ALA A 416 -13.76 -4.90 -23.85
CA ALA A 416 -13.64 -4.38 -22.49
C ALA A 416 -12.44 -3.48 -22.29
N LEU A 417 -11.66 -3.22 -23.34
CA LEU A 417 -10.47 -2.37 -23.25
C LEU A 417 -10.87 -0.93 -23.59
N VAL A 418 -11.65 -0.33 -22.69
CA VAL A 418 -12.11 1.04 -22.82
C VAL A 418 -11.81 1.78 -21.52
N TYR A 419 -11.88 3.11 -21.60
CA TYR A 419 -11.60 3.97 -20.45
C TYR A 419 -12.90 4.20 -19.70
N TYR A 420 -13.13 3.39 -18.66
CA TYR A 420 -14.42 3.40 -17.97
C TYR A 420 -14.66 4.71 -17.24
N GLU A 421 -13.64 5.25 -16.58
CA GLU A 421 -13.82 6.45 -15.77
C GLU A 421 -14.13 7.68 -16.61
N GLN A 422 -13.78 7.69 -17.89
CA GLN A 422 -14.00 8.84 -18.76
C GLN A 422 -15.24 8.71 -19.63
N ILE A 423 -16.03 7.65 -19.45
CA ILE A 423 -17.27 7.46 -20.19
C ILE A 423 -18.42 7.94 -19.32
N ASP A 424 -19.19 8.90 -19.83
CA ASP A 424 -20.29 9.47 -19.06
C ASP A 424 -21.45 8.49 -19.01
N GLY A 425 -21.98 8.27 -17.80
CA GLY A 425 -23.11 7.38 -17.64
C GLY A 425 -22.82 5.91 -17.84
N HIS A 426 -21.56 5.50 -17.69
CA HIS A 426 -21.22 4.10 -17.85
C HIS A 426 -21.80 3.27 -16.71
N ILE A 427 -22.20 2.04 -17.04
CA ILE A 427 -22.85 1.16 -16.07
C ILE A 427 -21.91 0.74 -14.96
N SER A 428 -20.59 0.85 -15.17
CA SER A 428 -19.63 0.43 -14.15
C SER A 428 -19.55 1.40 -12.98
N LYS A 429 -19.88 2.68 -13.20
CA LYS A 429 -19.78 3.65 -12.13
C LYS A 429 -20.81 3.42 -11.04
N LYS A 430 -21.95 2.81 -11.38
CA LYS A 430 -22.94 2.47 -10.37
C LYS A 430 -22.37 1.52 -9.34
N PHE A 431 -21.63 0.52 -9.78
CA PHE A 431 -20.94 -0.38 -8.85
C PHE A 431 -19.70 0.27 -8.26
N ALA A 432 -19.08 1.20 -8.99
CA ALA A 432 -17.88 1.86 -8.49
C ALA A 432 -18.18 2.70 -7.25
N GLU A 433 -19.32 3.41 -7.26
CA GLU A 433 -19.63 4.27 -6.12
C GLU A 433 -19.98 3.49 -4.86
N ILE A 434 -20.05 2.16 -4.97
CA ILE A 434 -20.35 1.30 -3.77
C ILE A 434 -19.12 0.46 -3.40
N ASP A 435 -18.38 -0.02 -4.40
CA ASP A 435 -17.19 -0.84 -4.14
C ASP A 435 -15.95 -0.02 -3.83
N PHE A 436 -15.92 1.26 -4.20
CA PHE A 436 -14.75 2.10 -4.03
C PHE A 436 -15.10 3.34 -3.22
N GLN A 437 -14.17 3.75 -2.36
CA GLN A 437 -14.37 4.89 -1.47
C GLN A 437 -14.05 6.23 -2.11
N SER A 438 -13.38 6.24 -3.26
CA SER A 438 -12.99 7.50 -3.88
C SER A 438 -12.81 7.29 -5.37
N LYS A 439 -12.81 8.40 -6.10
CA LYS A 439 -12.63 8.33 -7.55
C LYS A 439 -11.22 7.92 -7.93
N SER A 440 -10.22 8.29 -7.12
CA SER A 440 -8.85 7.87 -7.40
C SER A 440 -8.71 6.36 -7.31
N GLU A 441 -9.34 5.75 -6.31
CA GLU A 441 -9.30 4.30 -6.18
C GLU A 441 -9.97 3.63 -7.38
N PHE A 442 -11.10 4.18 -7.84
CA PHE A 442 -11.75 3.63 -9.02
C PHE A 442 -10.86 3.77 -10.25
N GLN A 443 -10.19 4.91 -10.39
CA GLN A 443 -9.32 5.11 -11.55
C GLN A 443 -8.14 4.15 -11.54
N THR A 444 -7.51 3.94 -10.38
CA THR A 444 -6.39 3.01 -10.34
C THR A 444 -6.85 1.57 -10.52
N PHE A 445 -8.05 1.23 -10.03
CA PHE A 445 -8.58 -0.10 -10.29
C PHE A 445 -8.88 -0.29 -11.78
N CYS A 446 -9.38 0.76 -12.43
CA CYS A 446 -9.60 0.69 -13.88
C CYS A 446 -8.28 0.50 -14.62
N SER A 447 -7.23 1.19 -14.17
CA SER A 447 -5.92 1.00 -14.79
C SER A 447 -5.43 -0.44 -14.62
N THR A 448 -5.59 -1.01 -13.43
CA THR A 448 -5.19 -2.40 -13.22
C THR A 448 -6.04 -3.35 -14.07
N TYR A 449 -7.33 -3.09 -14.16
CA TYR A 449 -8.23 -3.91 -14.96
C TYR A 449 -7.82 -3.89 -16.43
N ARG A 450 -7.51 -2.70 -16.95
CA ARG A 450 -7.07 -2.60 -18.33
C ARG A 450 -5.71 -3.26 -18.53
N LYS A 451 -4.82 -3.18 -17.55
CA LYS A 451 -3.55 -3.90 -17.63
C LYS A 451 -3.77 -5.41 -17.74
N ARG A 452 -4.68 -5.95 -16.93
CA ARG A 452 -4.95 -7.38 -17.00
C ARG A 452 -5.66 -7.76 -18.30
N ILE A 453 -6.52 -6.89 -18.82
CA ILE A 453 -7.16 -7.13 -20.10
C ILE A 453 -6.11 -7.16 -21.22
N ARG A 454 -5.15 -6.23 -21.16
CA ARG A 454 -4.06 -6.24 -22.14
C ARG A 454 -3.22 -7.50 -22.02
N ASP A 455 -3.01 -7.97 -20.79
CA ASP A 455 -2.32 -9.26 -20.61
C ASP A 455 -3.10 -10.39 -21.26
N ILE A 456 -4.43 -10.39 -21.11
CA ILE A 456 -5.26 -11.40 -21.75
C ILE A 456 -5.10 -11.36 -23.27
N ILE A 457 -5.15 -10.15 -23.84
CA ILE A 457 -5.02 -9.99 -25.28
C ILE A 457 -3.65 -10.49 -25.75
N ARG A 458 -2.60 -10.13 -25.02
CA ARG A 458 -1.25 -10.55 -25.40
C ARG A 458 -1.11 -12.07 -25.35
N LEU A 459 -1.62 -12.70 -24.29
CA LEU A 459 -1.51 -14.15 -24.18
C LEU A 459 -2.31 -14.84 -25.28
N ILE A 460 -3.50 -14.33 -25.59
CA ILE A 460 -4.30 -14.93 -26.65
C ILE A 460 -3.60 -14.80 -28.00
N SER A 461 -3.03 -13.62 -28.27
CA SER A 461 -2.32 -13.41 -29.52
C SER A 461 -1.07 -14.29 -29.62
N CYS A 462 -0.44 -14.57 -28.48
CA CYS A 462 0.71 -15.49 -28.50
C CYS A 462 0.26 -16.92 -28.77
N VAL A 463 -0.80 -17.36 -28.10
CA VAL A 463 -1.24 -18.75 -28.22
C VAL A 463 -1.88 -19.01 -29.58
N GLU A 464 -2.67 -18.06 -30.07
CA GLU A 464 -3.51 -18.28 -31.24
C GLU A 464 -3.22 -17.24 -32.32
N LEU A 465 -1.95 -17.10 -32.69
CA LEU A 465 -1.50 -15.96 -33.49
C LEU A 465 -2.26 -15.85 -34.81
N ASP A 466 -2.54 -16.98 -35.47
CA ASP A 466 -3.23 -16.91 -36.75
C ASP A 466 -4.65 -16.39 -36.60
N LEU A 467 -5.43 -16.99 -35.69
CA LEU A 467 -6.79 -16.54 -35.46
C LEU A 467 -6.83 -15.12 -34.95
N THR A 468 -5.93 -14.78 -34.03
CA THR A 468 -5.90 -13.42 -33.48
C THR A 468 -5.56 -12.41 -34.57
N TYR A 469 -4.60 -12.74 -35.44
CA TYR A 469 -4.23 -11.83 -36.52
C TYR A 469 -5.38 -11.63 -37.49
N ASP A 470 -6.06 -12.71 -37.89
CA ASP A 470 -7.18 -12.57 -38.81
C ASP A 470 -8.29 -11.72 -38.18
N TRP A 471 -8.61 -11.99 -36.92
CA TRP A 471 -9.64 -11.22 -36.23
C TRP A 471 -9.25 -9.76 -36.08
N LEU A 472 -7.98 -9.50 -35.76
CA LEU A 472 -7.52 -8.12 -35.60
C LEU A 472 -7.55 -7.37 -36.92
N ASN A 473 -7.14 -8.02 -38.01
CA ASN A 473 -7.21 -7.38 -39.32
C ASN A 473 -8.65 -7.03 -39.69
N ASN A 474 -9.57 -7.98 -39.49
CA ASN A 474 -10.97 -7.71 -39.79
C ASN A 474 -11.52 -6.58 -38.92
N ARG A 475 -11.18 -6.59 -37.62
CA ARG A 475 -11.67 -5.57 -36.71
C ARG A 475 -11.14 -4.19 -37.08
N LEU A 476 -9.85 -4.10 -37.41
CA LEU A 476 -9.27 -2.83 -37.81
C LEU A 476 -9.91 -2.30 -39.09
N ASN A 477 -10.12 -3.19 -40.08
CA ASN A 477 -10.76 -2.76 -41.31
C ASN A 477 -12.17 -2.26 -41.04
N ASN A 478 -12.93 -2.98 -40.22
CA ASN A 478 -14.30 -2.57 -39.91
C ASN A 478 -14.33 -1.24 -39.16
N TYR A 479 -13.41 -1.06 -38.21
CA TYR A 479 -13.40 0.18 -37.43
C TYR A 479 -13.02 1.37 -38.30
N PHE A 480 -11.97 1.24 -39.11
CA PHE A 480 -11.54 2.36 -39.95
C PHE A 480 -12.43 2.56 -41.17
N SER A 481 -13.33 1.62 -41.46
CA SER A 481 -14.40 1.86 -42.42
C SER A 481 -15.65 2.43 -41.76
N SER A 482 -15.71 2.46 -40.44
CA SER A 482 -16.85 2.99 -39.71
C SER A 482 -16.81 4.51 -39.68
N PRO A 483 -17.95 5.17 -39.42
CA PRO A 483 -17.94 6.63 -39.35
C PRO A 483 -16.99 7.20 -38.30
N PHE A 484 -16.84 6.52 -37.16
CA PHE A 484 -15.85 6.96 -36.18
C PHE A 484 -14.44 6.88 -36.74
N GLY A 485 -14.13 5.80 -37.46
CA GLY A 485 -12.85 5.71 -38.12
C GLY A 485 -12.64 6.80 -39.16
N GLN A 486 -13.70 7.15 -39.88
CA GLN A 486 -13.60 8.26 -40.84
C GLN A 486 -13.34 9.57 -40.13
N GLN A 487 -14.00 9.81 -38.99
CA GLN A 487 -13.73 11.02 -38.21
C GLN A 487 -12.29 11.05 -37.74
N VAL A 488 -11.77 9.91 -37.27
CA VAL A 488 -10.39 9.85 -36.81
C VAL A 488 -9.42 10.14 -37.95
N LEU A 489 -9.68 9.54 -39.11
CA LEU A 489 -8.76 9.70 -40.24
C LEU A 489 -8.86 11.08 -40.88
N SER A 490 -10.03 11.70 -40.85
CA SER A 490 -10.28 12.98 -41.50
C SER A 490 -10.30 14.14 -40.51
N SER A 491 -9.47 14.08 -39.47
CA SER A 491 -9.38 15.17 -38.50
C SER A 491 -7.93 15.33 -38.07
N THR A 492 -7.62 16.54 -37.60
CA THR A 492 -6.28 16.87 -37.13
C THR A 492 -6.17 16.88 -35.61
N PHE A 493 -7.16 17.42 -34.91
CA PHE A 493 -7.18 17.46 -33.47
C PHE A 493 -8.51 16.92 -32.96
N LEU A 494 -8.45 15.99 -32.01
CA LEU A 494 -9.63 15.38 -31.44
C LEU A 494 -9.68 15.64 -29.95
N ASP A 495 -10.91 15.72 -29.41
CA ASP A 495 -11.10 15.86 -27.97
C ASP A 495 -10.57 14.60 -27.28
N HIS A 496 -9.50 14.76 -26.50
CA HIS A 496 -8.82 13.61 -25.90
C HIS A 496 -9.60 12.97 -24.76
N LYS A 497 -10.84 13.40 -24.51
CA LYS A 497 -11.71 12.77 -23.54
C LYS A 497 -13.09 12.54 -24.14
N LEU A 498 -13.13 12.10 -25.40
CA LEU A 498 -14.37 11.85 -26.11
C LEU A 498 -14.22 10.55 -26.91
N GLU A 499 -15.37 10.01 -27.31
CA GLU A 499 -15.40 8.67 -27.90
C GLU A 499 -14.54 8.50 -29.15
N PRO A 500 -14.55 9.41 -30.14
CA PRO A 500 -13.77 9.13 -31.36
C PRO A 500 -12.29 8.91 -31.11
N TYR A 501 -11.69 9.66 -30.18
CA TYR A 501 -10.28 9.45 -29.87
C TYR A 501 -10.07 8.19 -29.05
N LEU A 502 -10.95 7.96 -28.07
CA LEU A 502 -10.77 6.82 -27.17
C LEU A 502 -10.89 5.49 -27.90
N GLY A 503 -11.83 5.38 -28.85
CA GLY A 503 -11.96 4.14 -29.60
C GLY A 503 -10.72 3.80 -30.39
N ALA A 504 -10.18 4.79 -31.11
CA ALA A 504 -8.97 4.57 -31.88
C ALA A 504 -7.78 4.27 -30.97
N LEU A 505 -7.72 4.93 -29.82
CA LEU A 505 -6.67 4.61 -28.86
C LEU A 505 -6.76 3.17 -28.39
N SER A 506 -7.99 2.69 -28.14
CA SER A 506 -8.17 1.30 -27.75
C SER A 506 -7.73 0.35 -28.87
N GLN A 507 -8.04 0.70 -30.12
CA GLN A 507 -7.58 -0.11 -31.24
C GLN A 507 -6.06 -0.19 -31.28
N TYR A 508 -5.39 0.94 -31.06
CA TYR A 508 -3.94 0.95 -31.12
C TYR A 508 -3.33 0.18 -29.95
N MET A 509 -3.95 0.24 -28.77
CA MET A 509 -3.49 -0.59 -27.67
C MET A 509 -3.68 -2.08 -27.98
N ILE A 510 -4.77 -2.43 -28.66
CA ILE A 510 -4.97 -3.82 -29.07
C ILE A 510 -3.88 -4.25 -30.05
N VAL A 511 -3.51 -3.37 -30.98
CA VAL A 511 -2.43 -3.68 -31.92
C VAL A 511 -1.12 -3.88 -31.16
N GLU A 512 -0.84 -3.01 -30.19
CA GLU A 512 0.36 -3.16 -29.37
C GLU A 512 0.36 -4.49 -28.64
N CYS A 513 -0.78 -4.88 -28.08
CA CYS A 513 -0.87 -6.17 -27.39
C CYS A 513 -0.62 -7.32 -28.35
N PHE A 514 -1.13 -7.22 -29.58
CA PHE A 514 -0.89 -8.28 -30.56
C PHE A 514 0.60 -8.38 -30.89
N ILE A 515 1.27 -7.24 -31.06
CA ILE A 515 2.71 -7.29 -31.34
C ILE A 515 3.48 -7.89 -30.17
N ASN A 516 3.09 -7.53 -28.94
CA ASN A 516 3.71 -8.12 -27.76
C ASN A 516 3.44 -9.62 -27.70
N GLY A 517 2.26 -10.05 -28.14
CA GLY A 517 1.98 -11.47 -28.20
C GLY A 517 2.85 -12.20 -29.20
N CYS A 518 3.13 -11.56 -30.35
CA CYS A 518 4.07 -12.15 -31.30
C CYS A 518 5.47 -12.24 -30.70
N ILE A 519 5.89 -11.19 -29.99
CA ILE A 519 7.20 -11.22 -29.32
C ILE A 519 7.26 -12.37 -28.33
N ARG A 520 6.19 -12.57 -27.55
CA ARG A 520 6.14 -13.69 -26.63
C ARG A 520 6.15 -15.03 -27.37
N TRP A 521 5.45 -15.11 -28.50
CA TRP A 521 5.45 -16.33 -29.30
C TRP A 521 6.86 -16.69 -29.76
N LYS A 522 7.70 -15.68 -29.99
CA LYS A 522 9.07 -15.96 -30.40
C LYS A 522 9.78 -16.90 -29.44
N ILE A 523 9.41 -16.87 -28.16
CA ILE A 523 10.02 -17.75 -27.16
C ILE A 523 9.10 -18.91 -26.81
N TRP A 524 7.78 -18.68 -26.79
CA TRP A 524 6.85 -19.70 -26.33
C TRP A 524 6.85 -20.93 -27.23
N TYR A 525 6.90 -20.71 -28.55
CA TYR A 525 6.84 -21.83 -29.47
C TYR A 525 8.11 -22.68 -29.34
N PRO A 526 7.97 -24.01 -29.34
CA PRO A 526 9.16 -24.87 -29.23
C PRO A 526 10.06 -24.72 -30.45
N THR A 527 11.37 -24.86 -30.22
CA THR A 527 12.38 -24.67 -31.25
C THR A 527 12.55 -25.94 -32.09
N GLY A 528 11.48 -26.30 -32.79
CA GLY A 528 11.48 -27.44 -33.68
C GLY A 528 11.94 -27.07 -35.08
N ASP A 529 11.77 -28.02 -36.00
CA ASP A 529 12.13 -27.78 -37.39
C ASP A 529 11.16 -26.81 -38.06
N ASP A 530 9.92 -26.76 -37.57
CA ASP A 530 8.89 -25.89 -38.14
C ASP A 530 8.97 -24.47 -37.60
N TYR A 531 9.89 -24.18 -36.68
CA TYR A 531 9.98 -22.86 -36.08
C TYR A 531 10.31 -21.79 -37.11
N ASP A 532 11.25 -22.07 -38.02
CA ASP A 532 11.71 -21.05 -38.95
C ASP A 532 10.63 -20.65 -39.93
N GLU A 533 9.89 -21.62 -40.48
CA GLU A 533 8.83 -21.31 -41.43
C GLU A 533 7.71 -20.50 -40.77
N LYS A 534 7.30 -20.92 -39.56
CA LYS A 534 6.25 -20.20 -38.85
C LYS A 534 6.72 -18.79 -38.48
N LEU A 535 7.98 -18.65 -38.07
CA LEU A 535 8.51 -17.34 -37.74
C LEU A 535 8.55 -16.44 -38.98
N ASP A 536 8.93 -16.99 -40.13
CA ASP A 536 8.93 -16.21 -41.36
C ASP A 536 7.52 -15.76 -41.72
N SER A 537 6.54 -16.66 -41.59
CA SER A 537 5.16 -16.30 -41.87
C SER A 537 4.67 -15.19 -40.93
N ILE A 538 5.02 -15.30 -39.65
CA ILE A 538 4.61 -14.29 -38.68
C ILE A 538 5.27 -12.95 -38.99
N LEU A 539 6.55 -12.96 -39.38
CA LEU A 539 7.21 -11.72 -39.77
C LEU A 539 6.55 -11.10 -40.98
N GLN A 540 6.18 -11.91 -41.97
CA GLN A 540 5.49 -11.38 -43.14
C GLN A 540 4.15 -10.77 -42.75
N LYS A 541 3.40 -11.46 -41.88
CA LYS A 541 2.11 -10.92 -41.43
C LYS A 541 2.29 -9.59 -40.70
N LEU A 542 3.30 -9.51 -39.83
CA LEU A 542 3.53 -8.28 -39.09
C LEU A 542 3.96 -7.14 -40.00
N GLU A 543 4.78 -7.44 -41.02
CA GLU A 543 5.17 -6.42 -41.97
C GLU A 543 3.97 -5.92 -42.76
N ILE A 544 3.09 -6.85 -43.16
CA ILE A 544 1.88 -6.45 -43.88
C ILE A 544 1.01 -5.56 -43.00
N LEU A 545 0.85 -5.95 -41.72
CA LEU A 545 0.05 -5.15 -40.79
C LEU A 545 0.65 -3.76 -40.59
N SER A 546 1.98 -3.69 -40.46
CA SER A 546 2.63 -2.39 -40.28
C SER A 546 2.45 -1.51 -41.49
N ASN A 547 2.60 -2.08 -42.69
CA ASN A 547 2.38 -1.30 -43.91
C ASN A 547 0.94 -0.83 -44.01
N GLN A 548 0.00 -1.69 -43.63
CA GLN A 548 -1.42 -1.30 -43.65
C GLN A 548 -1.70 -0.16 -42.67
N LEU A 549 -1.10 -0.24 -41.48
CA LEU A 549 -1.35 0.77 -40.46
C LEU A 549 -0.73 2.11 -40.83
N ILE A 550 0.44 2.09 -41.48
CA ILE A 550 1.12 3.32 -41.86
C ILE A 550 0.34 4.05 -42.94
N ALA A 551 -0.24 3.30 -43.88
CA ALA A 551 -0.93 3.91 -45.02
C ALA A 551 -2.18 4.67 -44.63
N LEU A 552 -2.64 4.53 -43.39
CA LEU A 552 -3.82 5.27 -42.94
C LEU A 552 -3.59 6.77 -42.94
N ASN A 553 -2.34 7.22 -42.86
CA ASN A 553 -1.98 8.64 -42.79
C ASN A 553 -2.69 9.32 -41.62
N LEU A 554 -2.47 8.75 -40.44
CA LEU A 554 -3.06 9.29 -39.22
C LEU A 554 -2.45 10.66 -38.92
N ARG A 555 -3.32 11.60 -38.51
CA ARG A 555 -2.89 12.98 -38.28
C ARG A 555 -3.05 13.45 -36.85
N GLU A 556 -3.85 12.79 -36.03
CA GLU A 556 -4.03 13.19 -34.64
C GLU A 556 -2.69 13.02 -33.90
N PRO A 557 -2.16 14.08 -33.28
CA PRO A 557 -0.82 13.96 -32.68
C PRO A 557 -0.74 12.97 -31.54
N LEU A 558 -1.70 12.97 -30.62
CA LEU A 558 -1.64 12.08 -29.47
C LEU A 558 -1.94 10.64 -29.82
N LEU A 559 -2.41 10.37 -31.03
CA LEU A 559 -2.63 9.02 -31.54
C LEU A 559 -1.51 8.56 -32.45
N LEU A 560 -1.01 9.46 -33.29
CA LEU A 560 0.24 9.20 -34.01
C LEU A 560 1.37 8.92 -33.03
N LYS A 561 1.30 9.51 -31.83
CA LYS A 561 2.28 9.20 -30.79
C LYS A 561 2.22 7.72 -30.41
N LYS A 562 1.01 7.19 -30.21
CA LYS A 562 0.88 5.77 -29.89
C LYS A 562 1.34 4.90 -31.06
N GLN A 563 1.07 5.35 -32.29
CA GLN A 563 1.58 4.63 -33.45
C GLN A 563 3.11 4.58 -33.44
N ILE A 564 3.75 5.70 -33.10
CA ILE A 564 5.21 5.72 -32.99
C ILE A 564 5.68 4.80 -31.87
N GLN A 565 4.93 4.74 -30.77
CA GLN A 565 5.26 3.81 -29.70
C GLN A 565 5.25 2.37 -30.21
N ASN A 566 4.22 2.01 -30.98
CA ASN A 566 4.15 0.66 -31.54
C ASN A 566 5.20 0.43 -32.61
N PHE A 567 5.74 1.49 -33.20
CA PHE A 567 6.80 1.34 -34.20
C PHE A 567 8.02 0.62 -33.61
N ALA A 568 8.35 0.91 -32.35
CA ALA A 568 9.50 0.25 -31.73
C ALA A 568 9.26 -1.25 -31.58
N LEU A 569 8.04 -1.64 -31.20
CA LEU A 569 7.72 -3.06 -31.09
C LEU A 569 7.74 -3.73 -32.45
N PHE A 570 7.28 -3.03 -33.49
CA PHE A 570 7.39 -3.58 -34.85
C PHE A 570 8.86 -3.79 -35.23
N LEU A 571 9.70 -2.80 -34.94
CA LEU A 571 11.12 -2.88 -35.28
C LEU A 571 11.81 -4.00 -34.51
N THR A 572 11.38 -4.26 -33.28
CA THR A 572 12.01 -5.31 -32.49
C THR A 572 11.89 -6.67 -33.16
N MET A 573 10.72 -6.96 -33.76
CA MET A 573 10.53 -8.25 -34.41
C MET A 573 11.07 -8.25 -35.83
N LEU A 574 10.74 -7.22 -36.62
CA LEU A 574 11.04 -7.26 -38.04
C LEU A 574 12.48 -6.84 -38.36
N LYS A 575 13.18 -6.20 -37.42
CA LYS A 575 14.60 -5.86 -37.55
C LYS A 575 14.81 -5.01 -38.81
N ASP A 576 15.78 -5.35 -39.66
CA ASP A 576 16.18 -4.45 -40.75
C ASP A 576 15.06 -4.25 -41.77
N ASN A 577 14.25 -5.27 -42.00
CA ASN A 577 13.23 -5.27 -43.05
C ASN A 577 12.40 -4.00 -43.11
N VAL A 578 12.07 -3.43 -41.95
CA VAL A 578 11.25 -2.22 -41.92
C VAL A 578 11.97 -1.12 -41.15
N LEU A 579 13.25 -1.31 -40.86
CA LEU A 579 13.98 -0.33 -40.06
C LEU A 579 14.03 1.03 -40.73
N PHE A 580 14.40 1.07 -42.01
N PHE A 580 14.40 1.07 -42.01
CA PHE A 580 14.49 2.34 -42.71
CA PHE A 580 14.49 2.34 -42.71
C PHE A 580 13.13 3.00 -42.88
C PHE A 580 13.13 3.00 -42.88
N THR A 581 12.10 2.21 -43.19
CA THR A 581 10.76 2.76 -43.37
C THR A 581 10.25 3.39 -42.07
N LEU A 582 10.39 2.67 -40.96
CA LEU A 582 9.94 3.21 -39.68
C LEU A 582 10.78 4.42 -39.26
N LEU A 583 12.09 4.38 -39.52
CA LEU A 583 12.94 5.51 -39.18
C LEU A 583 12.52 6.75 -39.96
N GLU A 584 12.29 6.61 -41.26
CA GLU A 584 11.85 7.74 -42.07
C GLU A 584 10.48 8.24 -41.64
N LYS A 585 9.57 7.32 -41.31
CA LYS A 585 8.24 7.73 -40.86
C LYS A 585 8.30 8.50 -39.55
N ILE A 586 9.15 8.06 -38.63
CA ILE A 586 9.31 8.77 -37.36
C ILE A 586 9.93 10.14 -37.59
N ILE A 587 10.94 10.21 -38.46
CA ILE A 587 11.60 11.49 -38.72
C ILE A 587 10.63 12.48 -39.34
N THR A 588 9.86 12.02 -40.34
CA THR A 588 8.94 12.93 -41.03
C THR A 588 7.71 13.29 -40.21
N SER A 589 7.37 12.47 -39.21
CA SER A 589 6.23 12.78 -38.34
C SER A 589 6.59 13.71 -37.20
N ALA A 590 7.89 13.97 -36.98
CA ALA A 590 8.34 14.92 -35.97
C ALA A 590 8.56 16.31 -36.53
N THR A 591 8.35 16.51 -37.84
CA THR A 591 8.55 17.80 -38.49
C THR A 591 7.29 18.27 -39.22
N MET A 592 6.14 17.65 -38.94
CA MET A 592 4.90 18.07 -39.58
C MET A 592 4.51 19.46 -39.10
N ASP A 593 4.05 20.30 -40.04
CA ASP A 593 3.90 21.73 -39.76
C ASP A 593 2.72 22.00 -38.85
N TYR A 594 1.60 21.31 -39.05
CA TYR A 594 0.34 21.60 -38.39
C TYR A 594 -0.02 23.07 -38.58
N PRO A 595 -0.38 23.48 -39.80
CA PRO A 595 -0.62 24.92 -40.06
C PRO A 595 -1.82 25.48 -39.31
N GLU A 596 -2.71 24.63 -38.81
CA GLU A 596 -3.93 25.14 -38.18
C GLU A 596 -3.63 25.98 -36.94
N ILE A 597 -2.68 25.54 -36.12
CA ILE A 597 -2.36 26.21 -34.87
C ILE A 597 -0.90 26.59 -34.85
N ASN A 598 -0.56 27.48 -33.91
CA ASN A 598 0.82 27.88 -33.66
C ASN A 598 1.27 27.32 -32.32
N LEU A 599 2.49 26.81 -32.28
CA LEU A 599 2.98 26.02 -31.15
C LEU A 599 3.61 26.85 -30.04
N GLU A 600 3.69 28.16 -30.20
CA GLU A 600 4.37 29.01 -29.21
C GLU A 600 3.45 29.53 -28.12
N GLU A 601 2.14 29.29 -28.21
CA GLU A 601 1.20 29.81 -27.22
C GLU A 601 0.90 28.85 -26.09
N ARG A 602 1.49 27.65 -26.10
CA ARG A 602 1.28 26.65 -25.06
C ARG A 602 -0.21 26.36 -24.88
N GLY A 603 -0.87 26.05 -25.99
CA GLY A 603 -2.28 25.72 -25.96
C GLY A 603 -2.54 24.28 -25.55
N ALA A 604 -3.82 23.97 -25.35
CA ALA A 604 -4.21 22.61 -25.01
C ALA A 604 -3.90 21.66 -26.15
N GLU A 605 -4.18 22.07 -27.39
CA GLU A 605 -3.88 21.24 -28.55
C GLU A 605 -2.44 21.36 -29.01
N SER A 606 -1.70 22.38 -28.55
CA SER A 606 -0.27 22.45 -28.84
C SER A 606 0.53 21.49 -27.98
N ASP A 607 0.05 21.22 -26.76
CA ASP A 607 0.73 20.25 -25.91
C ASP A 607 0.71 18.87 -26.51
N ALA A 608 -0.36 18.52 -27.24
CA ALA A 608 -0.40 17.23 -27.91
C ALA A 608 0.70 17.11 -28.97
N VAL A 609 0.90 18.16 -29.76
CA VAL A 609 1.95 18.15 -30.77
C VAL A 609 3.33 18.11 -30.10
N ARG A 610 3.49 18.86 -29.00
CA ARG A 610 4.76 18.83 -28.28
C ARG A 610 5.06 17.43 -27.75
N ASP A 611 4.05 16.76 -27.19
CA ASP A 611 4.25 15.40 -26.69
C ASP A 611 4.55 14.44 -27.83
N LEU A 612 3.88 14.62 -28.98
CA LEU A 612 4.16 13.77 -30.13
C LEU A 612 5.62 13.93 -30.59
N ARG A 613 6.10 15.17 -30.67
CA ARG A 613 7.47 15.39 -31.10
C ARG A 613 8.47 14.84 -30.09
N TYR A 614 8.19 15.01 -28.79
CA TYR A 614 9.07 14.46 -27.76
C TYR A 614 9.11 12.94 -27.84
N ALA A 615 7.96 12.31 -28.05
CA ALA A 615 7.92 10.86 -28.20
C ALA A 615 8.68 10.41 -29.45
N CYS A 616 8.55 11.16 -30.54
CA CYS A 616 9.31 10.83 -31.75
C CYS A 616 10.82 10.89 -31.48
N GLY A 617 11.27 11.93 -30.77
CA GLY A 617 12.68 12.01 -30.44
C GLY A 617 13.16 10.89 -29.55
N ILE A 618 12.38 10.57 -28.51
CA ILE A 618 12.80 9.51 -27.60
C ILE A 618 12.79 8.15 -28.30
N GLU A 619 11.84 7.93 -29.22
CA GLU A 619 11.84 6.69 -29.99
C GLU A 619 12.99 6.65 -30.98
N LEU A 620 13.38 7.79 -31.53
CA LEU A 620 14.58 7.82 -32.37
C LEU A 620 15.81 7.41 -31.56
N ASN A 621 15.93 7.92 -30.33
CA ASN A 621 17.04 7.52 -29.48
C ASN A 621 17.00 6.04 -29.17
N ARG A 622 15.82 5.51 -28.87
CA ARG A 622 15.67 4.09 -28.58
C ARG A 622 16.05 3.24 -29.79
N MET A 623 15.60 3.63 -30.99
CA MET A 623 15.95 2.90 -32.19
C MET A 623 17.45 2.93 -32.46
N ALA A 624 18.08 4.09 -32.25
CA ALA A 624 19.52 4.17 -32.42
C ALA A 624 20.25 3.26 -31.44
N LEU A 625 19.76 3.20 -30.19
CA LEU A 625 20.38 2.29 -29.22
C LEU A 625 20.20 0.83 -29.63
N LEU A 626 19.02 0.48 -30.15
CA LEU A 626 18.74 -0.93 -30.45
C LEU A 626 19.54 -1.41 -31.65
N MET A 627 19.55 -0.65 -32.74
CA MET A 627 20.17 -1.08 -33.99
C MET A 627 21.14 -0.01 -34.48
N PRO A 628 22.29 0.13 -33.82
CA PRO A 628 23.26 1.15 -34.27
C PRO A 628 24.01 0.74 -35.52
N GLU A 629 24.42 -0.52 -35.63
CA GLU A 629 25.24 -0.96 -36.75
C GLU A 629 24.50 -0.81 -38.08
N SER A 630 23.22 -1.16 -38.10
CA SER A 630 22.45 -1.05 -39.33
C SER A 630 22.29 0.40 -39.77
N LEU A 631 22.33 1.34 -38.82
CA LEU A 631 22.22 2.76 -39.16
C LEU A 631 23.53 3.34 -39.69
N LYS A 632 24.64 2.63 -39.55
CA LYS A 632 25.91 3.13 -40.09
C LYS A 632 25.87 3.20 -41.61
N LYS A 633 25.24 2.22 -42.25
CA LYS A 633 25.19 2.21 -43.72
C LYS A 633 24.48 3.42 -44.28
N ILE A 634 23.53 3.98 -43.53
CA ILE A 634 22.71 5.10 -43.98
C ILE A 634 23.05 6.38 -43.22
N TYR A 635 24.14 6.38 -42.44
CA TYR A 635 24.45 7.53 -41.59
C TYR A 635 24.62 8.83 -42.37
N PRO A 636 25.37 8.91 -43.47
CA PRO A 636 25.51 10.21 -44.16
C PRO A 636 24.18 10.80 -44.59
N ASP A 637 23.26 9.97 -45.08
CA ASP A 637 21.93 10.47 -45.43
C ASP A 637 21.19 10.98 -44.20
N LEU A 638 21.28 10.24 -43.09
CA LEU A 638 20.65 10.68 -41.85
C LEU A 638 21.27 12.00 -41.37
N GLU A 639 22.59 12.12 -41.45
CA GLU A 639 23.25 13.35 -41.03
C GLU A 639 22.78 14.53 -41.88
N SER A 640 22.74 14.35 -43.20
CA SER A 640 22.29 15.43 -44.07
C SER A 640 20.84 15.81 -43.80
N VAL A 641 19.97 14.81 -43.65
CA VAL A 641 18.55 15.08 -43.42
C VAL A 641 18.35 15.82 -42.10
N ILE A 642 19.03 15.37 -41.04
CA ILE A 642 18.89 16.02 -39.75
C ILE A 642 19.44 17.44 -39.79
N ALA A 643 20.60 17.64 -40.43
CA ALA A 643 21.16 18.99 -40.55
C ALA A 643 20.22 19.91 -41.30
N ARG A 644 19.56 19.40 -42.34
CA ARG A 644 18.54 20.20 -43.03
C ARG A 644 17.37 20.50 -42.10
N ILE A 645 16.99 19.53 -41.27
CA ILE A 645 15.85 19.71 -40.37
C ILE A 645 16.18 20.68 -39.25
N MET A 646 17.46 20.76 -38.85
CA MET A 646 17.85 21.46 -37.62
C MET A 646 17.29 22.88 -37.49
N PRO A 647 17.35 23.75 -38.51
CA PRO A 647 16.79 25.10 -38.33
C PRO A 647 15.31 25.12 -38.00
N ASN A 648 14.57 24.12 -38.48
CA ASN A 648 13.10 24.06 -38.26
C ASN A 648 12.79 23.06 -37.14
N LEU A 649 13.59 23.05 -36.08
CA LEU A 649 13.36 22.16 -34.95
C LEU A 649 13.65 22.90 -33.66
N SER A 650 12.87 22.58 -32.62
CA SER A 650 13.03 23.22 -31.32
C SER A 650 14.30 22.74 -30.62
N TYR A 651 14.72 23.49 -29.61
CA TYR A 651 15.95 23.18 -28.89
C TYR A 651 15.87 21.82 -28.20
N HIS A 652 14.74 21.52 -27.58
CA HIS A 652 14.56 20.22 -26.93
C HIS A 652 14.70 19.08 -27.94
N GLU A 653 13.99 19.18 -29.06
CA GLU A 653 14.11 18.16 -30.09
C GLU A 653 15.45 18.23 -30.79
N LYS A 654 16.08 19.42 -30.83
CA LYS A 654 17.44 19.53 -31.34
C LYS A 654 18.40 18.68 -30.53
N ILE A 655 18.30 18.76 -29.20
CA ILE A 655 19.15 17.95 -28.34
C ILE A 655 18.84 16.48 -28.51
N SER A 656 17.55 16.13 -28.65
CA SER A 656 17.19 14.73 -28.86
C SER A 656 17.80 14.18 -30.14
N PHE A 657 17.72 14.95 -31.23
CA PHE A 657 18.27 14.51 -32.51
C PHE A 657 19.78 14.42 -32.46
N LYS A 658 20.44 15.37 -31.79
CA LYS A 658 21.89 15.32 -31.65
C LYS A 658 22.31 14.10 -30.85
N SER A 659 21.54 13.74 -29.81
CA SER A 659 21.83 12.54 -29.05
C SER A 659 21.65 11.29 -29.90
N PHE A 660 20.64 11.28 -30.76
CA PHE A 660 20.43 10.16 -31.68
C PHE A 660 21.64 9.99 -32.61
N LEU A 661 22.11 11.10 -33.18
CA LEU A 661 23.30 11.06 -34.02
C LEU A 661 24.52 10.61 -33.23
N LEU A 662 24.63 11.05 -31.97
CA LEU A 662 25.76 10.64 -31.13
C LEU A 662 25.72 9.15 -30.87
N ILE A 663 24.54 8.59 -30.63
CA ILE A 663 24.41 7.14 -30.42
C ILE A 663 24.90 6.40 -31.65
N ILE A 664 24.46 6.85 -32.84
CA ILE A 664 24.92 6.18 -34.06
C ILE A 664 26.44 6.32 -34.20
N VAL A 665 26.98 7.50 -33.88
CA VAL A 665 28.42 7.73 -34.03
C VAL A 665 29.21 6.79 -33.14
N LEU A 666 28.80 6.67 -31.88
CA LEU A 666 29.60 5.93 -30.91
C LEU A 666 29.41 4.42 -31.05
N LYS A 667 28.16 3.95 -31.10
CA LYS A 667 27.93 2.51 -31.02
C LYS A 667 28.25 1.78 -32.32
N SER A 668 28.00 2.40 -33.47
CA SER A 668 28.06 1.72 -34.76
C SER A 668 29.47 1.48 -35.27
N SER A 669 30.50 1.68 -34.45
CA SER A 669 31.88 1.44 -34.84
C SER A 669 32.27 2.26 -36.07
N LEU A 670 31.76 3.47 -36.16
CA LEU A 670 32.09 4.35 -37.27
C LEU A 670 33.50 4.88 -37.12
N ASP A 671 34.11 5.25 -38.25
CA ASP A 671 35.46 5.79 -38.23
C ASP A 671 35.46 7.20 -37.61
N MET A 672 36.65 7.63 -37.21
CA MET A 672 36.91 8.95 -36.62
C MET A 672 35.83 9.31 -35.58
N LYS A 673 35.80 8.53 -34.51
CA LYS A 673 34.85 8.78 -33.43
C LYS A 673 35.06 10.15 -32.80
N GLU A 674 36.32 10.52 -32.56
CA GLU A 674 36.61 11.74 -31.82
C GLU A 674 36.13 12.99 -32.55
N GLU A 675 36.35 13.05 -33.87
CA GLU A 675 35.99 14.24 -34.63
C GLU A 675 34.49 14.45 -34.64
N ARG A 676 33.73 13.39 -34.92
CA ARG A 676 32.28 13.50 -34.92
C ARG A 676 31.74 13.81 -33.52
N PHE A 677 32.32 13.18 -32.49
CA PHE A 677 31.90 13.46 -31.12
C PHE A 677 32.12 14.92 -30.78
N ALA A 678 33.27 15.48 -31.15
CA ALA A 678 33.54 16.89 -30.89
C ALA A 678 32.56 17.77 -31.65
N ALA A 679 32.38 17.51 -32.95
CA ALA A 679 31.50 18.35 -33.76
C ALA A 679 30.06 18.30 -33.26
N ILE A 680 29.67 17.21 -32.60
CA ILE A 680 28.31 17.12 -32.08
C ILE A 680 28.19 17.77 -30.71
N VAL A 681 29.17 17.55 -29.83
CA VAL A 681 29.03 17.92 -28.43
C VAL A 681 29.47 19.36 -28.18
N ASP A 682 30.63 19.76 -28.71
CA ASP A 682 31.20 21.05 -28.35
C ASP A 682 30.28 22.24 -28.60
N PRO A 683 29.55 22.35 -29.72
CA PRO A 683 28.64 23.49 -29.87
C PRO A 683 27.59 23.58 -28.78
N GLU A 684 27.09 22.44 -28.30
CA GLU A 684 26.05 22.47 -27.26
C GLU A 684 26.64 22.78 -25.89
N LEU A 685 27.83 22.27 -25.60
CA LEU A 685 28.48 22.51 -24.32
C LEU A 685 29.23 23.84 -24.26
N LEU A 686 29.26 24.59 -25.36
CA LEU A 686 29.99 25.85 -25.38
C LEU A 686 29.34 26.90 -24.47
N ALA A 687 28.03 26.79 -24.25
CA ALA A 687 27.34 27.78 -23.43
C ALA A 687 27.82 27.78 -22.00
N TRP A 688 28.33 26.64 -21.51
CA TRP A 688 28.84 26.58 -20.14
C TRP A 688 30.05 27.48 -19.96
N SER A 689 30.94 27.51 -20.94
CA SER A 689 32.19 28.26 -20.85
C SER A 689 32.09 29.68 -21.39
N ASP A 690 30.88 30.18 -21.60
CA ASP A 690 30.71 31.55 -22.08
C ASP A 690 31.29 32.53 -21.06
N LYS A 691 32.08 33.49 -21.57
CA LYS A 691 32.81 34.39 -20.68
C LYS A 691 31.85 35.20 -19.81
N THR A 692 30.79 35.74 -20.43
CA THR A 692 29.81 36.51 -19.66
C THR A 692 29.12 35.62 -18.63
N THR A 693 28.74 34.40 -19.03
CA THR A 693 28.11 33.48 -18.08
C THR A 693 29.08 33.09 -16.98
N VAL A 694 30.35 32.86 -17.32
CA VAL A 694 31.34 32.45 -16.32
C VAL A 694 31.55 33.55 -15.30
N VAL A 695 31.73 34.79 -15.76
CA VAL A 695 32.00 35.88 -14.84
C VAL A 695 30.75 36.26 -14.05
N GLY A 696 29.57 36.14 -14.65
CA GLY A 696 28.36 36.54 -13.97
C GLY A 696 27.76 35.49 -13.06
N LEU A 697 28.15 34.23 -13.22
CA LEU A 697 27.58 33.16 -12.40
C LEU A 697 27.98 33.28 -10.93
N SER A 698 29.02 34.05 -10.63
CA SER A 698 29.41 34.31 -9.25
C SER A 698 28.67 35.49 -8.64
N ASP A 699 27.85 36.18 -9.41
CA ASP A 699 27.07 37.32 -8.93
C ASP A 699 25.60 36.95 -8.93
N LEU A 700 24.93 37.13 -7.79
CA LEU A 700 23.53 36.76 -7.69
C LEU A 700 22.64 37.72 -8.47
N HIS A 701 22.98 39.00 -8.53
CA HIS A 701 22.18 39.94 -9.30
C HIS A 701 22.20 39.59 -10.78
N TRP A 702 23.35 39.13 -11.28
CA TRP A 702 23.42 38.64 -12.66
C TRP A 702 22.51 37.44 -12.85
N PHE A 703 22.47 36.54 -11.86
CA PHE A 703 21.59 35.38 -11.92
C PHE A 703 20.13 35.80 -11.99
N MET A 704 19.74 36.78 -11.16
CA MET A 704 18.37 37.28 -11.18
C MET A 704 18.03 37.94 -12.50
N GLU A 705 18.97 38.73 -13.05
CA GLU A 705 18.74 39.39 -14.33
C GLU A 705 18.57 38.37 -15.45
N ARG A 706 19.41 37.33 -15.46
CA ARG A 706 19.26 36.27 -16.46
C ARG A 706 17.94 35.53 -16.29
N LEU A 707 17.54 35.27 -15.04
CA LEU A 707 16.23 34.70 -14.80
C LEU A 707 15.11 35.65 -15.21
N GLY A 708 15.39 36.94 -15.29
CA GLY A 708 14.42 37.92 -15.76
C GLY A 708 13.69 38.69 -14.70
N ILE A 709 14.09 38.58 -13.43
CA ILE A 709 13.35 39.21 -12.34
C ILE A 709 13.28 40.72 -12.51
N VAL A 710 14.32 41.33 -13.07
CA VAL A 710 14.28 42.76 -13.35
C VAL A 710 13.19 43.07 -14.36
N GLN A 711 13.08 42.25 -15.41
CA GLN A 711 12.00 42.42 -16.38
C GLN A 711 10.65 42.23 -15.73
N ILE A 712 10.54 41.32 -14.76
CA ILE A 712 9.27 41.13 -14.06
C ILE A 712 8.93 42.37 -13.25
N ALA A 713 9.93 42.98 -12.62
CA ALA A 713 9.70 44.22 -11.88
C ALA A 713 9.24 45.33 -12.82
N GLU A 714 9.86 45.44 -13.99
CA GLU A 714 9.44 46.45 -14.96
C GLU A 714 8.01 46.21 -15.42
N TYR A 715 7.65 44.95 -15.69
CA TYR A 715 6.30 44.61 -16.12
C TYR A 715 5.29 44.93 -15.01
N PHE A 716 5.65 44.62 -13.75
CA PHE A 716 4.76 44.93 -12.64
C PHE A 716 4.56 46.44 -12.49
N GLN A 717 5.64 47.21 -12.64
CA GLN A 717 5.53 48.66 -12.55
C GLN A 717 4.67 49.21 -13.68
N ARG A 718 4.80 48.65 -14.88
CA ARG A 718 3.97 49.09 -15.99
C ARG A 718 2.49 48.80 -15.73
N ARG A 719 2.19 47.72 -15.02
CA ARG A 719 0.82 47.38 -14.66
C ARG A 719 0.39 47.97 -13.33
N ASP A 720 1.26 48.75 -12.68
CA ASP A 720 0.95 49.41 -11.41
C ASP A 720 0.58 48.40 -10.33
N ILE A 721 1.43 47.40 -10.16
CA ILE A 721 1.25 46.38 -9.13
C ILE A 721 2.10 46.75 -7.93
N ASP A 722 1.61 46.40 -6.74
CA ASP A 722 2.27 46.73 -5.48
C ASP A 722 2.35 45.50 -4.60
N GLU A 723 3.25 45.56 -3.61
CA GLU A 723 3.40 44.45 -2.68
C GLU A 723 2.13 44.22 -1.87
N ASN A 724 1.48 45.30 -1.43
CA ASN A 724 0.23 45.16 -0.69
C ASN A 724 -0.86 44.51 -1.53
N SER A 725 -0.80 44.69 -2.85
CA SER A 725 -1.78 44.07 -3.73
C SER A 725 -1.54 42.56 -3.79
N ASP A 726 -2.62 41.79 -3.66
CA ASP A 726 -2.51 40.34 -3.70
C ASP A 726 -2.33 39.86 -5.13
N LEU A 727 -1.32 39.03 -5.35
CA LEU A 727 -1.05 38.50 -6.68
C LEU A 727 -2.06 37.44 -7.10
N LEU A 728 -2.76 36.84 -6.14
CA LEU A 728 -3.73 35.79 -6.44
C LEU A 728 -5.01 36.33 -7.06
N SER A 729 -5.19 37.66 -7.10
CA SER A 729 -6.38 38.26 -7.67
C SER A 729 -6.12 39.06 -8.94
N ILE A 730 -4.85 39.35 -9.25
CA ILE A 730 -4.53 40.16 -10.42
C ILE A 730 -4.60 39.31 -11.68
N PRO A 731 -5.40 39.71 -12.67
CA PRO A 731 -5.45 38.94 -13.92
C PRO A 731 -4.13 39.01 -14.68
N ILE A 732 -3.85 37.94 -15.43
CA ILE A 732 -2.62 37.83 -16.20
C ILE A 732 -2.78 38.55 -17.53
N ASP A 733 -1.66 38.78 -18.21
CA ASP A 733 -1.65 39.46 -19.51
C ASP A 733 -0.84 38.65 -20.51
N ASP A 734 -1.22 38.76 -21.79
CA ASP A 734 -0.50 38.05 -22.83
C ASP A 734 0.94 38.53 -22.96
N GLU A 735 1.20 39.78 -22.61
CA GLU A 735 2.58 40.26 -22.54
C GLU A 735 3.39 39.44 -21.56
N GLY A 736 2.78 39.07 -20.43
CA GLY A 736 3.45 38.19 -19.49
C GLY A 736 3.73 36.82 -20.08
N LYS A 737 2.81 36.31 -20.91
CA LYS A 737 3.02 35.03 -21.57
C LYS A 737 4.21 35.10 -22.52
N GLU A 738 4.27 36.16 -23.32
CA GLU A 738 5.42 36.32 -24.22
C GLU A 738 6.71 36.47 -23.43
N LEU A 739 6.67 37.22 -22.32
CA LEU A 739 7.85 37.42 -21.51
C LEU A 739 8.35 36.11 -20.91
N LYS A 740 7.44 35.28 -20.38
CA LYS A 740 7.87 34.03 -19.79
C LYS A 740 8.37 33.06 -20.85
N SER A 741 7.75 33.07 -22.03
CA SER A 741 8.26 32.23 -23.12
C SER A 741 9.69 32.63 -23.50
N GLU A 742 9.93 33.93 -23.66
CA GLU A 742 11.27 34.40 -23.98
C GLU A 742 12.25 34.05 -22.87
N LEU A 743 11.84 34.24 -21.61
CA LEU A 743 12.72 33.97 -20.49
C LEU A 743 13.08 32.50 -20.41
N THR A 744 12.11 31.61 -20.59
CA THR A 744 12.42 30.18 -20.50
C THR A 744 13.25 29.72 -21.69
N LYS A 745 13.03 30.28 -22.88
CA LYS A 745 13.89 29.95 -24.01
C LYS A 745 15.33 30.38 -23.74
N ARG A 746 15.51 31.63 -23.29
CA ARG A 746 16.86 32.12 -23.00
C ARG A 746 17.50 31.34 -21.86
N TRP A 747 16.70 30.91 -20.88
CA TRP A 747 17.23 30.15 -19.76
C TRP A 747 17.70 28.77 -20.20
N GLN A 748 16.87 28.06 -20.95
CA GLN A 748 17.24 26.72 -21.40
C GLN A 748 18.41 26.78 -22.39
N SER A 749 18.55 27.87 -23.14
CA SER A 749 19.72 28.02 -23.99
C SER A 749 20.96 28.43 -23.19
N LEU A 750 20.78 29.13 -22.08
CA LEU A 750 21.91 29.67 -21.32
C LEU A 750 22.62 28.57 -20.52
N PHE A 751 21.87 27.67 -19.90
CA PHE A 751 22.42 26.59 -19.10
C PHE A 751 22.01 25.26 -19.73
N PRO A 752 22.83 24.72 -20.62
CA PRO A 752 22.49 23.45 -21.31
C PRO A 752 22.65 22.23 -20.41
N VAL A 753 21.87 22.20 -19.33
CA VAL A 753 21.90 21.05 -18.43
C VAL A 753 21.34 19.81 -19.12
N ARG A 754 20.24 19.97 -19.86
CA ARG A 754 19.65 18.83 -20.54
C ARG A 754 20.59 18.25 -21.59
N ALA A 755 21.26 19.13 -22.36
CA ALA A 755 22.18 18.64 -23.38
C ALA A 755 23.31 17.83 -22.76
N THR A 756 23.92 18.35 -21.69
CA THR A 756 25.00 17.63 -21.03
C THR A 756 24.52 16.30 -20.46
N ARG A 757 23.37 16.30 -19.79
CA ARG A 757 22.87 15.07 -19.20
C ARG A 757 22.59 14.02 -20.27
N MET A 758 21.91 14.41 -21.35
CA MET A 758 21.60 13.47 -22.41
C MET A 758 22.87 12.93 -23.05
N PHE A 759 23.81 13.82 -23.38
CA PHE A 759 25.03 13.39 -24.05
C PHE A 759 25.83 12.43 -23.17
N ILE A 760 25.99 12.77 -21.89
CA ILE A 760 26.77 11.93 -20.99
C ILE A 760 26.11 10.57 -20.80
N HIS A 761 24.80 10.58 -20.51
CA HIS A 761 24.11 9.31 -20.25
C HIS A 761 24.10 8.42 -21.49
N TYR A 762 23.85 8.99 -22.66
CA TYR A 762 23.78 8.19 -23.87
C TYR A 762 25.15 7.75 -24.36
N SER A 763 26.21 8.51 -24.03
CA SER A 763 27.55 8.02 -24.29
C SER A 763 27.91 6.87 -23.35
N MET A 764 27.42 6.94 -22.11
CA MET A 764 27.61 5.82 -21.19
C MET A 764 26.86 4.58 -21.67
N GLN A 765 25.68 4.76 -22.26
CA GLN A 765 24.94 3.62 -22.80
C GLN A 765 25.65 2.97 -23.97
N SER A 766 26.64 3.64 -24.56
CA SER A 766 27.39 3.11 -25.69
C SER A 766 28.53 2.19 -25.28
N ILE A 767 28.69 1.92 -23.98
CA ILE A 767 29.81 1.14 -23.48
C ILE A 767 29.45 -0.34 -23.50
N LYS A 768 30.34 -1.15 -24.07
CA LYS A 768 30.13 -2.59 -24.12
C LYS A 768 31.31 -3.33 -23.51
N THR A 769 32.49 -2.73 -23.58
CA THR A 769 33.70 -3.34 -23.04
C THR A 769 34.53 -2.25 -22.36
N ASP A 770 35.53 -2.69 -21.60
CA ASP A 770 36.30 -1.76 -20.76
C ASP A 770 37.19 -0.84 -21.59
N GLU A 771 37.73 -1.32 -22.71
CA GLU A 771 38.71 -0.53 -23.47
C GLU A 771 38.07 0.72 -24.06
N GLU A 772 36.96 0.56 -24.78
CA GLU A 772 36.27 1.73 -25.29
C GLU A 772 35.63 2.54 -24.17
N PHE A 773 35.34 1.93 -23.02
CA PHE A 773 34.95 2.71 -21.86
C PHE A 773 36.06 3.66 -21.44
N LYS A 774 37.31 3.17 -21.41
CA LYS A 774 38.44 4.03 -21.07
C LYS A 774 38.64 5.12 -22.10
N MET A 775 38.51 4.80 -23.39
CA MET A 775 38.73 5.84 -24.39
C MET A 775 37.62 6.88 -24.35
N LEU A 776 36.38 6.45 -24.11
CA LEU A 776 35.29 7.42 -23.94
C LEU A 776 35.49 8.27 -22.70
N GLN A 777 35.99 7.68 -21.62
CA GLN A 777 36.27 8.45 -20.41
C GLN A 777 37.35 9.49 -20.66
N ASP A 778 38.38 9.12 -21.43
CA ASP A 778 39.41 10.08 -21.81
C ASP A 778 38.84 11.16 -22.73
N LEU A 779 37.91 10.78 -23.61
CA LEU A 779 37.31 11.72 -24.54
C LEU A 779 36.46 12.75 -23.81
N TRP A 780 35.71 12.32 -22.79
CA TRP A 780 34.86 13.22 -22.03
C TRP A 780 35.64 14.05 -21.02
N ARG A 781 36.89 13.69 -20.75
CA ARG A 781 37.67 14.41 -19.74
C ARG A 781 37.90 15.88 -20.09
N PRO A 782 38.34 16.25 -21.29
CA PRO A 782 38.54 17.68 -21.58
C PRO A 782 37.26 18.48 -21.61
N ARG A 783 36.10 17.85 -21.75
CA ARG A 783 34.84 18.57 -21.85
C ARG A 783 34.12 18.72 -20.52
N ILE A 784 34.62 18.10 -19.45
CA ILE A 784 33.93 18.07 -18.16
C ILE A 784 34.70 18.84 -17.09
N VAL A 785 35.99 18.55 -16.94
CA VAL A 785 36.78 19.16 -15.88
C VAL A 785 36.90 20.68 -16.01
N PRO A 786 36.75 21.30 -17.18
CA PRO A 786 36.61 22.76 -17.20
C PRO A 786 35.18 23.25 -17.08
N ILE A 787 34.21 22.33 -16.96
CA ILE A 787 32.81 22.70 -16.87
C ILE A 787 32.22 22.42 -15.50
N LEU A 788 32.76 21.45 -14.76
CA LEU A 788 32.28 21.14 -13.42
C LEU A 788 32.23 22.34 -12.49
N PRO A 789 33.23 23.24 -12.44
CA PRO A 789 33.08 24.43 -11.59
C PRO A 789 31.85 25.26 -11.93
N TYR A 790 31.51 25.39 -13.21
CA TYR A 790 30.35 26.20 -13.58
C TYR A 790 29.04 25.51 -13.21
N ILE A 791 28.98 24.17 -13.35
CA ILE A 791 27.80 23.45 -12.91
C ILE A 791 27.61 23.59 -11.40
N THR A 792 28.71 23.45 -10.65
CA THR A 792 28.62 23.62 -9.20
C THR A 792 28.22 25.04 -8.84
N ARG A 793 28.71 26.03 -9.59
CA ARG A 793 28.33 27.41 -9.35
C ARG A 793 26.84 27.65 -9.64
N LEU A 794 26.32 27.00 -10.68
CA LEU A 794 24.90 27.10 -10.98
C LEU A 794 24.07 26.49 -9.84
N LEU A 795 24.50 25.34 -9.32
CA LEU A 795 23.80 24.76 -8.18
C LEU A 795 23.90 25.66 -6.95
N TYR A 796 25.07 26.28 -6.76
CA TYR A 796 25.26 27.29 -5.72
C TYR A 796 24.23 28.39 -5.82
N GLN A 797 24.09 28.96 -7.02
CA GLN A 797 23.15 30.07 -7.21
C GLN A 797 21.71 29.63 -7.01
N LEU A 798 21.37 28.42 -7.48
CA LEU A 798 20.02 27.90 -7.27
C LEU A 798 19.74 27.68 -5.79
N GLN A 799 20.76 27.33 -5.00
CA GLN A 799 20.58 27.21 -3.57
C GLN A 799 20.45 28.58 -2.92
N SER A 800 21.26 29.55 -3.36
CA SER A 800 21.21 30.89 -2.78
C SER A 800 19.94 31.65 -3.16
N TYR A 801 19.23 31.21 -4.19
CA TYR A 801 18.00 31.88 -4.59
C TYR A 801 16.92 31.77 -3.53
N HIS A 802 16.94 30.71 -2.74
CA HIS A 802 15.92 30.46 -1.73
C HIS A 802 16.18 31.19 -0.42
N ASP A 803 17.30 31.90 -0.31
CA ASP A 803 17.67 32.54 0.95
C ASP A 803 16.99 33.90 1.05
N PRO A 804 16.14 34.13 2.05
CA PRO A 804 15.48 35.45 2.16
C PRO A 804 16.44 36.60 2.36
N ASP A 805 17.61 36.36 2.97
CA ASP A 805 18.58 37.42 3.17
C ASP A 805 19.12 37.98 1.85
N ASN A 806 19.03 37.20 0.76
CA ASN A 806 19.53 37.63 -0.53
C ASN A 806 18.51 38.40 -1.34
N TRP A 807 17.26 38.49 -0.88
CA TRP A 807 16.22 39.19 -1.62
C TRP A 807 16.16 40.68 -1.31
N LYS A 808 16.75 41.13 -0.21
CA LYS A 808 16.66 42.53 0.16
C LYS A 808 17.39 43.44 -0.82
N GLY A 809 18.35 42.91 -1.57
CA GLY A 809 18.99 43.71 -2.62
C GLY A 809 18.12 43.92 -3.84
N LEU A 810 17.10 43.08 -4.03
CA LEU A 810 16.20 43.22 -5.14
C LEU A 810 15.28 44.42 -4.95
N PRO A 811 14.68 44.94 -6.02
CA PRO A 811 13.69 46.02 -5.86
C PRO A 811 12.53 45.59 -4.97
N THR A 812 11.98 46.57 -4.26
CA THR A 812 10.93 46.28 -3.29
C THR A 812 9.69 45.68 -3.96
N VAL A 813 9.47 45.99 -5.24
CA VAL A 813 8.25 45.55 -5.93
C VAL A 813 8.27 44.08 -6.29
N VAL A 814 9.39 43.38 -6.08
CA VAL A 814 9.46 41.95 -6.39
C VAL A 814 9.94 41.16 -5.19
N GLN A 815 9.90 41.78 -4.00
CA GLN A 815 10.25 41.04 -2.79
C GLN A 815 9.27 39.91 -2.53
N SER A 816 7.98 40.16 -2.74
CA SER A 816 6.99 39.11 -2.55
C SER A 816 6.97 38.13 -3.72
N PHE A 817 7.38 38.57 -4.91
CA PHE A 817 7.34 37.70 -6.08
C PHE A 817 8.27 36.51 -5.92
N VAL A 818 9.50 36.75 -5.47
CA VAL A 818 10.46 35.66 -5.27
C VAL A 818 9.99 34.75 -4.13
N LYS A 819 9.39 35.32 -3.10
CA LYS A 819 8.86 34.52 -2.00
C LYS A 819 7.75 33.60 -2.50
N TYR A 820 6.86 34.12 -3.33
CA TYR A 820 5.81 33.28 -3.91
C TYR A 820 6.39 32.20 -4.81
N SER A 821 7.43 32.54 -5.56
CA SER A 821 8.08 31.54 -6.42
C SER A 821 8.75 30.45 -5.60
N THR A 822 9.31 30.79 -4.44
CA THR A 822 10.04 29.82 -3.64
C THR A 822 9.14 28.70 -3.13
N ILE A 823 7.94 29.06 -2.64
CA ILE A 823 7.06 28.06 -2.03
C ILE A 823 6.52 27.12 -3.10
N GLU A 824 6.26 25.88 -2.69
CA GLU A 824 5.75 24.83 -3.57
C GLU A 824 4.37 24.38 -3.10
N ARG A 825 3.64 23.73 -4.00
CA ARG A 825 2.25 23.36 -3.77
C ARG A 825 2.04 21.86 -3.86
N PHE A 826 2.98 21.06 -3.36
CA PHE A 826 2.81 19.61 -3.34
C PHE A 826 1.57 19.23 -2.53
N TRP A 827 0.90 18.18 -2.98
CA TRP A 827 -0.34 17.73 -2.35
C TRP A 827 -0.28 16.23 -2.10
N GLU A 828 -0.91 15.81 -1.01
CA GLU A 828 -0.96 14.40 -0.63
C GLU A 828 -2.38 14.00 -0.29
N ALA A 829 -2.75 12.78 -0.66
CA ALA A 829 -4.04 12.22 -0.28
C ALA A 829 -3.97 11.72 1.16
N GLY A 830 -4.86 12.23 2.01
CA GLY A 830 -4.84 11.92 3.41
C GLY A 830 -4.26 13.01 4.28
N ALA A 831 -3.52 13.94 3.71
CA ALA A 831 -2.97 15.08 4.44
C ALA A 831 -3.91 16.29 4.44
N SER A 832 -5.05 16.19 3.75
CA SER A 832 -6.02 17.26 3.72
C SER A 832 -7.38 16.69 3.34
N ASN A 833 -8.44 17.43 3.67
CA ASN A 833 -9.77 17.03 3.26
C ASN A 833 -9.97 17.15 1.75
N LYS A 834 -9.17 17.97 1.09
CA LYS A 834 -9.28 18.13 -0.35
C LYS A 834 -8.77 16.90 -1.08
N SER A 835 -9.38 16.61 -2.22
CA SER A 835 -8.95 15.53 -3.09
C SER A 835 -8.10 16.11 -4.23
N LYS A 836 -7.73 15.26 -5.18
CA LYS A 836 -6.92 15.71 -6.30
C LYS A 836 -7.68 16.68 -7.20
N ASP A 837 -9.00 16.50 -7.33
CA ASP A 837 -9.76 17.28 -8.30
C ASP A 837 -9.73 18.77 -7.97
N GLU A 838 -10.08 19.14 -6.74
CA GLU A 838 -10.10 20.55 -6.37
C GLU A 838 -8.71 21.14 -6.22
N PHE A 839 -7.69 20.33 -5.93
CA PHE A 839 -6.31 20.81 -5.93
C PHE A 839 -5.88 21.20 -7.34
N ILE A 840 -6.15 20.33 -8.32
CA ILE A 840 -5.89 20.67 -9.71
C ILE A 840 -6.77 21.83 -10.15
N ASP A 841 -7.96 21.96 -9.56
CA ASP A 841 -8.81 23.11 -9.83
C ASP A 841 -8.15 24.40 -9.36
N GLU A 842 -7.54 24.38 -8.17
CA GLU A 842 -6.81 25.56 -7.69
C GLU A 842 -5.65 25.90 -8.61
N HIS A 843 -4.92 24.88 -9.07
CA HIS A 843 -3.82 25.16 -10.01
C HIS A 843 -4.35 25.72 -11.33
N MET A 844 -5.47 25.18 -11.83
CA MET A 844 -6.03 25.67 -13.09
C MET A 844 -6.53 27.10 -12.96
N LYS A 845 -7.11 27.44 -11.80
CA LYS A 845 -7.62 28.80 -11.60
C LYS A 845 -6.49 29.82 -11.65
N ALA A 846 -5.34 29.49 -11.07
CA ALA A 846 -4.22 30.42 -11.04
C ALA A 846 -3.65 30.71 -12.42
N MET A 847 -3.92 29.84 -13.41
CA MET A 847 -3.35 30.00 -14.74
C MET A 847 -3.63 31.39 -15.28
N GLN A 848 -4.89 31.82 -15.24
CA GLN A 848 -5.27 33.15 -15.69
C GLN A 848 -4.95 34.24 -14.67
N THR A 849 -4.07 33.96 -13.72
CA THR A 849 -3.74 34.89 -12.64
C THR A 849 -2.25 35.14 -12.64
N LEU A 850 -1.86 36.33 -12.14
CA LEU A 850 -0.45 36.69 -12.07
C LEU A 850 0.33 35.80 -11.11
N ARG A 851 -0.35 35.10 -10.21
CA ARG A 851 0.33 34.20 -9.28
C ARG A 851 0.95 33.02 -10.02
N ASP A 852 0.32 32.56 -11.10
CA ASP A 852 0.90 31.50 -11.90
C ASP A 852 2.23 31.92 -12.51
N PHE A 853 2.45 33.22 -12.68
CA PHE A 853 3.74 33.69 -13.20
C PHE A 853 4.86 33.38 -12.20
N ALA A 854 4.64 33.72 -10.93
CA ALA A 854 5.61 33.37 -9.90
C ALA A 854 5.74 31.86 -9.74
N ASP A 855 4.61 31.15 -9.87
CA ASP A 855 4.66 29.69 -9.81
C ASP A 855 5.52 29.12 -10.93
N SER A 856 5.42 29.69 -12.14
CA SER A 856 6.22 29.22 -13.26
C SER A 856 7.69 29.58 -13.07
N VAL A 857 7.98 30.74 -12.49
CA VAL A 857 9.37 31.08 -12.20
C VAL A 857 9.96 30.09 -11.19
N GLY A 858 9.21 29.77 -10.14
CA GLY A 858 9.67 28.78 -9.19
C GLY A 858 9.83 27.41 -9.82
N HIS A 859 8.93 27.05 -10.73
CA HIS A 859 9.05 25.78 -11.43
C HIS A 859 10.31 25.75 -12.30
N ILE A 860 10.63 26.87 -12.95
CA ILE A 860 11.85 26.94 -13.73
C ILE A 860 13.06 26.75 -12.83
N ILE A 861 13.07 27.41 -11.67
CA ILE A 861 14.19 27.27 -10.74
C ILE A 861 14.34 25.83 -10.29
N ARG A 862 13.23 25.20 -9.90
CA ARG A 862 13.28 23.82 -9.40
C ARG A 862 13.67 22.85 -10.50
N TYR A 863 13.18 23.07 -11.72
CA TYR A 863 13.56 22.22 -12.86
C TYR A 863 15.04 22.33 -13.15
N THR A 864 15.59 23.55 -13.12
CA THR A 864 17.01 23.74 -13.34
C THR A 864 17.83 23.05 -12.24
N ARG A 865 17.38 23.16 -10.99
CA ARG A 865 18.08 22.50 -9.90
C ARG A 865 18.04 20.98 -10.05
N GLU A 866 16.88 20.44 -10.42
CA GLU A 866 16.76 19.00 -10.64
C GLU A 866 17.69 18.55 -11.76
N TYR A 867 17.74 19.30 -12.86
CA TYR A 867 18.56 18.88 -13.98
C TYR A 867 20.05 19.05 -13.69
N THR A 868 20.45 20.05 -12.92
CA THR A 868 21.86 20.15 -12.57
C THR A 868 22.27 19.07 -11.58
N LEU A 869 21.37 18.66 -10.68
CA LEU A 869 21.66 17.51 -9.84
C LEU A 869 21.79 16.24 -10.68
N LEU A 870 20.92 16.08 -11.68
CA LEU A 870 21.02 14.93 -12.57
C LEU A 870 22.33 14.97 -13.37
N VAL A 871 22.75 16.16 -13.79
CA VAL A 871 24.02 16.28 -14.51
C VAL A 871 25.18 15.89 -13.62
N LEU A 872 25.17 16.34 -12.36
CA LEU A 872 26.22 15.95 -11.43
C LEU A 872 26.23 14.44 -11.19
N SER A 873 25.04 13.84 -11.10
CA SER A 873 24.97 12.39 -10.95
C SER A 873 25.52 11.68 -12.18
N ALA A 874 25.21 12.19 -13.38
CA ALA A 874 25.71 11.58 -14.61
C ALA A 874 27.22 11.69 -14.71
N ILE A 875 27.78 12.83 -14.29
CA ILE A 875 29.24 13.00 -14.30
C ILE A 875 29.89 12.01 -13.33
N SER A 876 29.18 11.64 -12.27
CA SER A 876 29.69 10.60 -11.38
C SER A 876 29.82 9.27 -12.11
N SER A 877 28.85 8.95 -12.97
CA SER A 877 28.92 7.73 -13.77
C SER A 877 30.04 7.76 -14.80
N LEU A 878 30.63 8.93 -15.06
CA LEU A 878 31.74 9.00 -16.01
C LEU A 878 32.96 8.23 -15.53
N GLY A 879 33.05 7.96 -14.23
CA GLY A 879 34.07 7.05 -13.71
C GLY A 879 35.19 7.80 -13.00
N SER A 880 36.43 7.39 -13.27
CA SER A 880 37.59 7.91 -12.56
C SER A 880 37.83 9.39 -12.81
N VAL A 881 37.26 9.96 -13.86
CA VAL A 881 37.53 11.35 -14.20
C VAL A 881 36.92 12.29 -13.16
N PHE A 882 35.81 11.90 -12.53
CA PHE A 882 35.14 12.77 -11.57
C PHE A 882 35.69 12.65 -10.16
N TYR A 883 36.46 11.60 -9.86
CA TYR A 883 36.94 11.38 -8.50
C TYR A 883 38.43 11.63 -8.33
N LEU A 884 39.23 11.53 -9.39
CA LEU A 884 40.68 11.70 -9.24
C LEU A 884 41.09 13.16 -9.10
N LEU A 885 40.35 14.10 -9.69
CA LEU A 885 40.68 15.50 -9.52
C LEU A 885 40.41 15.93 -8.09
N ASP A 886 41.35 16.68 -7.52
CA ASP A 886 41.32 16.95 -6.08
C ASP A 886 40.19 17.89 -5.68
N GLU A 887 39.81 18.81 -6.56
CA GLU A 887 38.87 19.86 -6.19
C GLU A 887 37.41 19.41 -6.18
N SER A 888 37.09 18.24 -6.73
CA SER A 888 35.70 17.85 -6.91
C SER A 888 34.89 17.78 -5.61
N PRO A 889 35.36 17.13 -4.54
CA PRO A 889 34.49 17.02 -3.35
C PRO A 889 34.12 18.36 -2.73
N ASP A 890 35.12 19.21 -2.47
CA ASP A 890 34.83 20.53 -1.91
C ASP A 890 33.98 21.36 -2.88
N LEU A 891 34.29 21.28 -4.18
CA LEU A 891 33.56 22.06 -5.16
C LEU A 891 32.08 21.71 -5.16
N LEU A 892 31.76 20.41 -5.05
CA LEU A 892 30.35 20.03 -5.01
C LEU A 892 29.72 20.37 -3.67
N LEU A 893 30.41 20.07 -2.58
CA LEU A 893 29.77 20.12 -1.26
C LEU A 893 29.55 21.55 -0.80
N ASN A 894 30.51 22.44 -1.04
CA ASN A 894 30.32 23.86 -0.73
C ASN A 894 29.18 24.44 -1.55
N SER A 895 29.04 23.96 -2.79
CA SER A 895 27.94 24.43 -3.63
C SER A 895 26.59 23.99 -3.06
N ILE A 896 26.48 22.72 -2.65
CA ILE A 896 25.17 22.25 -2.18
C ILE A 896 24.82 22.83 -0.82
N ALA A 897 25.79 23.03 0.08
CA ALA A 897 25.49 23.48 1.43
C ALA A 897 26.07 24.87 1.67
N ILE A 898 25.20 25.86 1.84
CA ILE A 898 25.59 27.24 2.05
C ILE A 898 25.55 27.58 3.54
N PHE A 899 26.70 27.48 4.21
CA PHE A 899 26.81 28.02 5.55
C PHE A 899 26.68 29.53 5.54
N LYS A 900 25.67 30.05 6.26
CA LYS A 900 25.48 31.48 6.44
C LYS A 900 26.72 32.01 7.15
N PRO A 901 27.12 33.27 6.93
CA PRO A 901 28.38 33.74 7.54
C PRO A 901 28.43 33.60 9.05
N GLY A 902 27.50 34.23 9.78
CA GLY A 902 27.52 34.13 11.22
C GLY A 902 26.80 32.93 11.78
N SER A 903 25.51 32.80 11.49
CA SER A 903 24.74 31.66 11.99
C SER A 903 25.06 30.40 11.20
N ASN A 904 25.02 29.26 11.89
CA ASN A 904 25.20 27.96 11.25
C ASN A 904 23.84 27.46 10.81
N GLU A 905 23.46 27.78 9.57
CA GLU A 905 22.17 27.39 9.01
C GLU A 905 22.43 26.85 7.62
N ILE A 906 22.16 25.56 7.41
CA ILE A 906 22.51 24.89 6.16
C ILE A 906 21.56 25.37 5.07
N SER A 907 22.06 26.26 4.19
CA SER A 907 21.32 26.77 3.05
C SER A 907 19.96 27.30 3.45
N PRO A 908 19.90 28.47 4.10
CA PRO A 908 18.61 28.96 4.60
C PRO A 908 17.60 29.14 3.49
N GLY A 909 16.35 28.79 3.78
CA GLY A 909 15.25 28.92 2.84
C GLY A 909 15.01 27.71 1.96
N VAL A 910 15.89 26.73 1.97
CA VAL A 910 15.71 25.52 1.16
C VAL A 910 14.78 24.57 1.91
N SER A 911 13.72 24.14 1.23
CA SER A 911 12.71 23.30 1.85
C SER A 911 13.24 21.88 2.06
N THR A 912 12.51 21.12 2.87
CA THR A 912 12.87 19.73 3.13
C THR A 912 12.75 18.88 1.88
N HIS A 913 11.75 19.17 1.03
CA HIS A 913 11.61 18.44 -0.23
C HIS A 913 12.81 18.68 -1.13
N GLY A 914 13.31 19.91 -1.17
CA GLY A 914 14.50 20.19 -1.96
C GLY A 914 15.71 19.44 -1.46
N TRP A 915 15.88 19.35 -0.14
CA TRP A 915 16.99 18.59 0.43
C TRP A 915 16.83 17.10 0.13
N LYS A 916 15.60 16.60 0.19
CA LYS A 916 15.34 15.21 -0.20
C LYS A 916 15.80 14.96 -1.64
N HIS A 917 15.40 15.84 -2.55
CA HIS A 917 15.78 15.68 -3.96
C HIS A 917 17.30 15.76 -4.12
N ILE A 918 17.94 16.72 -3.45
CA ILE A 918 19.39 16.86 -3.56
C ILE A 918 20.08 15.58 -3.10
N MET A 919 19.71 15.10 -1.91
CA MET A 919 20.33 13.88 -1.39
C MET A 919 20.12 12.71 -2.34
N ASN A 920 18.87 12.46 -2.71
CA ASN A 920 18.54 11.28 -3.49
C ASN A 920 19.20 11.29 -4.87
N ILE A 921 19.22 12.45 -5.52
CA ILE A 921 19.71 12.51 -6.89
C ILE A 921 21.23 12.63 -6.95
N ALA A 922 21.84 13.43 -6.08
CA ALA A 922 23.28 13.64 -6.15
C ALA A 922 24.05 12.73 -5.20
N ILE A 923 23.73 12.77 -3.90
CA ILE A 923 24.64 12.21 -2.90
C ILE A 923 24.70 10.70 -3.01
N ARG A 924 23.54 10.05 -3.09
CA ARG A 924 23.53 8.58 -3.14
C ARG A 924 24.22 8.04 -4.39
N PRO A 925 23.88 8.45 -5.62
CA PRO A 925 24.59 7.89 -6.78
C PRO A 925 26.08 8.18 -6.78
N ILE A 926 26.48 9.36 -6.30
CA ILE A 926 27.90 9.68 -6.25
C ILE A 926 28.62 8.84 -5.20
N LEU A 927 27.98 8.66 -4.04
CA LEU A 927 28.60 7.85 -2.99
C LEU A 927 28.74 6.40 -3.42
N LYS A 928 27.71 5.85 -4.09
CA LYS A 928 27.81 4.50 -4.60
C LYS A 928 28.57 4.41 -5.92
N GLY A 929 28.88 5.53 -6.55
CA GLY A 929 29.57 5.54 -7.83
C GLY A 929 31.07 5.59 -7.76
N CYS A 930 31.65 5.61 -6.57
CA CYS A 930 33.10 5.68 -6.44
C CYS A 930 33.73 4.35 -6.81
N PRO A 931 34.65 4.31 -7.77
CA PRO A 931 35.31 3.04 -8.10
C PRO A 931 36.17 2.55 -6.94
N LYS A 932 36.38 1.24 -6.90
CA LYS A 932 37.14 0.64 -5.81
C LYS A 932 38.59 1.09 -5.80
N ASP A 933 39.08 1.63 -6.91
CA ASP A 933 40.45 2.14 -7.00
C ASP A 933 40.53 3.65 -6.74
N CYS A 934 39.41 4.28 -6.39
CA CYS A 934 39.37 5.73 -6.23
C CYS A 934 38.83 6.21 -4.90
N LEU A 935 38.43 5.31 -4.00
CA LEU A 935 37.91 5.74 -2.71
C LEU A 935 38.97 6.45 -1.88
N GLY A 936 40.21 5.95 -1.93
CA GLY A 936 41.26 6.45 -1.05
C GLY A 936 41.61 7.91 -1.26
N LYS A 937 41.20 8.50 -2.40
CA LYS A 937 41.51 9.90 -2.67
C LYS A 937 40.30 10.81 -2.64
N PHE A 938 39.08 10.27 -2.78
CA PHE A 938 37.87 11.09 -2.78
C PHE A 938 37.06 10.95 -1.50
N MET A 939 36.93 9.72 -0.98
CA MET A 939 36.20 9.52 0.28
C MET A 939 36.77 10.32 1.45
N PRO A 940 38.07 10.32 1.74
CA PRO A 940 38.56 11.04 2.93
C PRO A 940 38.47 12.56 2.79
N ALA A 941 38.23 13.08 1.60
CA ALA A 941 38.01 14.51 1.41
C ALA A 941 36.53 14.87 1.29
N PHE A 942 35.65 13.87 1.19
CA PHE A 942 34.22 14.09 1.03
C PHE A 942 33.43 13.76 2.28
N LEU A 943 33.62 12.56 2.85
CA LEU A 943 32.83 12.16 4.01
C LEU A 943 33.03 13.05 5.23
N PRO A 944 34.25 13.47 5.61
CA PRO A 944 34.39 14.29 6.83
C PRO A 944 33.51 15.53 6.85
N LYS A 945 33.36 16.20 5.70
CA LYS A 945 32.45 17.34 5.64
C LYS A 945 31.01 16.90 5.42
N LEU A 946 30.80 15.82 4.66
CA LEU A 946 29.44 15.39 4.33
C LEU A 946 28.65 15.00 5.57
N PHE A 947 29.29 14.26 6.49
CA PHE A 947 28.60 13.86 7.72
C PHE A 947 28.27 15.06 8.59
N GLU A 948 29.19 16.03 8.67
CA GLU A 948 28.90 17.27 9.40
C GLU A 948 27.70 17.99 8.80
N ILE A 949 27.65 18.06 7.47
CA ILE A 949 26.55 18.74 6.79
C ILE A 949 25.23 18.02 7.07
N LEU A 950 25.25 16.68 6.99
CA LEU A 950 24.03 15.91 7.25
C LEU A 950 23.57 16.10 8.70
N ASP A 951 24.50 16.06 9.65
CA ASP A 951 24.14 16.22 11.05
C ASP A 951 23.54 17.60 11.29
N LEU A 952 24.19 18.65 10.78
CA LEU A 952 23.69 20.00 10.98
C LEU A 952 22.32 20.17 10.34
N LEU A 953 22.14 19.68 9.12
CA LEU A 953 20.87 19.82 8.43
C LEU A 953 19.75 19.11 9.19
N LEU A 954 19.99 17.85 9.57
CA LEU A 954 18.95 17.10 10.28
C LEU A 954 18.62 17.75 11.61
N CYS A 955 19.65 18.18 12.36
CA CYS A 955 19.39 18.81 13.65
C CYS A 955 18.59 20.10 13.48
N GLN A 956 18.96 20.93 12.51
CA GLN A 956 18.26 22.20 12.31
C GLN A 956 16.81 21.95 11.90
N LYS A 957 16.58 21.02 10.96
CA LYS A 957 15.22 20.76 10.50
C LYS A 957 14.36 20.22 11.64
N TRP A 958 14.88 19.23 12.38
CA TRP A 958 14.09 18.65 13.46
C TRP A 958 13.81 19.66 14.56
N SER A 959 14.83 20.45 14.93
CA SER A 959 14.64 21.45 15.98
C SER A 959 13.62 22.50 15.55
N SER A 960 13.69 22.94 14.29
CA SER A 960 12.71 23.90 13.80
C SER A 960 11.30 23.31 13.83
N HIS A 961 11.16 22.05 13.44
CA HIS A 961 9.84 21.42 13.43
C HIS A 961 9.26 21.35 14.85
N MET A 962 10.04 20.83 15.80
CA MET A 962 9.52 20.71 17.16
C MET A 962 9.27 22.09 17.78
N ASN A 963 10.15 23.06 17.52
CA ASN A 963 9.93 24.40 18.06
C ASN A 963 8.66 25.03 17.51
N ASP A 964 8.44 24.90 16.20
CA ASP A 964 7.23 25.47 15.61
C ASP A 964 5.99 24.77 16.13
N MET A 965 6.06 23.46 16.33
CA MET A 965 4.91 22.74 16.90
C MET A 965 4.64 23.17 18.34
N ASP A 966 5.69 23.36 19.13
CA ASP A 966 5.50 23.67 20.55
C ASP A 966 5.01 25.09 20.75
N MET A 967 5.61 26.06 20.06
CA MET A 967 5.22 27.45 20.24
C MET A 967 3.96 27.82 19.46
N ASN A 968 3.43 26.93 18.63
CA ASN A 968 2.17 27.14 17.93
C ASN A 968 1.29 25.91 18.14
N PRO A 969 0.73 25.74 19.34
CA PRO A 969 -0.04 24.53 19.64
C PRO A 969 -1.29 24.38 18.77
N VAL A 970 -2.15 25.40 18.79
CA VAL A 970 -3.41 25.36 18.06
C VAL A 970 -3.20 25.99 16.69
N PRO A 971 -3.43 25.28 15.59
CA PRO A 971 -3.34 25.90 14.27
C PRO A 971 -4.42 26.94 14.07
N THR A 972 -4.09 27.95 13.25
CA THR A 972 -5.08 28.97 12.93
C THR A 972 -6.24 28.38 12.12
N ASP A 973 -5.92 27.49 11.18
CA ASP A 973 -6.93 26.87 10.34
C ASP A 973 -6.46 25.46 9.98
N ASP A 974 -7.30 24.73 9.25
CA ASP A 974 -6.94 23.38 8.82
C ASP A 974 -5.78 23.39 7.84
N ASP A 975 -5.60 24.50 7.11
CA ASP A 975 -4.46 24.60 6.21
C ASP A 975 -3.14 24.50 6.96
N GLN A 976 -3.09 25.04 8.18
CA GLN A 976 -1.91 24.89 9.01
C GLN A 976 -1.67 23.43 9.37
N MET A 977 -2.74 22.68 9.66
CA MET A 977 -2.61 21.25 9.89
C MET A 977 -2.07 20.54 8.66
N THR A 978 -2.57 20.89 7.48
CA THR A 978 -2.06 20.27 6.26
C THR A 978 -0.58 20.57 6.06
N GLU A 979 -0.18 21.82 6.29
CA GLU A 979 1.22 22.19 6.16
C GLU A 979 2.09 21.43 7.15
N GLU A 980 1.62 21.30 8.41
CA GLU A 980 2.39 20.57 9.40
C GLU A 980 2.52 19.10 9.04
N ILE A 981 1.44 18.49 8.55
CA ILE A 981 1.49 17.08 8.15
C ILE A 981 2.47 16.90 7.00
N LEU A 982 2.41 17.77 5.99
CA LEU A 982 3.33 17.67 4.87
C LEU A 982 4.77 17.85 5.31
N GLU A 983 5.02 18.83 6.19
CA GLU A 983 6.38 19.04 6.68
C GLU A 983 6.89 17.84 7.46
N GLU A 984 6.04 17.25 8.31
CA GLU A 984 6.45 16.08 9.08
C GLU A 984 6.75 14.91 8.15
N ASN A 985 5.90 14.68 7.15
CA ASN A 985 6.14 13.59 6.22
C ASN A 985 7.43 13.79 5.43
N LEU A 986 7.67 15.02 4.97
CA LEU A 986 8.89 15.30 4.21
C LEU A 986 10.13 15.14 5.09
N LEU A 987 10.05 15.58 6.35
CA LEU A 987 11.18 15.43 7.25
C LEU A 987 11.44 13.95 7.55
N ARG A 988 10.37 13.17 7.71
CA ARG A 988 10.54 11.73 7.89
C ARG A 988 11.19 11.08 6.69
N GLN A 989 10.77 11.46 5.49
CA GLN A 989 11.38 10.91 4.27
C GLN A 989 12.84 11.32 4.13
N LEU A 990 13.16 12.57 4.51
CA LEU A 990 14.55 13.02 4.47
C LEU A 990 15.41 12.24 5.45
N THR A 991 14.88 11.98 6.66
CA THR A 991 15.61 11.16 7.63
C THR A 991 15.80 9.75 7.10
N THR A 992 14.77 9.20 6.43
CA THR A 992 14.90 7.89 5.81
C THR A 992 16.00 7.88 4.75
N VAL A 993 16.07 8.93 3.93
CA VAL A 993 17.12 9.02 2.93
C VAL A 993 18.49 9.08 3.59
N VAL A 994 18.62 9.86 4.66
CA VAL A 994 19.90 9.97 5.35
C VAL A 994 20.33 8.64 5.94
N VAL A 995 19.40 7.92 6.58
CA VAL A 995 19.78 6.64 7.19
C VAL A 995 20.07 5.62 6.09
N ARG A 996 19.40 5.72 4.94
CA ARG A 996 19.76 4.85 3.81
C ARG A 996 21.17 5.16 3.33
N ILE A 997 21.54 6.44 3.30
CA ILE A 997 22.91 6.81 2.94
C ILE A 997 23.90 6.17 3.90
N VAL A 998 23.60 6.26 5.20
CA VAL A 998 24.49 5.69 6.21
C VAL A 998 24.59 4.17 6.03
N ILE A 999 23.45 3.52 5.78
CA ILE A 999 23.44 2.06 5.60
C ILE A 999 24.29 1.67 4.39
N ASP A 1000 24.09 2.33 3.26
CA ASP A 1000 24.85 2.00 2.07
C ASP A 1000 26.32 2.40 2.19
N CYS A 1001 26.66 3.29 3.13
CA CYS A 1001 28.05 3.61 3.38
C CYS A 1001 28.73 2.65 4.35
N VAL A 1002 27.96 2.01 5.23
CA VAL A 1002 28.56 1.11 6.22
C VAL A 1002 27.97 -0.28 6.11
N GLY A 1003 26.64 -0.38 6.21
CA GLY A 1003 25.99 -1.68 6.17
C GLY A 1003 25.55 -2.18 7.53
N GLN A 1004 24.25 -2.46 7.69
CA GLN A 1004 23.69 -2.82 9.04
C GLN A 1004 24.13 -4.20 9.52
N GLY A 1005 23.64 -4.64 10.69
CA GLY A 1005 24.10 -5.92 11.28
C GLY A 1005 22.99 -6.85 11.74
N ASN A 1006 21.85 -6.93 11.02
CA ASN A 1006 20.78 -7.92 11.31
C ASN A 1006 19.90 -7.56 12.52
N ALA A 1007 18.66 -8.07 12.56
CA ALA A 1007 17.70 -7.77 13.61
C ALA A 1007 17.99 -8.57 14.87
N ASN A 1008 18.34 -9.84 14.73
CA ASN A 1008 18.66 -10.66 15.89
C ASN A 1008 19.95 -10.16 16.54
N PRO A 1009 19.98 -9.98 17.86
CA PRO A 1009 21.19 -9.46 18.51
C PRO A 1009 22.43 -10.31 18.29
N ASN A 1010 22.28 -11.63 18.24
CA ASN A 1010 23.43 -12.53 18.14
C ASN A 1010 23.79 -12.86 16.70
N SER A 1011 23.02 -12.40 15.72
CA SER A 1011 23.25 -12.72 14.32
C SER A 1011 23.94 -11.55 13.63
N ALA A 1012 25.09 -11.82 13.01
CA ALA A 1012 25.82 -10.83 12.22
C ALA A 1012 26.33 -11.48 10.95
N LYS A 1013 25.51 -12.31 10.32
CA LYS A 1013 25.91 -13.08 9.15
C LYS A 1013 25.66 -12.35 7.84
N SER A 1014 25.15 -11.12 7.89
CA SER A 1014 24.91 -10.35 6.67
C SER A 1014 26.24 -10.02 6.01
N ARG A 1015 26.48 -10.56 4.83
CA ARG A 1015 27.73 -10.34 4.11
C ARG A 1015 27.72 -8.96 3.48
N LEU A 1016 28.59 -8.07 3.94
CA LEU A 1016 28.72 -6.75 3.35
C LEU A 1016 29.34 -6.87 1.96
N ASN A 1017 28.84 -6.04 1.04
CA ASN A 1017 29.38 -6.04 -0.32
C ASN A 1017 30.78 -5.45 -0.33
N ASN A 1018 31.44 -5.58 -1.48
CA ASN A 1018 32.79 -5.07 -1.62
C ASN A 1018 32.85 -3.56 -1.41
N HIS A 1019 31.88 -2.84 -1.96
CA HIS A 1019 31.83 -1.39 -1.78
C HIS A 1019 31.57 -1.03 -0.31
N GLN A 1020 30.66 -1.74 0.34
CA GLN A 1020 30.38 -1.48 1.76
C GLN A 1020 31.59 -1.82 2.63
N MET A 1021 32.26 -2.94 2.36
CA MET A 1021 33.40 -3.33 3.17
C MET A 1021 34.56 -2.35 3.02
N GLU A 1022 34.78 -1.85 1.81
CA GLU A 1022 35.90 -0.96 1.57
C GLU A 1022 35.76 0.36 2.34
N MET A 1023 34.54 0.88 2.41
CA MET A 1023 34.32 2.15 3.11
C MET A 1023 34.67 2.04 4.59
N ARG A 1024 34.30 0.92 5.22
CA ARG A 1024 34.54 0.77 6.66
C ARG A 1024 36.01 0.89 7.01
N LYS A 1025 36.90 0.52 6.09
CA LYS A 1025 38.33 0.74 6.30
C LYS A 1025 38.65 2.23 6.34
N ILE A 1026 38.04 3.01 5.44
CA ILE A 1026 38.32 4.45 5.37
C ILE A 1026 37.72 5.16 6.58
N ILE A 1027 36.46 4.84 6.92
CA ILE A 1027 35.76 5.59 7.95
C ILE A 1027 36.29 5.26 9.33
N PHE A 1028 36.37 3.98 9.66
CA PHE A 1028 36.71 3.58 11.02
C PHE A 1028 38.18 3.79 11.36
N ASN A 1029 39.06 3.84 10.36
CA ASN A 1029 40.49 4.03 10.57
C ASN A 1029 40.93 5.45 10.27
N ASP A 1030 40.07 6.44 10.52
CA ASP A 1030 40.42 7.84 10.30
C ASP A 1030 39.64 8.69 11.27
N LEU A 1031 40.34 9.40 12.15
CA LEU A 1031 39.68 10.24 13.15
C LEU A 1031 38.94 11.40 12.51
N ASN A 1032 39.43 11.92 11.38
CA ASN A 1032 38.78 13.04 10.72
C ASN A 1032 37.40 12.65 10.22
N THR A 1033 37.24 11.41 9.77
CA THR A 1033 35.95 10.94 9.29
C THR A 1033 35.12 10.27 10.39
N LEU A 1034 35.78 9.63 11.36
CA LEU A 1034 35.05 8.84 12.34
C LEU A 1034 34.22 9.73 13.25
N ALA A 1035 34.82 10.78 13.81
CA ALA A 1035 34.14 11.60 14.80
C ALA A 1035 32.86 12.23 14.26
N PRO A 1036 32.83 12.85 13.08
CA PRO A 1036 31.54 13.30 12.55
C PRO A 1036 30.55 12.18 12.31
N PHE A 1037 31.04 10.97 12.03
CA PHE A 1037 30.14 9.86 11.75
C PHE A 1037 29.34 9.47 12.98
N LEU A 1038 29.97 9.43 14.17
CA LEU A 1038 29.21 9.14 15.37
C LEU A 1038 28.20 10.24 15.68
N LYS A 1039 28.52 11.50 15.34
CA LYS A 1039 27.56 12.57 15.56
C LYS A 1039 26.28 12.33 14.77
N LEU A 1040 26.41 11.89 13.51
CA LEU A 1040 25.23 11.56 12.73
C LEU A 1040 24.51 10.35 13.31
N LEU A 1041 25.25 9.32 13.70
CA LEU A 1041 24.64 8.14 14.30
C LEU A 1041 23.99 8.46 15.63
N ASN A 1042 24.67 9.28 16.46
CA ASN A 1042 24.09 9.67 17.74
C ASN A 1042 22.80 10.47 17.55
N HIS A 1043 22.79 11.36 16.56
CA HIS A 1043 21.58 12.16 16.29
C HIS A 1043 20.48 11.31 15.69
N LEU A 1044 20.83 10.36 14.81
CA LEU A 1044 19.82 9.59 14.09
C LEU A 1044 18.97 8.77 15.04
N ILE A 1045 19.60 8.10 16.01
CA ILE A 1045 18.84 7.31 16.98
C ILE A 1045 18.02 8.22 17.88
N SER A 1046 18.54 9.42 18.19
CA SER A 1046 17.80 10.34 19.05
C SER A 1046 16.53 10.84 18.36
N PHE A 1047 16.57 11.02 17.04
CA PHE A 1047 15.43 11.57 16.32
C PHE A 1047 14.23 10.64 16.41
N LYS A 1048 13.04 11.24 16.56
CA LYS A 1048 11.80 10.49 16.78
C LYS A 1048 11.33 9.88 15.46
N ASP A 1049 12.00 8.81 15.07
CA ASP A 1049 11.61 8.03 13.90
C ASP A 1049 11.94 6.57 14.16
N THR A 1050 10.90 5.73 14.20
CA THR A 1050 11.09 4.33 14.52
C THR A 1050 11.97 3.64 13.49
N LYS A 1051 11.73 3.91 12.21
CA LYS A 1051 12.38 3.12 11.16
C LYS A 1051 13.89 3.35 11.13
N CYS A 1052 14.33 4.62 11.16
CA CYS A 1052 15.77 4.88 11.06
C CYS A 1052 16.47 4.50 12.36
N SER A 1053 15.85 4.82 13.50
CA SER A 1053 16.48 4.53 14.78
C SER A 1053 16.70 3.03 14.95
N PHE A 1054 15.70 2.23 14.59
CA PHE A 1054 15.89 0.78 14.59
C PHE A 1054 16.97 0.38 13.59
N ASN A 1055 16.95 0.98 12.39
CA ASN A 1055 17.99 0.68 11.41
C ASN A 1055 19.34 1.20 11.84
N SER A 1056 19.39 2.40 12.42
CA SER A 1056 20.67 2.98 12.84
C SER A 1056 21.31 2.15 13.94
N ILE A 1057 20.52 1.64 14.89
CA ILE A 1057 21.05 0.75 15.91
C ILE A 1057 21.60 -0.51 15.26
N LEU A 1058 20.89 -1.06 14.27
CA LEU A 1058 21.39 -2.22 13.55
C LEU A 1058 22.71 -1.91 12.87
N VAL A 1059 22.85 -0.71 12.29
CA VAL A 1059 24.13 -0.29 11.75
C VAL A 1059 25.18 -0.21 12.85
N MET A 1060 24.80 0.36 14.00
CA MET A 1060 25.75 0.51 15.10
C MET A 1060 26.27 -0.84 15.57
N LYS A 1061 25.42 -1.86 15.55
CA LYS A 1061 25.87 -3.21 15.91
C LYS A 1061 26.98 -3.68 14.98
N CYS A 1062 26.83 -3.44 13.68
CA CYS A 1062 27.89 -3.76 12.73
C CYS A 1062 29.11 -2.86 12.91
N CYS A 1063 28.94 -1.69 13.52
CA CYS A 1063 30.06 -0.79 13.80
C CYS A 1063 30.72 -1.06 15.14
N LEU A 1064 29.96 -1.55 16.12
CA LEU A 1064 30.51 -1.79 17.46
C LEU A 1064 31.67 -2.79 17.43
N THR A 1065 31.77 -3.61 16.39
CA THR A 1065 32.88 -4.53 16.29
C THR A 1065 34.21 -3.79 16.12
N SER A 1066 34.18 -2.65 15.42
CA SER A 1066 35.40 -1.96 15.03
C SER A 1066 35.53 -0.54 15.57
N VAL A 1067 34.42 0.14 15.89
CA VAL A 1067 34.53 1.52 16.37
C VAL A 1067 35.24 1.58 17.72
N LEU A 1068 35.03 0.58 18.57
CA LEU A 1068 35.75 0.49 19.85
C LEU A 1068 37.08 -0.23 19.61
N ASN A 1069 37.95 0.43 18.86
CA ASN A 1069 39.29 -0.08 18.56
C ASN A 1069 40.33 0.41 19.57
N GLN A 1070 39.91 0.66 20.81
CA GLN A 1070 40.76 1.14 21.90
C GLN A 1070 41.33 2.53 21.64
N ASN A 1071 40.80 3.26 20.67
CA ASN A 1071 41.24 4.63 20.44
C ASN A 1071 40.77 5.53 21.57
N ASN A 1072 41.70 6.32 22.11
CA ASN A 1072 41.38 7.16 23.26
C ASN A 1072 40.32 8.22 22.91
N THR A 1073 40.54 8.94 21.81
CA THR A 1073 39.64 10.03 21.44
C THR A 1073 38.25 9.49 21.09
N VAL A 1074 38.18 8.35 20.40
CA VAL A 1074 36.89 7.76 20.07
C VAL A 1074 36.17 7.29 21.33
N ASP A 1075 36.91 6.65 22.24
CA ASP A 1075 36.29 6.07 23.43
C ASP A 1075 35.69 7.14 24.34
N GLU A 1076 36.39 8.27 24.52
CA GLU A 1076 35.91 9.28 25.45
C GLU A 1076 34.62 9.92 24.94
N TYR A 1077 34.61 10.36 23.68
CA TYR A 1077 33.38 10.96 23.13
C TYR A 1077 32.23 9.96 23.15
N PHE A 1078 32.54 8.68 22.94
CA PHE A 1078 31.51 7.65 23.04
C PHE A 1078 30.88 7.62 24.43
N THR A 1079 31.66 7.97 25.46
CA THR A 1079 31.18 7.84 26.83
C THR A 1079 30.12 8.90 27.17
N PHE A 1080 30.48 10.18 27.07
CA PHE A 1080 29.58 11.22 27.54
C PHE A 1080 28.33 11.32 26.68
N GLU A 1081 28.44 11.05 25.37
CA GLU A 1081 27.33 11.32 24.46
C GLU A 1081 26.39 10.13 24.28
N VAL A 1082 26.94 8.96 23.92
CA VAL A 1082 26.10 7.84 23.50
C VAL A 1082 25.27 7.31 24.67
N MET A 1083 25.88 7.15 25.85
CA MET A 1083 25.11 6.77 27.03
C MET A 1083 24.06 7.81 27.36
N LYS A 1084 24.41 9.10 27.30
CA LYS A 1084 23.44 10.15 27.57
C LYS A 1084 22.30 10.11 26.55
N ASN A 1085 22.63 9.90 25.28
CA ASN A 1085 21.61 9.88 24.24
C ASN A 1085 20.74 8.62 24.33
N LEU A 1086 21.38 7.45 24.48
CA LEU A 1086 20.63 6.20 24.45
C LEU A 1086 19.76 6.05 25.69
N LEU A 1087 20.33 6.26 26.88
CA LEU A 1087 19.59 6.00 28.11
C LEU A 1087 18.46 6.99 28.32
N LEU A 1088 18.75 8.28 28.17
CA LEU A 1088 17.77 9.30 28.54
C LEU A 1088 16.75 9.56 27.43
N ASN A 1089 17.14 9.46 26.17
CA ASN A 1089 16.27 9.83 25.06
C ASN A 1089 15.71 8.64 24.28
N VAL A 1090 16.33 7.46 24.39
CA VAL A 1090 15.87 6.27 23.68
C VAL A 1090 15.33 5.23 24.65
N LEU A 1091 16.10 4.87 25.67
CA LEU A 1091 15.65 3.86 26.63
C LEU A 1091 14.56 4.40 27.54
N CYS A 1092 14.71 5.64 28.02
CA CYS A 1092 13.74 6.23 28.92
C CYS A 1092 12.51 6.76 28.21
N ASN A 1093 12.50 6.78 26.88
CA ASN A 1093 11.36 7.26 26.11
C ASN A 1093 10.58 6.09 25.56
N SER A 1094 9.25 6.11 25.75
CA SER A 1094 8.39 5.05 25.26
C SER A 1094 8.05 5.17 23.79
N ALA A 1095 8.43 6.28 23.14
CA ALA A 1095 8.18 6.45 21.72
C ALA A 1095 9.08 5.59 20.85
N PHE A 1096 10.08 4.94 21.43
CA PHE A 1096 11.04 4.11 20.70
C PHE A 1096 10.92 2.65 21.13
N LYS A 1097 9.69 2.15 21.19
CA LYS A 1097 9.43 0.80 21.70
C LYS A 1097 10.34 -0.25 21.06
N ASP A 1098 10.25 -0.40 19.74
CA ASP A 1098 11.08 -1.37 19.05
C ASP A 1098 12.56 -0.97 19.09
N SER A 1099 12.83 0.33 19.00
CA SER A 1099 14.21 0.80 19.08
C SER A 1099 14.79 0.60 20.48
N PHE A 1100 13.93 0.62 21.52
CA PHE A 1100 14.41 0.40 22.88
C PHE A 1100 15.02 -0.98 23.04
N HIS A 1101 14.38 -2.00 22.47
CA HIS A 1101 14.89 -3.36 22.60
C HIS A 1101 16.24 -3.51 21.89
N GLU A 1102 16.38 -2.93 20.69
CA GLU A 1102 17.62 -3.06 19.96
C GLU A 1102 18.72 -2.19 20.56
N ALA A 1103 18.38 -0.96 20.97
CA ALA A 1103 19.38 -0.11 21.62
C ALA A 1103 19.84 -0.69 22.95
N LEU A 1104 18.95 -1.41 23.64
CA LEU A 1104 19.32 -2.01 24.92
C LEU A 1104 20.43 -3.04 24.74
N TYR A 1105 20.33 -3.88 23.70
CA TYR A 1105 21.39 -4.84 23.42
C TYR A 1105 22.69 -4.12 23.07
N ALA A 1106 22.62 -3.07 22.26
CA ALA A 1106 23.81 -2.29 21.94
C ALA A 1106 24.36 -1.61 23.18
N PHE A 1107 23.49 -1.07 24.02
CA PHE A 1107 23.94 -0.41 25.24
C PHE A 1107 24.63 -1.38 26.18
N THR A 1108 24.10 -2.60 26.30
CA THR A 1108 24.72 -3.60 27.16
C THR A 1108 26.12 -3.96 26.66
N VAL A 1109 26.29 -4.08 25.34
CA VAL A 1109 27.60 -4.40 24.79
C VAL A 1109 28.60 -3.28 25.10
N ILE A 1110 28.18 -2.03 24.92
CA ILE A 1110 29.07 -0.91 25.22
C ILE A 1110 29.32 -0.82 26.72
N PHE A 1111 28.31 -1.12 27.54
CA PHE A 1111 28.47 -1.03 28.98
C PHE A 1111 29.53 -1.99 29.48
N LEU A 1112 29.53 -3.23 28.98
CA LEU A 1112 30.54 -4.20 29.38
C LEU A 1112 31.93 -3.81 28.90
N THR A 1113 32.02 -3.31 27.66
CA THR A 1113 33.33 -3.01 27.08
C THR A 1113 33.96 -1.78 27.75
N LEU A 1114 33.18 -0.71 27.92
CA LEU A 1114 33.76 0.53 28.44
C LEU A 1114 34.08 0.41 29.93
N CYS A 1115 33.18 -0.17 30.72
CA CYS A 1115 33.42 -0.29 32.15
C CYS A 1115 34.61 -1.22 32.43
N LYS A 1116 34.85 -2.20 31.56
CA LYS A 1116 35.99 -3.09 31.75
C LYS A 1116 37.32 -2.36 31.59
N GLU A 1117 37.40 -1.45 30.61
CA GLU A 1117 38.65 -0.79 30.26
C GLU A 1117 38.71 0.67 30.68
N TYR A 1118 37.62 1.22 31.24
CA TYR A 1118 37.59 2.63 31.64
C TYR A 1118 36.81 2.76 32.94
N PRO A 1119 37.49 2.88 34.08
CA PRO A 1119 36.76 3.12 35.34
C PRO A 1119 35.98 4.42 35.35
N SER A 1120 36.40 5.42 34.56
CA SER A 1120 35.68 6.69 34.50
C SER A 1120 34.28 6.50 33.95
N ALA A 1121 34.07 5.50 33.09
CA ALA A 1121 32.73 5.23 32.58
C ALA A 1121 31.78 4.83 33.70
N ARG A 1122 32.26 4.01 34.64
CA ARG A 1122 31.43 3.61 35.77
C ARG A 1122 31.06 4.83 36.62
N ALA A 1123 32.02 5.71 36.88
CA ALA A 1123 31.72 6.93 37.63
C ALA A 1123 30.76 7.82 36.87
N PHE A 1124 30.95 7.95 35.55
CA PHE A 1124 30.03 8.75 34.74
C PHE A 1124 28.64 8.13 34.73
N LEU A 1125 28.55 6.80 34.61
CA LEU A 1125 27.25 6.14 34.65
C LEU A 1125 26.60 6.26 36.02
N PHE A 1126 27.41 6.32 37.08
CA PHE A 1126 26.86 6.51 38.42
C PHE A 1126 26.22 7.89 38.55
N GLU A 1127 26.82 8.91 37.94
CA GLU A 1127 26.31 10.27 38.08
C GLU A 1127 24.97 10.44 37.38
N ILE A 1128 24.87 9.99 36.13
CA ILE A 1128 23.63 10.17 35.39
C ILE A 1128 22.51 9.34 35.99
N SER A 1129 22.84 8.17 36.56
CA SER A 1129 21.85 7.37 37.26
C SER A 1129 21.48 7.95 38.61
N ASN A 1130 22.35 8.79 39.19
CA ASN A 1130 22.12 9.39 40.51
C ASN A 1130 21.92 8.31 41.57
N GLY A 1131 22.79 7.30 41.55
CA GLY A 1131 22.68 6.20 42.49
C GLY A 1131 23.00 4.87 41.86
N TYR A 1132 22.34 3.80 42.34
CA TYR A 1132 22.49 2.45 41.82
C TYR A 1132 23.88 1.92 42.15
N ASN A 1133 24.19 0.70 41.70
CA ASN A 1133 25.50 0.09 41.91
C ASN A 1133 25.99 -0.43 40.56
N ILE A 1134 26.74 0.41 39.85
CA ILE A 1134 27.26 0.05 38.54
C ILE A 1134 28.15 -1.19 38.63
N ASP A 1135 29.01 -1.23 39.66
CA ASP A 1135 29.91 -2.37 39.83
C ASP A 1135 29.13 -3.66 40.07
N GLU A 1136 28.11 -3.61 40.92
CA GLU A 1136 27.26 -4.77 41.13
C GLU A 1136 26.52 -5.14 39.85
N LEU A 1137 26.02 -4.13 39.14
CA LEU A 1137 25.29 -4.39 37.90
C LEU A 1137 26.21 -5.00 36.84
N TYR A 1138 27.44 -4.49 36.74
CA TYR A 1138 28.41 -5.05 35.80
C TYR A 1138 28.78 -6.48 36.17
N ARG A 1139 29.01 -6.74 37.46
CA ARG A 1139 29.38 -8.09 37.89
C ARG A 1139 28.26 -9.09 37.62
N ASN A 1140 27.00 -8.69 37.84
CA ASN A 1140 25.89 -9.59 37.60
C ASN A 1140 25.76 -9.95 36.12
N LEU A 1141 25.99 -8.97 35.23
CA LEU A 1141 25.95 -9.25 33.80
C LEU A 1141 27.00 -10.28 33.38
N ARG A 1142 28.24 -10.09 33.82
CA ARG A 1142 29.32 -10.94 33.35
C ARG A 1142 29.14 -12.38 33.82
N SER A 1143 28.58 -12.58 35.01
CA SER A 1143 28.33 -13.91 35.53
C SER A 1143 27.15 -14.60 34.86
N VAL A 1144 26.36 -13.88 34.06
CA VAL A 1144 25.21 -14.44 33.37
C VAL A 1144 25.54 -14.61 31.90
N ASP A 1145 25.36 -15.82 31.38
CA ASP A 1145 25.67 -16.12 29.99
C ASP A 1145 24.49 -15.92 29.06
N GLU A 1146 23.26 -16.09 29.56
CA GLU A 1146 22.08 -15.94 28.73
C GLU A 1146 21.72 -14.47 28.57
N TYR A 1147 21.48 -14.05 27.33
CA TYR A 1147 21.10 -12.66 27.08
C TYR A 1147 19.72 -12.35 27.64
N LYS A 1148 18.82 -13.33 27.68
CA LYS A 1148 17.48 -13.09 28.19
C LYS A 1148 17.51 -12.68 29.66
N THR A 1149 18.33 -13.35 30.47
CA THR A 1149 18.45 -12.98 31.87
C THR A 1149 19.18 -11.65 32.02
N GLN A 1150 20.17 -11.39 31.15
CA GLN A 1150 20.85 -10.10 31.16
C GLN A 1150 19.90 -8.96 30.83
N ARG A 1151 18.97 -9.21 29.90
CA ARG A 1151 17.98 -8.19 29.55
C ARG A 1151 17.10 -7.84 30.74
N ALA A 1152 16.75 -8.85 31.55
CA ALA A 1152 15.93 -8.60 32.74
C ALA A 1152 16.66 -7.68 33.72
N LEU A 1153 17.98 -7.87 33.87
CA LEU A 1153 18.75 -7.03 34.78
C LEU A 1153 18.76 -5.57 34.32
N MET A 1154 18.89 -5.34 33.01
CA MET A 1154 18.89 -3.98 32.46
C MET A 1154 17.52 -3.33 32.59
N ILE A 1155 16.44 -4.09 32.41
CA ILE A 1155 15.11 -3.52 32.53
C ILE A 1155 14.92 -2.92 33.91
N ASP A 1156 15.44 -3.61 34.94
CA ASP A 1156 15.39 -3.05 36.29
C ASP A 1156 16.18 -1.74 36.40
N PHE A 1157 17.39 -1.72 35.83
CA PHE A 1157 18.19 -0.49 35.89
C PHE A 1157 17.53 0.64 35.12
N ILE A 1158 17.01 0.35 33.93
CA ILE A 1158 16.35 1.39 33.14
C ILE A 1158 15.09 1.89 33.84
N ASP A 1159 14.30 0.97 34.39
CA ASP A 1159 13.09 1.37 35.11
C ASP A 1159 13.44 2.19 36.34
N TRP A 1160 14.50 1.80 37.06
CA TRP A 1160 14.91 2.56 38.23
C TRP A 1160 15.38 3.96 37.86
N VAL A 1161 16.09 4.09 36.74
CA VAL A 1161 16.50 5.40 36.27
C VAL A 1161 15.28 6.24 35.89
N LYS A 1162 14.26 5.60 35.32
CA LYS A 1162 13.02 6.31 34.99
C LYS A 1162 12.37 6.87 36.24
N SER A 1163 12.32 6.08 37.31
CA SER A 1163 11.73 6.55 38.56
C SER A 1163 12.52 7.70 39.16
N THR A 1164 13.85 7.62 39.11
CA THR A 1164 14.70 8.68 39.66
C THR A 1164 14.71 9.90 38.74
N VAL B 11 -37.94 13.16 14.72
CA VAL B 11 -36.56 13.07 14.25
C VAL B 11 -35.96 11.70 14.60
N PRO B 12 -35.39 11.03 13.60
CA PRO B 12 -34.77 9.73 13.86
C PRO B 12 -33.59 9.85 14.81
N THR B 13 -33.40 8.80 15.61
CA THR B 13 -32.34 8.75 16.62
C THR B 13 -31.77 7.34 16.64
N PHE B 14 -30.56 7.19 16.10
CA PHE B 14 -29.91 5.88 15.99
C PHE B 14 -28.77 5.79 16.98
N LYS B 15 -28.69 4.66 17.68
CA LYS B 15 -27.58 4.40 18.59
C LYS B 15 -26.41 3.82 17.81
N LEU B 16 -25.22 4.39 18.02
CA LEU B 16 -24.01 3.99 17.30
C LEU B 16 -22.95 3.64 18.33
N VAL B 17 -22.40 2.44 18.23
CA VAL B 17 -21.32 1.99 19.12
C VAL B 17 -20.00 2.13 18.38
N LEU B 18 -19.06 2.83 18.98
CA LEU B 18 -17.74 3.06 18.39
C LEU B 18 -16.76 2.11 19.06
N VAL B 19 -16.41 1.05 18.36
CA VAL B 19 -15.51 0.02 18.89
C VAL B 19 -14.15 0.14 18.21
N GLY B 20 -13.12 -0.24 18.95
CA GLY B 20 -11.77 -0.21 18.43
C GLY B 20 -10.78 -0.42 19.55
N ASP B 21 -9.53 -0.65 19.14
CA ASP B 21 -8.46 -0.88 20.11
C ASP B 21 -8.07 0.43 20.79
N GLY B 22 -7.17 0.32 21.75
CA GLY B 22 -6.75 1.49 22.50
C GLY B 22 -5.83 2.40 21.70
N GLY B 23 -5.97 3.70 21.95
CA GLY B 23 -5.14 4.68 21.27
C GLY B 23 -5.38 4.79 19.79
N THR B 24 -6.50 4.25 19.30
CA THR B 24 -6.76 4.26 17.87
C THR B 24 -7.20 5.64 17.38
N GLY B 25 -7.97 6.36 18.19
CA GLY B 25 -8.43 7.67 17.80
C GLY B 25 -9.93 7.81 17.81
N LYS B 26 -10.62 6.91 18.51
CA LYS B 26 -12.08 6.96 18.56
C LYS B 26 -12.56 8.22 19.29
N THR B 27 -12.02 8.46 20.48
CA THR B 27 -12.41 9.66 21.23
C THR B 27 -12.02 10.93 20.48
N THR B 28 -10.83 10.93 19.88
CA THR B 28 -10.40 12.08 19.09
C THR B 28 -11.33 12.32 17.91
N PHE B 29 -11.73 11.25 17.22
CA PHE B 29 -12.65 11.37 16.09
C PHE B 29 -14.01 11.93 16.53
N VAL B 30 -14.53 11.43 17.65
CA VAL B 30 -15.82 11.93 18.14
C VAL B 30 -15.70 13.39 18.54
N LYS B 31 -14.61 13.77 19.21
CA LYS B 31 -14.42 15.15 19.63
C LYS B 31 -14.25 16.07 18.44
N ARG B 32 -13.57 15.61 17.39
CA ARG B 32 -13.45 16.38 16.16
C ARG B 32 -14.81 16.59 15.52
N HIS B 33 -15.66 15.56 15.54
CA HIS B 33 -17.00 15.72 15.01
C HIS B 33 -17.84 16.66 15.86
N LEU B 34 -17.60 16.70 17.17
CA LEU B 34 -18.42 17.53 18.06
C LEU B 34 -17.96 18.98 18.04
N THR B 35 -16.73 19.23 18.47
CA THR B 35 -16.22 20.60 18.60
C THR B 35 -15.56 21.11 17.33
N GLY B 36 -14.84 20.25 16.61
CA GLY B 36 -14.18 20.64 15.40
C GLY B 36 -12.69 20.90 15.52
N GLU B 37 -12.11 20.68 16.70
CA GLU B 37 -10.69 20.91 16.93
C GLU B 37 -10.00 19.61 17.29
N PHE B 38 -8.82 19.40 16.74
CA PHE B 38 -8.04 18.19 17.00
C PHE B 38 -7.52 18.18 18.43
N GLU B 39 -7.39 16.98 18.99
CA GLU B 39 -6.91 16.78 20.34
C GLU B 39 -5.53 16.14 20.28
N LYS B 40 -4.56 16.76 20.96
CA LYS B 40 -3.18 16.29 20.87
C LYS B 40 -2.91 15.15 21.85
N LYS B 41 -3.22 15.35 23.13
CA LYS B 41 -2.89 14.37 24.14
C LYS B 41 -3.75 13.11 23.98
N TYR B 42 -3.24 12.01 24.54
CA TYR B 42 -3.95 10.73 24.55
C TYR B 42 -4.37 10.42 25.97
N ILE B 43 -5.68 10.38 26.20
CA ILE B 43 -6.26 9.98 27.48
C ILE B 43 -7.16 8.78 27.24
N ALA B 44 -6.92 7.70 27.98
CA ALA B 44 -7.72 6.50 27.82
C ALA B 44 -9.18 6.79 28.16
N THR B 45 -10.08 6.30 27.30
CA THR B 45 -11.51 6.52 27.49
C THR B 45 -12.00 5.55 28.56
N ILE B 46 -12.19 6.06 29.78
CA ILE B 46 -12.70 5.25 30.88
C ILE B 46 -14.16 4.91 30.62
N GLY B 47 -14.49 3.62 30.75
CA GLY B 47 -15.86 3.17 30.56
C GLY B 47 -16.36 3.48 29.16
N VAL B 48 -17.51 4.16 29.09
CA VAL B 48 -18.11 4.60 27.84
C VAL B 48 -18.57 6.04 28.01
N GLU B 49 -18.51 6.80 26.93
CA GLU B 49 -19.03 8.16 26.89
C GLU B 49 -20.04 8.26 25.77
N VAL B 50 -21.22 8.80 26.07
CA VAL B 50 -22.30 8.96 25.11
C VAL B 50 -22.33 10.41 24.67
N HIS B 51 -22.06 10.64 23.39
CA HIS B 51 -22.04 11.99 22.83
C HIS B 51 -23.10 12.10 21.75
N PRO B 52 -24.17 12.86 21.97
CA PRO B 52 -25.15 13.08 20.90
C PRO B 52 -24.50 13.80 19.72
N LEU B 53 -24.89 13.38 18.52
CA LEU B 53 -24.32 13.92 17.30
C LEU B 53 -25.42 14.10 16.27
N SER B 54 -25.44 15.25 15.61
CA SER B 54 -26.48 15.59 14.65
C SER B 54 -25.86 15.99 13.33
N PHE B 55 -26.48 15.54 12.23
CA PHE B 55 -26.04 15.89 10.89
C PHE B 55 -27.24 16.41 10.11
N TYR B 56 -27.07 17.55 9.45
CA TYR B 56 -28.12 18.16 8.66
C TYR B 56 -28.02 17.66 7.23
N THR B 57 -29.06 16.97 6.76
CA THR B 57 -29.08 16.40 5.42
C THR B 57 -30.22 17.00 4.61
N ASN B 58 -30.24 16.67 3.33
CA ASN B 58 -31.28 17.19 2.43
C ASN B 58 -32.66 16.67 2.81
N PHE B 59 -32.75 15.40 3.21
CA PHE B 59 -34.03 14.76 3.50
C PHE B 59 -34.44 14.88 4.96
N GLY B 60 -33.97 15.91 5.66
CA GLY B 60 -34.41 16.14 7.03
C GLY B 60 -33.29 16.27 8.05
N GLU B 61 -33.56 15.86 9.28
CA GLU B 61 -32.62 15.95 10.38
C GLU B 61 -32.43 14.56 10.99
N ILE B 62 -31.16 14.19 11.21
CA ILE B 62 -30.81 12.88 11.75
C ILE B 62 -29.86 13.08 12.93
N LYS B 63 -30.09 12.33 13.99
CA LYS B 63 -29.29 12.42 15.21
C LYS B 63 -28.64 11.08 15.51
N PHE B 64 -27.44 11.13 16.06
CA PHE B 64 -26.67 9.94 16.42
C PHE B 64 -26.32 9.98 17.91
N ASP B 65 -26.36 8.81 18.54
CA ASP B 65 -25.88 8.64 19.91
C ASP B 65 -24.63 7.79 19.85
N VAL B 66 -23.48 8.43 19.68
CA VAL B 66 -22.21 7.75 19.51
C VAL B 66 -21.71 7.30 20.87
N TRP B 67 -21.73 5.99 21.13
CA TRP B 67 -21.21 5.43 22.37
C TRP B 67 -19.73 5.13 22.16
N ASP B 68 -18.88 6.06 22.60
CA ASP B 68 -17.44 5.87 22.53
C ASP B 68 -17.02 4.90 23.62
N THR B 69 -16.66 3.67 23.22
CA THR B 69 -16.34 2.62 24.17
C THR B 69 -14.83 2.55 24.41
N ALA B 70 -14.48 1.94 25.54
CA ALA B 70 -13.07 1.76 25.89
C ALA B 70 -12.45 0.65 25.06
N GLY B 71 -11.25 0.90 24.55
CA GLY B 71 -10.52 -0.09 23.79
C GLY B 71 -9.52 -0.90 24.57
N LEU B 72 -9.22 -0.50 25.80
CA LEU B 72 -8.31 -1.24 26.66
C LEU B 72 -9.11 -2.17 27.55
N GLU B 73 -8.61 -3.40 27.72
CA GLU B 73 -9.35 -4.41 28.46
C GLU B 73 -9.54 -3.98 29.91
N LYS B 74 -8.44 -3.62 30.59
CA LYS B 74 -8.52 -3.26 32.00
C LYS B 74 -9.35 -2.00 32.24
N PHE B 75 -9.50 -1.15 31.22
CA PHE B 75 -10.29 0.06 31.35
C PHE B 75 -11.73 -0.12 30.85
N GLY B 76 -12.01 -1.19 30.12
CA GLY B 76 -13.37 -1.40 29.63
C GLY B 76 -14.33 -1.75 30.75
N GLY B 77 -15.58 -1.31 30.57
CA GLY B 77 -16.63 -1.60 31.54
C GLY B 77 -17.47 -2.78 31.14
N LEU B 78 -18.76 -2.54 30.88
CA LEU B 78 -19.67 -3.55 30.33
C LEU B 78 -19.42 -3.68 28.82
N ARG B 79 -18.26 -4.26 28.50
N ARG B 79 -18.27 -4.27 28.50
CA ARG B 79 -17.74 -4.30 27.13
CA ARG B 79 -17.73 -4.33 27.16
C ARG B 79 -18.78 -4.71 26.10
C ARG B 79 -18.77 -4.71 26.10
N ASP B 80 -19.28 -5.94 26.19
CA ASP B 80 -20.31 -6.38 25.26
C ASP B 80 -21.67 -5.77 25.59
N GLY B 81 -21.89 -5.42 26.86
CA GLY B 81 -23.17 -4.86 27.26
C GLY B 81 -23.43 -3.50 26.65
N TYR B 82 -22.39 -2.82 26.21
CA TYR B 82 -22.55 -1.51 25.58
C TYR B 82 -23.10 -1.60 24.17
N TYR B 83 -23.44 -2.81 23.72
CA TYR B 83 -23.88 -3.02 22.35
C TYR B 83 -25.35 -3.38 22.27
N ILE B 84 -26.02 -3.54 23.42
CA ILE B 84 -27.42 -3.93 23.43
C ILE B 84 -28.26 -2.84 22.81
N ASN B 85 -29.19 -3.24 21.94
CA ASN B 85 -30.10 -2.34 21.23
C ASN B 85 -29.34 -1.36 20.34
N ALA B 86 -28.11 -1.68 19.95
CA ALA B 86 -27.38 -0.84 19.01
C ALA B 86 -27.99 -0.98 17.62
N GLN B 87 -27.98 0.13 16.88
CA GLN B 87 -28.50 0.15 15.52
C GLN B 87 -27.42 0.54 14.53
N CYS B 88 -26.17 0.52 14.95
CA CYS B 88 -25.07 1.07 14.17
C CYS B 88 -23.78 0.63 14.83
N ALA B 89 -22.67 0.80 14.09
CA ALA B 89 -21.37 0.42 14.62
C ALA B 89 -20.27 0.95 13.71
N ILE B 90 -19.12 1.22 14.31
CA ILE B 90 -17.92 1.61 13.59
C ILE B 90 -16.74 0.96 14.29
N ILE B 91 -16.00 0.13 13.56
CA ILE B 91 -14.78 -0.48 14.07
C ILE B 91 -13.60 0.33 13.56
N MET B 92 -12.89 0.98 14.47
CA MET B 92 -11.77 1.85 14.12
C MET B 92 -10.46 1.14 14.37
N PHE B 93 -9.61 1.08 13.34
CA PHE B 93 -8.27 0.52 13.47
C PHE B 93 -7.26 1.53 13.00
N ASP B 94 -6.02 1.39 13.50
CA ASP B 94 -4.94 2.31 13.20
C ASP B 94 -4.07 1.72 12.10
N VAL B 95 -3.86 2.49 11.03
CA VAL B 95 -3.00 2.04 9.95
C VAL B 95 -1.53 2.09 10.30
N THR B 96 -1.18 2.77 11.39
CA THR B 96 0.21 2.86 11.85
C THR B 96 0.59 1.73 12.80
N SER B 97 -0.36 0.87 13.18
CA SER B 97 -0.10 -0.23 14.10
C SER B 97 -0.89 -1.44 13.62
N ARG B 98 -0.17 -2.52 13.29
CA ARG B 98 -0.82 -3.70 12.73
C ARG B 98 -1.59 -4.49 13.78
N ILE B 99 -1.32 -4.27 15.06
CA ILE B 99 -2.02 -5.00 16.11
C ILE B 99 -3.50 -4.64 16.12
N THR B 100 -3.82 -3.38 15.82
CA THR B 100 -5.23 -2.97 15.78
C THR B 100 -5.97 -3.70 14.66
N TYR B 101 -5.37 -3.76 13.48
CA TYR B 101 -6.02 -4.47 12.37
C TYR B 101 -6.12 -5.96 12.66
N LYS B 102 -5.11 -6.53 13.31
CA LYS B 102 -5.19 -7.95 13.68
C LYS B 102 -6.28 -8.18 14.73
N ASN B 103 -6.54 -7.19 15.59
CA ASN B 103 -7.61 -7.29 16.58
C ASN B 103 -8.97 -6.93 16.01
N VAL B 104 -9.02 -6.38 14.79
CA VAL B 104 -10.32 -6.05 14.19
C VAL B 104 -11.26 -7.25 14.12
N PRO B 105 -10.84 -8.45 13.67
CA PRO B 105 -11.79 -9.57 13.63
C PRO B 105 -12.43 -9.90 14.97
N ASN B 106 -11.69 -9.76 16.07
CA ASN B 106 -12.28 -10.02 17.38
C ASN B 106 -13.37 -9.01 17.69
N TRP B 107 -13.15 -7.73 17.35
CA TRP B 107 -14.17 -6.72 17.59
C TRP B 107 -15.44 -7.00 16.79
N HIS B 108 -15.29 -7.37 15.52
CA HIS B 108 -16.46 -7.74 14.73
C HIS B 108 -17.16 -8.97 15.30
N ARG B 109 -16.37 -9.94 15.76
CA ARG B 109 -16.94 -11.19 16.28
C ARG B 109 -17.78 -10.93 17.53
N ASP B 110 -17.26 -10.18 18.48
CA ASP B 110 -18.02 -9.91 19.70
C ASP B 110 -18.98 -8.74 19.55
N LEU B 111 -18.98 -8.06 18.41
CA LEU B 111 -19.97 -7.02 18.13
C LEU B 111 -21.20 -7.58 17.44
N VAL B 112 -21.02 -8.56 16.54
CA VAL B 112 -22.18 -9.19 15.90
C VAL B 112 -22.86 -10.20 16.81
N ARG B 113 -22.23 -10.59 17.91
CA ARG B 113 -22.87 -11.49 18.86
C ARG B 113 -24.08 -10.84 19.51
N VAL B 114 -23.96 -9.56 19.89
CA VAL B 114 -25.06 -8.88 20.57
C VAL B 114 -26.07 -8.36 19.56
N CYS B 115 -25.62 -7.57 18.60
CA CYS B 115 -26.46 -7.02 17.55
C CYS B 115 -26.03 -7.64 16.22
N GLU B 116 -26.99 -8.26 15.53
CA GLU B 116 -26.68 -9.16 14.42
C GLU B 116 -26.67 -8.45 13.06
N ASN B 117 -27.81 -7.87 12.68
CA ASN B 117 -28.01 -7.39 11.32
C ASN B 117 -27.80 -5.89 11.18
N ILE B 118 -27.07 -5.26 12.10
CA ILE B 118 -26.80 -3.83 12.05
C ILE B 118 -25.76 -3.55 10.96
N PRO B 119 -25.71 -2.35 10.40
CA PRO B 119 -24.63 -2.00 9.47
C PRO B 119 -23.38 -1.55 10.22
N ILE B 120 -22.25 -2.14 9.87
CA ILE B 120 -20.98 -1.86 10.52
C ILE B 120 -20.02 -1.27 9.49
N VAL B 121 -19.17 -0.34 9.94
CA VAL B 121 -18.18 0.32 9.09
C VAL B 121 -16.82 0.15 9.72
N LEU B 122 -15.85 -0.31 8.92
CA LEU B 122 -14.46 -0.39 9.35
C LEU B 122 -13.75 0.88 8.92
N CYS B 123 -13.18 1.61 9.88
CA CYS B 123 -12.53 2.89 9.60
C CYS B 123 -11.05 2.80 9.93
N GLY B 124 -10.21 3.06 8.94
CA GLY B 124 -8.78 3.13 9.15
C GLY B 124 -8.34 4.55 9.47
N ASN B 125 -7.82 4.76 10.67
CA ASN B 125 -7.46 6.09 11.15
C ASN B 125 -5.97 6.36 10.94
N LYS B 126 -5.60 7.64 11.12
CA LYS B 126 -4.21 8.09 11.04
C LYS B 126 -3.59 7.78 9.67
N VAL B 127 -4.36 7.99 8.61
CA VAL B 127 -3.84 7.84 7.25
C VAL B 127 -2.99 9.02 6.82
N ASP B 128 -3.00 10.12 7.60
CA ASP B 128 -2.28 11.32 7.22
C ASP B 128 -0.77 11.14 7.19
N VAL B 129 -0.25 10.10 7.85
CA VAL B 129 1.19 9.89 7.94
C VAL B 129 1.68 9.10 6.74
N LYS B 130 2.92 9.37 6.34
CA LYS B 130 3.54 8.65 5.23
C LYS B 130 3.71 7.17 5.56
N GLU B 131 4.33 6.87 6.69
CA GLU B 131 4.61 5.49 7.06
C GLU B 131 3.37 4.86 7.66
N ARG B 132 2.96 3.71 7.12
CA ARG B 132 1.80 2.99 7.61
C ARG B 132 2.11 1.50 7.59
N LYS B 133 2.00 0.86 8.75
CA LYS B 133 2.29 -0.57 8.85
C LYS B 133 1.17 -1.43 8.30
N VAL B 134 -0.02 -0.87 8.10
CA VAL B 134 -1.14 -1.60 7.50
C VAL B 134 -1.39 -1.03 6.11
N LYS B 135 -0.80 -1.65 5.10
CA LYS B 135 -0.97 -1.17 3.74
C LYS B 135 -2.37 -1.48 3.23
N ALA B 136 -2.74 -0.82 2.14
CA ALA B 136 -4.10 -0.96 1.60
C ALA B 136 -4.39 -2.40 1.18
N LYS B 137 -3.39 -3.07 0.61
CA LYS B 137 -3.59 -4.46 0.19
C LYS B 137 -3.86 -5.37 1.38
N THR B 138 -3.17 -5.13 2.50
CA THR B 138 -3.35 -5.96 3.69
C THR B 138 -4.79 -5.93 4.20
N ILE B 139 -5.49 -4.82 3.97
CA ILE B 139 -6.84 -4.64 4.50
C ILE B 139 -7.82 -5.34 3.58
N THR B 140 -8.37 -6.47 4.06
CA THR B 140 -9.37 -7.22 3.30
C THR B 140 -10.54 -7.70 4.16
N PHE B 141 -10.61 -7.30 5.43
CA PHE B 141 -11.71 -7.76 6.29
C PHE B 141 -13.06 -7.22 5.82
N HIS B 142 -13.07 -6.02 5.24
CA HIS B 142 -14.32 -5.47 4.73
C HIS B 142 -14.92 -6.36 3.64
N ARG B 143 -14.05 -7.00 2.88
CA ARG B 143 -14.58 -7.81 1.76
C ARG B 143 -15.09 -9.11 2.33
N LYS B 144 -14.41 -9.64 3.34
CA LYS B 144 -14.80 -10.93 3.88
C LYS B 144 -16.17 -10.89 4.55
N LYS B 145 -16.55 -9.73 5.13
CA LYS B 145 -17.76 -9.64 5.93
C LYS B 145 -18.72 -8.60 5.39
N ASN B 146 -18.56 -8.20 4.13
CA ASN B 146 -19.46 -7.24 3.47
C ASN B 146 -19.57 -5.94 4.25
N LEU B 147 -18.45 -5.51 4.85
CA LEU B 147 -18.43 -4.24 5.54
C LEU B 147 -17.99 -3.13 4.58
N GLN B 148 -18.04 -1.89 5.06
CA GLN B 148 -17.58 -0.75 4.31
C GLN B 148 -16.33 -0.19 4.98
N TYR B 149 -15.30 0.06 4.18
CA TYR B 149 -14.00 0.50 4.69
C TYR B 149 -13.70 1.88 4.17
N TYR B 150 -13.67 2.86 5.06
CA TYR B 150 -13.45 4.27 4.73
C TYR B 150 -12.17 4.74 5.42
N ASP B 151 -11.17 5.10 4.63
CA ASP B 151 -9.98 5.71 5.19
C ASP B 151 -10.31 7.10 5.73
N ILE B 152 -10.03 7.31 7.02
CA ILE B 152 -10.35 8.57 7.68
C ILE B 152 -9.13 9.02 8.48
N SER B 153 -9.13 10.30 8.84
CA SER B 153 -8.06 10.87 9.65
C SER B 153 -8.64 12.00 10.49
N ALA B 154 -8.71 11.81 11.80
CA ALA B 154 -9.23 12.85 12.68
C ALA B 154 -8.36 14.10 12.63
N LYS B 155 -7.03 13.91 12.57
CA LYS B 155 -6.13 15.05 12.50
C LYS B 155 -6.29 15.82 11.18
N SER B 156 -6.63 15.13 10.10
CA SER B 156 -6.67 15.74 8.78
C SER B 156 -8.08 15.98 8.24
N ASN B 157 -9.11 15.42 8.90
CA ASN B 157 -10.49 15.54 8.42
C ASN B 157 -10.62 15.02 6.98
N TYR B 158 -9.93 13.92 6.69
CA TYR B 158 -9.90 13.40 5.32
C TYR B 158 -11.29 12.92 4.89
N ASN B 159 -11.80 11.90 5.56
CA ASN B 159 -13.13 11.35 5.30
C ASN B 159 -13.89 11.21 6.61
N PHE B 160 -13.76 12.19 7.50
CA PHE B 160 -14.35 12.06 8.83
C PHE B 160 -15.87 12.06 8.80
N GLU B 161 -16.49 12.52 7.71
CA GLU B 161 -17.94 12.55 7.61
C GLU B 161 -18.50 11.41 6.77
N LYS B 162 -17.67 10.75 5.97
CA LYS B 162 -18.17 9.71 5.06
C LYS B 162 -18.78 8.51 5.77
N PRO B 163 -18.14 7.93 6.81
CA PRO B 163 -18.79 6.78 7.48
C PRO B 163 -20.16 7.12 8.06
N PHE B 164 -20.31 8.31 8.63
CA PHE B 164 -21.61 8.72 9.14
C PHE B 164 -22.62 8.87 8.02
N LEU B 165 -22.20 9.40 6.87
CA LEU B 165 -23.11 9.52 5.74
C LEU B 165 -23.56 8.16 5.24
N TRP B 166 -22.63 7.21 5.10
CA TRP B 166 -23.00 5.87 4.66
C TRP B 166 -23.93 5.19 5.66
N LEU B 167 -23.63 5.34 6.95
CA LEU B 167 -24.46 4.72 7.98
C LEU B 167 -25.86 5.32 7.98
N ALA B 168 -25.96 6.64 7.80
CA ALA B 168 -27.26 7.29 7.72
C ALA B 168 -28.02 6.82 6.48
N ARG B 169 -27.34 6.70 5.35
CA ARG B 169 -27.99 6.20 4.13
C ARG B 169 -28.55 4.80 4.35
N LYS B 170 -27.80 3.94 5.03
CA LYS B 170 -28.28 2.57 5.22
C LYS B 170 -29.37 2.47 6.27
N LEU B 171 -29.27 3.25 7.36
CA LEU B 171 -30.28 3.18 8.41
C LEU B 171 -31.59 3.82 7.98
N ALA B 172 -31.53 5.02 7.42
CA ALA B 172 -32.74 5.74 7.04
C ALA B 172 -33.44 5.03 5.89
N GLY B 173 -32.67 4.52 4.93
CA GLY B 173 -33.21 3.79 3.80
C GLY B 173 -32.82 4.43 2.49
N ASN B 174 -32.79 5.75 2.47
CA ASN B 174 -32.48 6.54 1.29
C ASN B 174 -31.03 6.33 0.84
N PRO B 175 -30.80 5.81 -0.37
CA PRO B 175 -29.44 5.75 -0.90
C PRO B 175 -29.00 7.00 -1.66
N GLN B 176 -29.86 7.99 -1.84
CA GLN B 176 -29.44 9.27 -2.41
C GLN B 176 -29.37 10.37 -1.36
N LEU B 177 -29.46 10.01 -0.07
CA LEU B 177 -29.36 10.99 0.99
C LEU B 177 -27.95 11.58 1.04
N GLU B 178 -27.86 12.90 1.11
CA GLU B 178 -26.59 13.61 1.08
C GLU B 178 -26.56 14.65 2.19
N PHE B 179 -25.38 14.87 2.76
CA PHE B 179 -25.21 15.84 3.84
C PHE B 179 -25.08 17.23 3.21
N VAL B 180 -26.10 18.07 3.41
CA VAL B 180 -26.04 19.43 2.86
C VAL B 180 -25.32 20.40 3.78
N GLU B 181 -25.12 20.03 5.05
CA GLU B 181 -24.43 20.92 5.99
C GLU B 181 -23.82 20.12 7.13
N LEU C 114 9.28 14.19 -12.24
CA LEU C 114 9.36 15.55 -12.73
C LEU C 114 10.30 15.65 -13.94
N TYR C 115 11.44 14.97 -13.84
CA TYR C 115 12.43 15.00 -14.90
C TYR C 115 12.06 14.08 -16.07
N SEP C 116 12.81 14.18 -17.15
CA SEP C 116 12.53 13.41 -18.36
CB SEP C 116 12.97 14.20 -19.59
OG SEP C 116 12.44 15.51 -19.57
C SEP C 116 13.21 12.05 -18.33
O SEP C 116 14.34 11.92 -17.88
P SEP C 116 12.88 16.32 -20.89
O1P SEP C 116 12.48 17.87 -20.73
O2P SEP C 116 12.15 15.69 -22.18
O3P SEP C 116 14.48 16.21 -21.07
N PRO C 117 12.50 11.02 -18.82
CA PRO C 117 13.03 9.64 -18.82
C PRO C 117 14.08 9.41 -19.89
N LEU C 118 14.98 8.46 -19.66
CA LEU C 118 16.06 8.15 -20.59
C LEU C 118 16.06 6.65 -20.87
N ILE C 119 16.36 6.29 -22.12
CA ILE C 119 16.40 4.89 -22.52
C ILE C 119 17.76 4.30 -22.17
N HIS C 120 17.74 3.08 -21.63
CA HIS C 120 18.95 2.32 -21.34
C HIS C 120 19.06 1.16 -22.30
N THR C 121 20.28 0.88 -22.76
CA THR C 121 20.48 -0.19 -23.73
C THR C 121 20.13 -1.56 -23.18
N GLN C 122 20.11 -1.72 -21.84
CA GLN C 122 19.74 -2.99 -21.24
C GLN C 122 18.23 -3.20 -21.20
N SER C 123 17.45 -2.12 -21.32
CA SER C 123 15.99 -2.23 -21.27
C SER C 123 15.33 -1.34 -22.31
N ALA C 124 15.98 -1.17 -23.47
CA ALA C 124 15.42 -0.29 -24.50
C ALA C 124 14.15 -0.87 -25.11
N VAL C 125 14.05 -2.19 -25.18
CA VAL C 125 12.87 -2.83 -25.77
C VAL C 125 11.69 -2.66 -24.82
N PRO C 126 10.58 -2.10 -25.28
CA PRO C 126 9.47 -1.80 -24.36
C PRO C 126 8.48 -2.94 -24.18
N VAL C 127 8.84 -4.15 -24.60
CA VAL C 127 7.91 -5.27 -24.47
C VAL C 127 7.81 -5.70 -23.02
N THR C 128 6.60 -6.02 -22.58
CA THR C 128 6.33 -6.43 -21.21
C THR C 128 6.16 -7.93 -21.08
N ILE C 129 6.96 -8.71 -21.80
CA ILE C 129 6.88 -10.17 -21.72
C ILE C 129 7.36 -10.64 -20.35
N SEP C 130 6.64 -11.57 -19.76
CA SEP C 130 7.02 -12.15 -18.47
CB SEP C 130 5.95 -13.13 -18.00
OG SEP C 130 5.71 -14.13 -18.98
C SEP C 130 8.38 -12.84 -18.55
O SEP C 130 8.57 -13.75 -19.35
P SEP C 130 4.15 -14.11 -19.39
O1P SEP C 130 3.46 -15.47 -18.91
O2P SEP C 130 4.01 -13.96 -20.98
O3P SEP C 130 3.42 -12.86 -18.67
N PRO C 131 9.32 -12.40 -17.70
CA PRO C 131 10.71 -12.89 -17.70
C PRO C 131 10.83 -14.37 -17.37
N ASN C 132 9.90 -14.91 -16.58
CA ASN C 132 9.97 -16.31 -16.17
C ASN C 132 9.71 -17.28 -17.30
N LEU C 133 9.19 -16.82 -18.44
CA LEU C 133 8.91 -17.71 -19.55
C LEU C 133 10.20 -18.25 -20.14
N VAL C 134 10.28 -19.58 -20.30
CA VAL C 134 11.45 -20.24 -20.87
C VAL C 134 11.11 -21.00 -22.14
N ALA C 135 9.95 -21.67 -22.18
CA ALA C 135 9.54 -22.48 -23.32
C ALA C 135 8.06 -22.82 -23.14
N THR C 136 7.55 -23.68 -24.00
CA THR C 136 6.16 -24.13 -23.92
C THR C 136 5.97 -25.14 -22.80
PG GTP D . -8.61 4.13 24.29
O1G GTP D . -7.36 3.47 24.82
O2G GTP D . -9.37 3.27 23.29
O3G GTP D . -9.51 4.62 25.41
O3B GTP D . -8.13 5.44 23.49
PB GTP D . -8.94 6.71 22.94
O1B GTP D . -9.60 7.35 24.10
O2B GTP D . -9.75 6.31 21.77
O3A GTP D . -7.80 7.72 22.45
PA GTP D . -7.92 9.26 22.05
O1A GTP D . -8.78 9.34 20.84
O2A GTP D . -8.32 10.04 23.25
O5' GTP D . -6.42 9.64 21.65
C5' GTP D . -5.90 9.05 20.45
C4' GTP D . -4.71 9.84 19.99
O4' GTP D . -4.25 9.33 18.71
C3' GTP D . -4.95 11.33 19.73
O3' GTP D . -4.89 12.09 20.93
C2' GTP D . -3.82 11.67 18.75
O2' GTP D . -2.58 11.81 19.41
C1' GTP D . -3.81 10.41 17.88
N9 GTP D . -4.69 10.48 16.72
C8 GTP D . -6.05 10.22 16.66
N7 GTP D . -6.56 10.37 15.46
C5 GTP D . -5.47 10.71 14.67
C6 GTP D . -5.41 10.99 13.29
O6 GTP D . -6.33 10.96 12.46
N1 GTP D . -4.11 11.30 12.88
C2 GTP D . -3.01 11.35 13.70
N2 GTP D . -1.84 11.67 13.13
N3 GTP D . -3.06 11.10 15.02
C4 GTP D . -4.31 10.79 15.43
MG MG E . -11.28 5.32 23.75
#